data_6HAH
# 
_entry.id   6HAH 
# 
_audit_conform.dict_name       mmcif_pdbx.dic 
_audit_conform.dict_version    5.397 
_audit_conform.dict_location   http://mmcif.pdb.org/dictionaries/ascii/mmcif_pdbx.dic 
# 
loop_
_database_2.database_id 
_database_2.database_code 
_database_2.pdbx_database_accession 
_database_2.pdbx_DOI 
PDB   6HAH         pdb_00006hah 10.2210/pdb6hah/pdb 
WWPDB D_1200011349 ?            ?                   
# 
loop_
_pdbx_audit_revision_history.ordinal 
_pdbx_audit_revision_history.data_content_type 
_pdbx_audit_revision_history.major_revision 
_pdbx_audit_revision_history.minor_revision 
_pdbx_audit_revision_history.revision_date 
1 'Structure model' 1 0 2019-02-13 
2 'Structure model' 1 1 2019-03-27 
3 'Structure model' 1 2 2024-05-01 
4 'Structure model' 1 3 2024-10-23 
# 
_pdbx_audit_revision_details.ordinal             1 
_pdbx_audit_revision_details.revision_ordinal    1 
_pdbx_audit_revision_details.data_content_type   'Structure model' 
_pdbx_audit_revision_details.provider            repository 
_pdbx_audit_revision_details.type                'Initial release' 
_pdbx_audit_revision_details.description         ? 
_pdbx_audit_revision_details.details             ? 
# 
loop_
_pdbx_audit_revision_group.ordinal 
_pdbx_audit_revision_group.revision_ordinal 
_pdbx_audit_revision_group.data_content_type 
_pdbx_audit_revision_group.group 
1 2 'Structure model' 'Data collection'        
2 2 'Structure model' 'Database references'    
3 3 'Structure model' 'Data collection'        
4 3 'Structure model' 'Database references'    
5 3 'Structure model' 'Refinement description' 
6 4 'Structure model' 'Structure summary'      
# 
loop_
_pdbx_audit_revision_category.ordinal 
_pdbx_audit_revision_category.revision_ordinal 
_pdbx_audit_revision_category.data_content_type 
_pdbx_audit_revision_category.category 
1 2 'Structure model' citation                      
2 2 'Structure model' citation_author               
3 2 'Structure model' pdbx_database_proc            
4 3 'Structure model' chem_comp_atom                
5 3 'Structure model' chem_comp_bond                
6 3 'Structure model' database_2                    
7 3 'Structure model' pdbx_initial_refinement_model 
8 4 'Structure model' pdbx_entry_details            
9 4 'Structure model' pdbx_modification_feature     
# 
loop_
_pdbx_audit_revision_item.ordinal 
_pdbx_audit_revision_item.revision_ordinal 
_pdbx_audit_revision_item.data_content_type 
_pdbx_audit_revision_item.item 
1 2 'Structure model' '_citation.journal_volume'            
2 2 'Structure model' '_citation.page_first'                
3 2 'Structure model' '_citation.page_last'                 
4 2 'Structure model' '_citation.pdbx_database_id_PubMed'   
5 2 'Structure model' '_citation.title'                     
6 2 'Structure model' '_citation_author.name'               
7 3 'Structure model' '_database_2.pdbx_DOI'                
8 3 'Structure model' '_database_2.pdbx_database_accession' 
# 
_pdbx_database_status.status_code                     REL 
_pdbx_database_status.status_code_sf                  REL 
_pdbx_database_status.status_code_mr                  ? 
_pdbx_database_status.entry_id                        6HAH 
_pdbx_database_status.recvd_initial_deposition_date   2018-08-07 
_pdbx_database_status.SG_entry                        N 
_pdbx_database_status.deposit_site                    PDBE 
_pdbx_database_status.process_site                    PDBE 
_pdbx_database_status.status_code_cs                  ? 
_pdbx_database_status.methods_development_category    ? 
_pdbx_database_status.pdb_format_compatible           Y 
_pdbx_database_status.status_code_nmr_data            ? 
# 
_pdbx_database_related.db_name        PDB 
_pdbx_database_related.details        '6HA4 contains the same protein complexed with sulfonatocalix[6]arene' 
_pdbx_database_related.db_id          6HA4 
_pdbx_database_related.content_type   unspecified 
# 
loop_
_audit_author.name 
_audit_author.pdbx_ordinal 
_audit_author.identifier_ORCID 
'Alex, J.M.'     1 ? 
'Rennie, M.'     2 ? 
'Engilberge, S.' 3 ? 
'Batta, G.'      4 ? 
'Crowley, P.B.'  5 ? 
# 
_citation.abstract                  ? 
_citation.abstract_id_CAS           ? 
_citation.book_id_ISBN              ? 
_citation.book_publisher            ? 
_citation.book_publisher_city       ? 
_citation.book_title                ? 
_citation.coordinate_linkage        ? 
_citation.country                   UK 
_citation.database_id_Medline       ? 
_citation.details                   ? 
_citation.id                        primary 
_citation.journal_abbrev            Iucrj 
_citation.journal_id_ASTM           ? 
_citation.journal_id_CSD            ? 
_citation.journal_id_ISSN           2052-2525 
_citation.journal_full              ? 
_citation.journal_issue             ? 
_citation.journal_volume            6 
_citation.language                  ? 
_citation.page_first                238 
_citation.page_last                 247 
_citation.title                     'Calixarene-mediated assembly of a small antifungal protein.' 
_citation.year                      2019 
_citation.database_id_CSD           ? 
_citation.pdbx_database_id_DOI      10.1107/S2052252519000411 
_citation.pdbx_database_id_PubMed   30867921 
_citation.unpublished_flag          ? 
# 
loop_
_citation_author.citation_id 
_citation_author.name 
_citation_author.ordinal 
_citation_author.identifier_ORCID 
primary 'Alex, J.M.'     1 ? 
primary 'Rennie, M.L.'   2 ? 
primary 'Engilberge, S.' 3 ? 
primary 'Lehoczki, G.'   4 ? 
primary 'Dorottya, H.'   5 ? 
primary 'Fizil, A.'      6 ? 
primary 'Batta, G.'      7 ? 
primary 'Crowley, P.B.'  8 ? 
# 
loop_
_entity.id 
_entity.type 
_entity.src_method 
_entity.pdbx_description 
_entity.formula_weight 
_entity.pdbx_number_of_molecules 
_entity.pdbx_ec 
_entity.pdbx_mutation 
_entity.pdbx_fragment 
_entity.details 
1 polymer     syn 'Pc24g00380 protein'                  6263.099 1  ? ? ? ? 
2 non-polymer syn 'p-sulfonatocalix[6]arene'            1111.063 1  ? ? ? ? 
3 non-polymer syn '2-[2-(2-ethoxyethoxy)ethoxy]ethanol' 178.226  1  ? ? ? ? 
4 non-polymer syn GLYCEROL                              92.094   1  ? ? ? ? 
5 non-polymer syn 'SODIUM ION'                          22.990   1  ? ? ? ? 
6 water       nat water                                 18.015   55 ? ? ? ? 
# 
_entity_poly.entity_id                      1 
_entity_poly.type                           'polypeptide(L)' 
_entity_poly.nstd_linkage                   no 
_entity_poly.nstd_monomer                   no 
_entity_poly.pdbx_seq_one_letter_code       AKYTGKCTKSKNECKYKNDAGKDTFIKCPKFDNKKCTKDNNKCTVDTYNNAVDCD 
_entity_poly.pdbx_seq_one_letter_code_can   AKYTGKCTKSKNECKYKNDAGKDTFIKCPKFDNKKCTKDNNKCTVDTYNNAVDCD 
_entity_poly.pdbx_strand_id                 A 
_entity_poly.pdbx_target_identifier         ? 
# 
loop_
_pdbx_entity_nonpoly.entity_id 
_pdbx_entity_nonpoly.name 
_pdbx_entity_nonpoly.comp_id 
2 'p-sulfonatocalix[6]arene'            FWQ 
3 '2-[2-(2-ethoxyethoxy)ethoxy]ethanol' FWN 
4 GLYCEROL                              GOL 
5 'SODIUM ION'                          NA  
6 water                                 HOH 
# 
loop_
_entity_poly_seq.entity_id 
_entity_poly_seq.num 
_entity_poly_seq.mon_id 
_entity_poly_seq.hetero 
1 1  ALA n 
1 2  LYS n 
1 3  TYR n 
1 4  THR n 
1 5  GLY n 
1 6  LYS n 
1 7  CYS n 
1 8  THR n 
1 9  LYS n 
1 10 SER n 
1 11 LYS n 
1 12 ASN n 
1 13 GLU n 
1 14 CYS n 
1 15 LYS n 
1 16 TYR n 
1 17 LYS n 
1 18 ASN n 
1 19 ASP n 
1 20 ALA n 
1 21 GLY n 
1 22 LYS n 
1 23 ASP n 
1 24 THR n 
1 25 PHE n 
1 26 ILE n 
1 27 LYS n 
1 28 CYS n 
1 29 PRO n 
1 30 LYS n 
1 31 PHE n 
1 32 ASP n 
1 33 ASN n 
1 34 LYS n 
1 35 LYS n 
1 36 CYS n 
1 37 THR n 
1 38 LYS n 
1 39 ASP n 
1 40 ASN n 
1 41 ASN n 
1 42 LYS n 
1 43 CYS n 
1 44 THR n 
1 45 VAL n 
1 46 ASP n 
1 47 THR n 
1 48 TYR n 
1 49 ASN n 
1 50 ASN n 
1 51 ALA n 
1 52 VAL n 
1 53 ASP n 
1 54 CYS n 
1 55 ASP n 
# 
_pdbx_entity_src_syn.entity_id              1 
_pdbx_entity_src_syn.pdbx_src_id            1 
_pdbx_entity_src_syn.pdbx_alt_source_flag   sample 
_pdbx_entity_src_syn.pdbx_beg_seq_num       1 
_pdbx_entity_src_syn.pdbx_end_seq_num       55 
_pdbx_entity_src_syn.organism_scientific    'Penicillium rubens Wisconsin 54-1255' 
_pdbx_entity_src_syn.organism_common_name   ? 
_pdbx_entity_src_syn.ncbi_taxonomy_id       500485 
_pdbx_entity_src_syn.details                ? 
# 
loop_
_chem_comp.id 
_chem_comp.type 
_chem_comp.mon_nstd_flag 
_chem_comp.name 
_chem_comp.pdbx_synonyms 
_chem_comp.formula 
_chem_comp.formula_weight 
ALA 'L-peptide linking' y ALANINE                               ?                               'C3 H7 N O2'        89.093   
ASN 'L-peptide linking' y ASPARAGINE                            ?                               'C4 H8 N2 O3'       132.118  
ASP 'L-peptide linking' y 'ASPARTIC ACID'                       ?                               'C4 H7 N O4'        133.103  
CYS 'L-peptide linking' y CYSTEINE                              ?                               'C3 H7 N O2 S'      121.158  
FWN non-polymer         . '2-[2-(2-ethoxyethoxy)ethoxy]ethanol' ?                               'C8 H18 O4'         178.226  
FWQ non-polymer         . 'p-sulfonatocalix[6]arene'            ?                               'C42 H30 O24 S6 -6' 1111.063 
GLU 'L-peptide linking' y 'GLUTAMIC ACID'                       ?                               'C5 H9 N O4'        147.129  
GLY 'peptide linking'   y GLYCINE                               ?                               'C2 H5 N O2'        75.067   
GOL non-polymer         . GLYCEROL                              'GLYCERIN; PROPANE-1,2,3-TRIOL' 'C3 H8 O3'          92.094   
HOH non-polymer         . WATER                                 ?                               'H2 O'              18.015   
ILE 'L-peptide linking' y ISOLEUCINE                            ?                               'C6 H13 N O2'       131.173  
LYS 'L-peptide linking' y LYSINE                                ?                               'C6 H15 N2 O2 1'    147.195  
NA  non-polymer         . 'SODIUM ION'                          ?                               'Na 1'              22.990   
PHE 'L-peptide linking' y PHENYLALANINE                         ?                               'C9 H11 N O2'       165.189  
PRO 'L-peptide linking' y PROLINE                               ?                               'C5 H9 N O2'        115.130  
SER 'L-peptide linking' y SERINE                                ?                               'C3 H7 N O3'        105.093  
THR 'L-peptide linking' y THREONINE                             ?                               'C4 H9 N O3'        119.119  
TYR 'L-peptide linking' y TYROSINE                              ?                               'C9 H11 N O3'       181.189  
VAL 'L-peptide linking' y VALINE                                ?                               'C5 H11 N O2'       117.146  
# 
loop_
_pdbx_poly_seq_scheme.asym_id 
_pdbx_poly_seq_scheme.entity_id 
_pdbx_poly_seq_scheme.seq_id 
_pdbx_poly_seq_scheme.mon_id 
_pdbx_poly_seq_scheme.ndb_seq_num 
_pdbx_poly_seq_scheme.pdb_seq_num 
_pdbx_poly_seq_scheme.auth_seq_num 
_pdbx_poly_seq_scheme.pdb_mon_id 
_pdbx_poly_seq_scheme.auth_mon_id 
_pdbx_poly_seq_scheme.pdb_strand_id 
_pdbx_poly_seq_scheme.pdb_ins_code 
_pdbx_poly_seq_scheme.hetero 
A 1 1  ALA 1  1  1  ALA ALA A . n 
A 1 2  LYS 2  2  2  LYS LYS A . n 
A 1 3  TYR 3  3  3  TYR TYR A . n 
A 1 4  THR 4  4  4  THR THR A . n 
A 1 5  GLY 5  5  5  GLY GLY A . n 
A 1 6  LYS 6  6  6  LYS LYS A . n 
A 1 7  CYS 7  7  7  CYS CYS A . n 
A 1 8  THR 8  8  8  THR THR A . n 
A 1 9  LYS 9  9  9  LYS LYS A . n 
A 1 10 SER 10 10 10 SER SER A . n 
A 1 11 LYS 11 11 11 LYS LYS A . n 
A 1 12 ASN 12 12 12 ASN ASN A . n 
A 1 13 GLU 13 13 13 GLU GLU A . n 
A 1 14 CYS 14 14 14 CYS CYS A . n 
A 1 15 LYS 15 15 15 LYS LYS A . n 
A 1 16 TYR 16 16 16 TYR TYR A . n 
A 1 17 LYS 17 17 17 LYS LYS A . n 
A 1 18 ASN 18 18 18 ASN ASN A . n 
A 1 19 ASP 19 19 19 ASP ASP A . n 
A 1 20 ALA 20 20 20 ALA ALA A . n 
A 1 21 GLY 21 21 21 GLY GLY A . n 
A 1 22 LYS 22 22 22 LYS LYS A . n 
A 1 23 ASP 23 23 23 ASP ASP A . n 
A 1 24 THR 24 24 24 THR THR A . n 
A 1 25 PHE 25 25 25 PHE PHE A . n 
A 1 26 ILE 26 26 26 ILE ILE A . n 
A 1 27 LYS 27 27 27 LYS LYS A . n 
A 1 28 CYS 28 28 28 CYS CYS A . n 
A 1 29 PRO 29 29 29 PRO PRO A . n 
A 1 30 LYS 30 30 30 LYS LYS A . n 
A 1 31 PHE 31 31 31 PHE PHE A . n 
A 1 32 ASP 32 32 32 ASP ASP A . n 
A 1 33 ASN 33 33 33 ASN ASN A . n 
A 1 34 LYS 34 34 34 LYS LYS A . n 
A 1 35 LYS 35 35 35 LYS LYS A . n 
A 1 36 CYS 36 36 36 CYS CYS A . n 
A 1 37 THR 37 37 37 THR THR A . n 
A 1 38 LYS 38 38 38 LYS LYS A . n 
A 1 39 ASP 39 39 39 ASP ASP A . n 
A 1 40 ASN 40 40 40 ASN ASN A . n 
A 1 41 ASN 41 41 41 ASN ASN A . n 
A 1 42 LYS 42 42 42 LYS LYS A . n 
A 1 43 CYS 43 43 43 CYS CYS A . n 
A 1 44 THR 44 44 44 THR THR A . n 
A 1 45 VAL 45 45 45 VAL VAL A . n 
A 1 46 ASP 46 46 46 ASP ASP A . n 
A 1 47 THR 47 47 47 THR THR A . n 
A 1 48 TYR 48 48 48 TYR TYR A . n 
A 1 49 ASN 49 49 49 ASN ASN A . n 
A 1 50 ASN 50 50 50 ASN ASN A . n 
A 1 51 ALA 51 51 51 ALA ALA A . n 
A 1 52 VAL 52 52 52 VAL VAL A . n 
A 1 53 ASP 53 53 53 ASP ASP A . n 
A 1 54 CYS 54 54 54 CYS CYS A . n 
A 1 55 ASP 55 55 55 ASP ASP A . n 
# 
loop_
_pdbx_entity_instance_feature.ordinal 
_pdbx_entity_instance_feature.comp_id 
_pdbx_entity_instance_feature.asym_id 
_pdbx_entity_instance_feature.seq_num 
_pdbx_entity_instance_feature.auth_comp_id 
_pdbx_entity_instance_feature.auth_asym_id 
_pdbx_entity_instance_feature.auth_seq_num 
_pdbx_entity_instance_feature.feature_type 
_pdbx_entity_instance_feature.details 
1 FWN ? ? FWN ? ? 'SUBJECT OF INVESTIGATION' ? 
2 FWQ ? ? FWQ ? ? 'SUBJECT OF INVESTIGATION' ? 
# 
loop_
_pdbx_nonpoly_scheme.asym_id 
_pdbx_nonpoly_scheme.entity_id 
_pdbx_nonpoly_scheme.mon_id 
_pdbx_nonpoly_scheme.ndb_seq_num 
_pdbx_nonpoly_scheme.pdb_seq_num 
_pdbx_nonpoly_scheme.auth_seq_num 
_pdbx_nonpoly_scheme.pdb_mon_id 
_pdbx_nonpoly_scheme.auth_mon_id 
_pdbx_nonpoly_scheme.pdb_strand_id 
_pdbx_nonpoly_scheme.pdb_ins_code 
B 2 FWQ 1  101 1  FWQ SC6 A . 
C 3 FWN 1  102 1  FWN P6  A . 
D 4 GOL 1  103 1  GOL GOL A . 
E 5 NA  1  104 1  NA  NA  A . 
F 6 HOH 1  201 18 HOH HOH A . 
F 6 HOH 2  202 7  HOH HOH A . 
F 6 HOH 3  203 28 HOH HOH A . 
F 6 HOH 4  204 20 HOH HOH A . 
F 6 HOH 5  205 1  HOH HOH A . 
F 6 HOH 6  206 5  HOH HOH A . 
F 6 HOH 7  207 3  HOH HOH A . 
F 6 HOH 8  208 33 HOH HOH A . 
F 6 HOH 9  209 23 HOH HOH A . 
F 6 HOH 10 210 1  HOH HOH A . 
F 6 HOH 11 211 59 HOH HOH A . 
F 6 HOH 12 212 36 HOH HOH A . 
F 6 HOH 13 213 52 HOH HOH A . 
F 6 HOH 14 214 9  HOH HOH A . 
F 6 HOH 15 215 46 HOH HOH A . 
F 6 HOH 16 216 55 HOH HOH A . 
F 6 HOH 17 217 58 HOH HOH A . 
F 6 HOH 18 218 27 HOH HOH A . 
F 6 HOH 19 219 13 HOH HOH A . 
F 6 HOH 20 220 16 HOH HOH A . 
F 6 HOH 21 221 17 HOH HOH A . 
F 6 HOH 22 222 8  HOH HOH A . 
F 6 HOH 23 223 4  HOH HOH A . 
F 6 HOH 24 224 38 HOH HOH A . 
F 6 HOH 25 225 5  HOH HOH A . 
F 6 HOH 26 226 30 HOH HOH A . 
F 6 HOH 27 227 37 HOH HOH A . 
F 6 HOH 28 228 49 HOH HOH A . 
F 6 HOH 29 229 41 HOH HOH A . 
F 6 HOH 30 230 24 HOH HOH A . 
F 6 HOH 31 231 26 HOH HOH A . 
F 6 HOH 32 232 48 HOH HOH A . 
F 6 HOH 33 233 3  HOH HOH A . 
F 6 HOH 34 234 21 HOH HOH A . 
F 6 HOH 35 235 2  HOH HOH A . 
F 6 HOH 36 236 31 HOH HOH A . 
F 6 HOH 37 237 6  HOH HOH A . 
F 6 HOH 38 238 10 HOH HOH A . 
F 6 HOH 39 239 25 HOH HOH A . 
F 6 HOH 40 240 11 HOH HOH A . 
F 6 HOH 41 241 6  HOH HOH A . 
F 6 HOH 42 242 14 HOH HOH A . 
F 6 HOH 43 243 29 HOH HOH A . 
F 6 HOH 44 244 32 HOH HOH A . 
F 6 HOH 45 245 42 HOH HOH A . 
F 6 HOH 46 246 43 HOH HOH A . 
F 6 HOH 47 247 50 HOH HOH A . 
F 6 HOH 48 248 34 HOH HOH A . 
F 6 HOH 49 249 35 HOH HOH A . 
F 6 HOH 50 250 45 HOH HOH A . 
F 6 HOH 51 251 40 HOH HOH A . 
F 6 HOH 52 252 2  HOH HOH A . 
F 6 HOH 53 253 53 HOH HOH A . 
F 6 HOH 54 254 4  HOH HOH A . 
F 6 HOH 55 255 22 HOH HOH A . 
# 
loop_
_software.citation_id 
_software.classification 
_software.compiler_name 
_software.compiler_version 
_software.contact_author 
_software.contact_author_email 
_software.date 
_software.description 
_software.dependencies 
_software.hardware 
_software.language 
_software.location 
_software.mods 
_software.name 
_software.os 
_software.os_version 
_software.type 
_software.version 
_software.pdbx_ordinal 
? refinement       ? ? ? ? ? ? ? ? ? ? ? BUSTER  ? ? ? 2.10.3 1 
? 'data reduction' ? ? ? ? ? ? ? ? ? ? ? MOSFLM  ? ? ? .      2 
? 'data scaling'   ? ? ? ? ? ? ? ? ? ? ? Aimless ? ? ? .      3 
? phasing          ? ? ? ? ? ? ? ? ? ? ? PHASER  ? ? ? .      4 
# 
_cell.angle_alpha                  90.00 
_cell.angle_alpha_esd              ? 
_cell.angle_beta                   112.09 
_cell.angle_beta_esd               ? 
_cell.angle_gamma                  90.00 
_cell.angle_gamma_esd              ? 
_cell.entry_id                     6HAH 
_cell.details                      ? 
_cell.formula_units_Z              ? 
_cell.length_a                     24.739 
_cell.length_a_esd                 ? 
_cell.length_b                     38.590 
_cell.length_b_esd                 ? 
_cell.length_c                     29.230 
_cell.length_c_esd                 ? 
_cell.volume                       ? 
_cell.volume_esd                   ? 
_cell.Z_PDB                        2 
_cell.reciprocal_angle_alpha       ? 
_cell.reciprocal_angle_beta        ? 
_cell.reciprocal_angle_gamma       ? 
_cell.reciprocal_angle_alpha_esd   ? 
_cell.reciprocal_angle_beta_esd    ? 
_cell.reciprocal_angle_gamma_esd   ? 
_cell.reciprocal_length_a          ? 
_cell.reciprocal_length_b          ? 
_cell.reciprocal_length_c          ? 
_cell.reciprocal_length_a_esd      ? 
_cell.reciprocal_length_b_esd      ? 
_cell.reciprocal_length_c_esd      ? 
_cell.pdbx_unique_axis             ? 
# 
_symmetry.entry_id                         6HAH 
_symmetry.cell_setting                     ? 
_symmetry.Int_Tables_number                4 
_symmetry.space_group_name_Hall            ? 
_symmetry.space_group_name_H-M             'P 1 21 1' 
_symmetry.pdbx_full_space_group_name_H-M   ? 
# 
_exptl.absorpt_coefficient_mu     ? 
_exptl.absorpt_correction_T_max   ? 
_exptl.absorpt_correction_T_min   ? 
_exptl.absorpt_correction_type    ? 
_exptl.absorpt_process_details    ? 
_exptl.entry_id                   6HAH 
_exptl.crystals_number            1 
_exptl.details                    ? 
_exptl.method                     'X-RAY DIFFRACTION' 
_exptl.method_details             ? 
# 
_exptl_crystal.colour                      ? 
_exptl_crystal.density_diffrn              ? 
_exptl_crystal.density_Matthews            2.06 
_exptl_crystal.density_method              ? 
_exptl_crystal.density_percent_sol         40.41 
_exptl_crystal.description                 ? 
_exptl_crystal.F_000                       ? 
_exptl_crystal.id                          1 
_exptl_crystal.preparation                 ? 
_exptl_crystal.size_max                    ? 
_exptl_crystal.size_mid                    ? 
_exptl_crystal.size_min                    ? 
_exptl_crystal.size_rad                    ? 
_exptl_crystal.colour_lustre               ? 
_exptl_crystal.colour_modifier             ? 
_exptl_crystal.colour_primary              ? 
_exptl_crystal.density_meas                ? 
_exptl_crystal.density_meas_esd            ? 
_exptl_crystal.density_meas_gt             ? 
_exptl_crystal.density_meas_lt             ? 
_exptl_crystal.density_meas_temp           ? 
_exptl_crystal.density_meas_temp_esd       ? 
_exptl_crystal.density_meas_temp_gt        ? 
_exptl_crystal.density_meas_temp_lt        ? 
_exptl_crystal.pdbx_crystal_image_url      ? 
_exptl_crystal.pdbx_crystal_image_format   ? 
_exptl_crystal.pdbx_mosaicity              ? 
_exptl_crystal.pdbx_mosaicity_esd          ? 
# 
_exptl_crystal_grow.apparatus       ? 
_exptl_crystal_grow.atmosphere      ? 
_exptl_crystal_grow.crystal_id      1 
_exptl_crystal_grow.details         ? 
_exptl_crystal_grow.method          'VAPOR DIFFUSION, HANGING DROP' 
_exptl_crystal_grow.method_ref      ? 
_exptl_crystal_grow.pH              5.6 
_exptl_crystal_grow.pressure        ? 
_exptl_crystal_grow.pressure_esd    ? 
_exptl_crystal_grow.seeding         ? 
_exptl_crystal_grow.seeding_ref     ? 
_exptl_crystal_grow.temp            293 
_exptl_crystal_grow.temp_details    ? 
_exptl_crystal_grow.temp_esd        ? 
_exptl_crystal_grow.time            ? 
_exptl_crystal_grow.pdbx_details    '30% PEG 3350 + 0.05 M Sodium acetate pH 5.6' 
_exptl_crystal_grow.pdbx_pH_range   ? 
# 
_diffrn.ambient_environment              ? 
_diffrn.ambient_temp                     100 
_diffrn.ambient_temp_details             ? 
_diffrn.ambient_temp_esd                 ? 
_diffrn.crystal_id                       1 
_diffrn.crystal_support                  ? 
_diffrn.crystal_treatment                ? 
_diffrn.details                          ? 
_diffrn.id                               1 
_diffrn.ambient_pressure                 ? 
_diffrn.ambient_pressure_esd             ? 
_diffrn.ambient_pressure_gt              ? 
_diffrn.ambient_pressure_lt              ? 
_diffrn.ambient_temp_gt                  ? 
_diffrn.ambient_temp_lt                  ? 
_diffrn.pdbx_serial_crystal_experiment   ? 
# 
_diffrn_detector.details                      ? 
_diffrn_detector.detector                     PIXEL 
_diffrn_detector.diffrn_id                    1 
_diffrn_detector.type                         'DECTRIS EIGER X 9M' 
_diffrn_detector.area_resol_mean              ? 
_diffrn_detector.dtime                        ? 
_diffrn_detector.pdbx_frames_total            ? 
_diffrn_detector.pdbx_collection_time_total   ? 
_diffrn_detector.pdbx_collection_date         2017-02-17 
_diffrn_detector.pdbx_frequency               ? 
# 
_diffrn_radiation.collimation                      ? 
_diffrn_radiation.diffrn_id                        1 
_diffrn_radiation.filter_edge                      ? 
_diffrn_radiation.inhomogeneity                    ? 
_diffrn_radiation.monochromator                    ? 
_diffrn_radiation.polarisn_norm                    ? 
_diffrn_radiation.polarisn_ratio                   ? 
_diffrn_radiation.probe                            ? 
_diffrn_radiation.type                             ? 
_diffrn_radiation.xray_symbol                      ? 
_diffrn_radiation.wavelength_id                    1 
_diffrn_radiation.pdbx_monochromatic_or_laue_m_l   M 
_diffrn_radiation.pdbx_wavelength_list             ? 
_diffrn_radiation.pdbx_wavelength                  ? 
_diffrn_radiation.pdbx_diffrn_protocol             'SINGLE WAVELENGTH' 
_diffrn_radiation.pdbx_analyzer                    ? 
_diffrn_radiation.pdbx_scattering_type             x-ray 
# 
_diffrn_radiation_wavelength.id           1 
_diffrn_radiation_wavelength.wavelength   0.98 
_diffrn_radiation_wavelength.wt           1.0 
# 
_diffrn_source.current                     ? 
_diffrn_source.details                     ? 
_diffrn_source.diffrn_id                   1 
_diffrn_source.power                       ? 
_diffrn_source.size                        ? 
_diffrn_source.source                      SYNCHROTRON 
_diffrn_source.target                      ? 
_diffrn_source.type                        'SOLEIL BEAMLINE PROXIMA 2' 
_diffrn_source.voltage                     ? 
_diffrn_source.take-off_angle              ? 
_diffrn_source.pdbx_wavelength_list        0.98 
_diffrn_source.pdbx_wavelength             ? 
_diffrn_source.pdbx_synchrotron_beamline   'PROXIMA 2' 
_diffrn_source.pdbx_synchrotron_site       SOLEIL 
# 
_reflns.B_iso_Wilson_estimate            13.89 
_reflns.entry_id                         6HAH 
_reflns.data_reduction_details           ? 
_reflns.data_reduction_method            ? 
_reflns.d_resolution_high                1.45 
_reflns.d_resolution_low                 27.0 
_reflns.details                          ? 
_reflns.limit_h_max                      ? 
_reflns.limit_h_min                      ? 
_reflns.limit_k_max                      ? 
_reflns.limit_k_min                      ? 
_reflns.limit_l_max                      ? 
_reflns.limit_l_min                      ? 
_reflns.number_all                       ? 
_reflns.number_obs                       8592 
_reflns.observed_criterion               ? 
_reflns.observed_criterion_F_max         ? 
_reflns.observed_criterion_F_min         ? 
_reflns.observed_criterion_I_max         ? 
_reflns.observed_criterion_I_min         ? 
_reflns.observed_criterion_sigma_F       ? 
_reflns.observed_criterion_sigma_I       ? 
_reflns.percent_possible_obs             94.7 
_reflns.R_free_details                   ? 
_reflns.Rmerge_F_all                     ? 
_reflns.Rmerge_F_obs                     ? 
_reflns.Friedel_coverage                 ? 
_reflns.number_gt                        ? 
_reflns.threshold_expression             ? 
_reflns.pdbx_redundancy                  2.9 
_reflns.pdbx_Rmerge_I_obs                ? 
_reflns.pdbx_Rmerge_I_all                ? 
_reflns.pdbx_Rsym_value                  ? 
_reflns.pdbx_netI_over_av_sigmaI         ? 
_reflns.pdbx_netI_over_sigmaI            11.5 
_reflns.pdbx_res_netI_over_av_sigmaI_2   ? 
_reflns.pdbx_res_netI_over_sigmaI_2      ? 
_reflns.pdbx_chi_squared                 ? 
_reflns.pdbx_scaling_rejects             ? 
_reflns.pdbx_d_res_high_opt              ? 
_reflns.pdbx_d_res_low_opt               ? 
_reflns.pdbx_d_res_opt_method            ? 
_reflns.phase_calculation_details        ? 
_reflns.pdbx_Rrim_I_all                  0.074 
_reflns.pdbx_Rpim_I_all                  0.042 
_reflns.pdbx_d_opt                       ? 
_reflns.pdbx_number_measured_all         ? 
_reflns.pdbx_diffrn_id                   1 
_reflns.pdbx_ordinal                     1 
_reflns.pdbx_CC_half                     0.99 
_reflns.pdbx_R_split                     ? 
# 
_reflns_shell.d_res_high                  1.45 
_reflns_shell.d_res_low                   1.48 
_reflns_shell.meanI_over_sigI_all         ? 
_reflns_shell.meanI_over_sigI_obs         5.1 
_reflns_shell.number_measured_all         ? 
_reflns_shell.number_measured_obs         ? 
_reflns_shell.number_possible             ? 
_reflns_shell.number_unique_all           ? 
_reflns_shell.number_unique_obs           397 
_reflns_shell.percent_possible_all        90.3 
_reflns_shell.percent_possible_obs        ? 
_reflns_shell.Rmerge_F_all                ? 
_reflns_shell.Rmerge_F_obs                ? 
_reflns_shell.Rmerge_I_all                ? 
_reflns_shell.Rmerge_I_obs                ? 
_reflns_shell.meanI_over_sigI_gt          ? 
_reflns_shell.meanI_over_uI_all           ? 
_reflns_shell.meanI_over_uI_gt            ? 
_reflns_shell.number_measured_gt          ? 
_reflns_shell.number_unique_gt            ? 
_reflns_shell.percent_possible_gt         ? 
_reflns_shell.Rmerge_F_gt                 ? 
_reflns_shell.Rmerge_I_gt                 ? 
_reflns_shell.pdbx_redundancy             2.5 
_reflns_shell.pdbx_Rsym_value             ? 
_reflns_shell.pdbx_chi_squared            ? 
_reflns_shell.pdbx_netI_over_sigmaI_all   ? 
_reflns_shell.pdbx_netI_over_sigmaI_obs   ? 
_reflns_shell.pdbx_Rrim_I_all             0.339 
_reflns_shell.pdbx_Rpim_I_all             0.204 
_reflns_shell.pdbx_rejects                ? 
_reflns_shell.pdbx_ordinal                1 
_reflns_shell.pdbx_diffrn_id              1 
_reflns_shell.pdbx_CC_half                0.76 
_reflns_shell.pdbx_R_split                ? 
# 
_refine.aniso_B[1][1]                            -1.73070 
_refine.aniso_B[1][2]                            0.00000 
_refine.aniso_B[1][3]                            -0.80920 
_refine.aniso_B[2][2]                            -0.98530 
_refine.aniso_B[2][3]                            0.00000 
_refine.aniso_B[3][3]                            2.71600 
_refine.B_iso_max                                ? 
_refine.B_iso_mean                               24.82 
_refine.B_iso_min                                ? 
_refine.correlation_coeff_Fo_to_Fc               0.944 
_refine.correlation_coeff_Fo_to_Fc_free          0.908 
_refine.details                                  ? 
_refine.diff_density_max                         ? 
_refine.diff_density_max_esd                     ? 
_refine.diff_density_min                         ? 
_refine.diff_density_min_esd                     ? 
_refine.diff_density_rms                         ? 
_refine.diff_density_rms_esd                     ? 
_refine.entry_id                                 6HAH 
_refine.pdbx_refine_id                           'X-RAY DIFFRACTION' 
_refine.ls_abs_structure_details                 ? 
_refine.ls_abs_structure_Flack                   ? 
_refine.ls_abs_structure_Flack_esd               ? 
_refine.ls_abs_structure_Rogers                  ? 
_refine.ls_abs_structure_Rogers_esd              ? 
_refine.ls_d_res_high                            1.45 
_refine.ls_d_res_low                             27.0 
_refine.ls_extinction_coef                       ? 
_refine.ls_extinction_coef_esd                   ? 
_refine.ls_extinction_expression                 ? 
_refine.ls_extinction_method                     ? 
_refine.ls_goodness_of_fit_all                   ? 
_refine.ls_goodness_of_fit_all_esd               ? 
_refine.ls_goodness_of_fit_obs                   ? 
_refine.ls_goodness_of_fit_obs_esd               ? 
_refine.ls_hydrogen_treatment                    ? 
_refine.ls_matrix_type                           ? 
_refine.ls_number_constraints                    ? 
_refine.ls_number_parameters                     ? 
_refine.ls_number_reflns_all                     ? 
_refine.ls_number_reflns_obs                     8576 
_refine.ls_number_reflns_R_free                  440 
_refine.ls_number_reflns_R_work                  ? 
_refine.ls_number_restraints                     ? 
_refine.ls_percent_reflns_obs                    94.2 
_refine.ls_percent_reflns_R_free                 5.130 
_refine.ls_R_factor_all                          ? 
_refine.ls_R_factor_obs                          0.202 
_refine.ls_R_factor_R_free                       0.236 
_refine.ls_R_factor_R_free_error                 ? 
_refine.ls_R_factor_R_free_error_details         ? 
_refine.ls_R_factor_R_work                       0.200 
_refine.ls_R_Fsqd_factor_obs                     ? 
_refine.ls_R_I_factor_obs                        ? 
_refine.ls_redundancy_reflns_all                 ? 
_refine.ls_redundancy_reflns_obs                 ? 
_refine.ls_restrained_S_all                      ? 
_refine.ls_restrained_S_obs                      ? 
_refine.ls_shift_over_esd_max                    ? 
_refine.ls_shift_over_esd_mean                   ? 
_refine.ls_structure_factor_coef                 ? 
_refine.ls_weighting_details                     ? 
_refine.ls_weighting_scheme                      ? 
_refine.ls_wR_factor_all                         ? 
_refine.ls_wR_factor_obs                         ? 
_refine.ls_wR_factor_R_free                      ? 
_refine.ls_wR_factor_R_work                      ? 
_refine.occupancy_max                            ? 
_refine.occupancy_min                            ? 
_refine.solvent_model_details                    ? 
_refine.solvent_model_param_bsol                 ? 
_refine.solvent_model_param_ksol                 ? 
_refine.ls_R_factor_gt                           ? 
_refine.ls_goodness_of_fit_gt                    ? 
_refine.ls_goodness_of_fit_ref                   ? 
_refine.ls_shift_over_su_max                     ? 
_refine.ls_shift_over_su_max_lt                  ? 
_refine.ls_shift_over_su_mean                    ? 
_refine.ls_shift_over_su_mean_lt                 ? 
_refine.pdbx_ls_sigma_I                          ? 
_refine.pdbx_ls_sigma_F                          0.000 
_refine.pdbx_ls_sigma_Fsqd                       ? 
_refine.pdbx_data_cutoff_high_absF               ? 
_refine.pdbx_data_cutoff_high_rms_absF           ? 
_refine.pdbx_data_cutoff_low_absF                ? 
_refine.pdbx_isotropic_thermal_model             ? 
_refine.pdbx_ls_cross_valid_method               THROUGHOUT 
_refine.pdbx_method_to_determine_struct          'MOLECULAR REPLACEMENT' 
_refine.pdbx_starting_model                      
'PAF-p-sulfonatocalix[4]arene structure (but devoid of the p-sulfonatocalix[4]arene)' 
_refine.pdbx_stereochemistry_target_values       ? 
_refine.pdbx_R_Free_selection_details            RANDOM 
_refine.pdbx_stereochem_target_val_spec_case     ? 
_refine.pdbx_overall_ESU_R                       ? 
_refine.pdbx_overall_ESU_R_Free                  ? 
_refine.pdbx_solvent_vdw_probe_radii             ? 
_refine.pdbx_solvent_ion_probe_radii             ? 
_refine.pdbx_solvent_shrinkage_radii             ? 
_refine.pdbx_real_space_R                        ? 
_refine.pdbx_density_correlation                 ? 
_refine.pdbx_pd_number_of_powder_patterns        ? 
_refine.pdbx_pd_number_of_points                 ? 
_refine.pdbx_pd_meas_number_of_points            ? 
_refine.pdbx_pd_proc_ls_prof_R_factor            ? 
_refine.pdbx_pd_proc_ls_prof_wR_factor           ? 
_refine.pdbx_pd_Marquardt_correlation_coeff      ? 
_refine.pdbx_pd_Fsqrd_R_factor                   ? 
_refine.pdbx_pd_ls_matrix_band_width             ? 
_refine.pdbx_overall_phase_error                 ? 
_refine.pdbx_overall_SU_R_free_Cruickshank_DPI   0.091 
_refine.pdbx_overall_SU_R_free_Blow_DPI          0.095 
_refine.pdbx_overall_SU_R_Blow_DPI               0.097 
_refine.pdbx_TLS_residual_ADP_flag               ? 
_refine.pdbx_diffrn_id                           1 
_refine.overall_SU_B                             ? 
_refine.overall_SU_ML                            ? 
_refine.overall_SU_R_Cruickshank_DPI             0.108 
_refine.overall_SU_R_free                        ? 
_refine.overall_FOM_free_R_set                   ? 
_refine.overall_FOM_work_R_set                   ? 
_refine.pdbx_average_fsc_overall                 ? 
_refine.pdbx_average_fsc_work                    ? 
_refine.pdbx_average_fsc_free                    ? 
# 
_refine_analyze.entry_id                        6HAH 
_refine_analyze.pdbx_refine_id                  'X-RAY DIFFRACTION' 
_refine_analyze.Luzzati_coordinate_error_free   ? 
_refine_analyze.Luzzati_coordinate_error_obs    0.20 
_refine_analyze.Luzzati_d_res_low_free          ? 
_refine_analyze.Luzzati_d_res_low_obs           ? 
_refine_analyze.Luzzati_sigma_a_free            ? 
_refine_analyze.Luzzati_sigma_a_free_details    ? 
_refine_analyze.Luzzati_sigma_a_obs             ? 
_refine_analyze.Luzzati_sigma_a_obs_details     ? 
_refine_analyze.number_disordered_residues      ? 
_refine_analyze.occupancy_sum_hydrogen          ? 
_refine_analyze.occupancy_sum_non_hydrogen      ? 
_refine_analyze.RG_d_res_high                   ? 
_refine_analyze.RG_d_res_low                    ? 
_refine_analyze.RG_free                         ? 
_refine_analyze.RG_work                         ? 
_refine_analyze.RG_free_work_ratio              ? 
_refine_analyze.pdbx_Luzzati_d_res_high_obs     ? 
# 
_refine_hist.pdbx_refine_id                   'X-RAY DIFFRACTION' 
_refine_hist.cycle_id                         1 
_refine_hist.pdbx_number_atoms_protein        433 
_refine_hist.pdbx_number_atoms_nucleic_acid   0 
_refine_hist.pdbx_number_atoms_ligand         91 
_refine_hist.number_atoms_solvent             55 
_refine_hist.number_atoms_total               579 
_refine_hist.d_res_high                       1.45 
_refine_hist.d_res_low                        27.0 
# 
loop_
_refine_ls_restr.pdbx_refine_id 
_refine_ls_restr.criterion 
_refine_ls_restr.dev_ideal 
_refine_ls_restr.dev_ideal_target 
_refine_ls_restr.number 
_refine_ls_restr.rejects 
_refine_ls_restr.type 
_refine_ls_restr.weight 
_refine_ls_restr.pdbx_restraint_function 
'X-RAY DIFFRACTION' ? 0.009 ? 993  ? t_bond_d                  6.00  HARMONIC     
'X-RAY DIFFRACTION' ? 1.00  ? 1776 ? t_angle_deg               6.00  HARMONIC     
'X-RAY DIFFRACTION' ? ?     ? 236  ? t_dihedral_angle_d        2.00  SINUSOIDAL   
'X-RAY DIFFRACTION' ? ?     ? ?    ? t_incorr_chiral_ct        ?     ?            
'X-RAY DIFFRACTION' ? ?     ? ?    ? t_pseud_angle             ?     ?            
'X-RAY DIFFRACTION' ? ?     ? ?    ? t_trig_c_planes           ?     ?            
'X-RAY DIFFRACTION' ? ?     ? 151  ? t_gen_planes              5.00  HARMONIC     
'X-RAY DIFFRACTION' ? ?     ? 993  ? t_it                      20.00 HARMONIC     
'X-RAY DIFFRACTION' ? ?     ? 1    ? t_nbd                     5.00  SEMIHARMONIC 
'X-RAY DIFFRACTION' ? 5.36  ? ?    ? t_omega_torsion           ?     ?            
'X-RAY DIFFRACTION' ? 17.48 ? ?    ? t_other_torsion           ?     ?            
'X-RAY DIFFRACTION' ? ?     ? ?    ? t_improper_torsion        ?     ?            
'X-RAY DIFFRACTION' ? ?     ? 62   ? t_chiral_improper_torsion 5.00  SEMIHARMONIC 
'X-RAY DIFFRACTION' ? ?     ? ?    ? t_sum_occupancies         ?     ?            
'X-RAY DIFFRACTION' ? ?     ? ?    ? t_utility_distance        ?     ?            
'X-RAY DIFFRACTION' ? ?     ? ?    ? t_utility_angle           ?     ?            
'X-RAY DIFFRACTION' ? ?     ? ?    ? t_utility_torsion         ?     ?            
'X-RAY DIFFRACTION' ? ?     ? 1175 ? t_ideal_dist_contact      4.00  SEMIHARMONIC 
# 
_refine_ls_shell.pdbx_refine_id                   'X-RAY DIFFRACTION' 
_refine_ls_shell.d_res_high                       1.45 
_refine_ls_shell.d_res_low                        1.62 
_refine_ls_shell.number_reflns_all                2384 
_refine_ls_shell.number_reflns_obs                ? 
_refine_ls_shell.number_reflns_R_free             133 
_refine_ls_shell.number_reflns_R_work             2251 
_refine_ls_shell.percent_reflns_obs               92.53 
_refine_ls_shell.percent_reflns_R_free            5.58 
_refine_ls_shell.R_factor_all                     0.2065 
_refine_ls_shell.R_factor_obs                     ? 
_refine_ls_shell.R_factor_R_free                  0.2405 
_refine_ls_shell.R_factor_R_free_error            ? 
_refine_ls_shell.R_factor_R_work                  0.2043 
_refine_ls_shell.redundancy_reflns_all            ? 
_refine_ls_shell.redundancy_reflns_obs            ? 
_refine_ls_shell.wR_factor_all                    ? 
_refine_ls_shell.wR_factor_obs                    ? 
_refine_ls_shell.wR_factor_R_free                 ? 
_refine_ls_shell.wR_factor_R_work                 ? 
_refine_ls_shell.pdbx_total_number_of_bins_used   5 
_refine_ls_shell.pdbx_phase_error                 ? 
_refine_ls_shell.pdbx_fsc_work                    ? 
_refine_ls_shell.pdbx_fsc_free                    ? 
# 
_struct.entry_id                     6HAH 
_struct.title                        'Crystal structure of PAF - p-sulfonatocalix[6]arene complex' 
_struct.pdbx_model_details           ? 
_struct.pdbx_formula_weight          ? 
_struct.pdbx_formula_weight_method   ? 
_struct.pdbx_model_type_details      ? 
_struct.pdbx_CASP_flag               N 
# 
_struct_keywords.entry_id        6HAH 
_struct_keywords.text            'Penicillium chrysogenum, Antifungal protein, calixarene, molecular glues, nucleating agent' 
_struct_keywords.pdbx_keywords   'ANTIFUNGAL PROTEIN' 
# 
loop_
_struct_asym.id 
_struct_asym.pdbx_blank_PDB_chainid_flag 
_struct_asym.pdbx_modified 
_struct_asym.entity_id 
_struct_asym.details 
A N N 1 ? 
B N N 2 ? 
C N N 3 ? 
D N N 4 ? 
E N N 5 ? 
F N N 6 ? 
# 
_struct_ref.id                         1 
_struct_ref.db_name                    UNP 
_struct_ref.db_code                    B6HWK0_PENRW 
_struct_ref.pdbx_db_accession          B6HWK0 
_struct_ref.pdbx_db_isoform            ? 
_struct_ref.entity_id                  1 
_struct_ref.pdbx_seq_one_letter_code   AKYTGKCTKSKNECKYKNDAGKDTFIKCPKFDNKKCTKDNNKCTVDTYNNAVDCD 
_struct_ref.pdbx_align_begin           38 
# 
_struct_ref_seq.align_id                      1 
_struct_ref_seq.ref_id                        1 
_struct_ref_seq.pdbx_PDB_id_code              6HAH 
_struct_ref_seq.pdbx_strand_id                A 
_struct_ref_seq.seq_align_beg                 1 
_struct_ref_seq.pdbx_seq_align_beg_ins_code   ? 
_struct_ref_seq.seq_align_end                 55 
_struct_ref_seq.pdbx_seq_align_end_ins_code   ? 
_struct_ref_seq.pdbx_db_accession             B6HWK0 
_struct_ref_seq.db_align_beg                  38 
_struct_ref_seq.pdbx_db_align_beg_ins_code    ? 
_struct_ref_seq.db_align_end                  92 
_struct_ref_seq.pdbx_db_align_end_ins_code    ? 
_struct_ref_seq.pdbx_auth_seq_align_beg       1 
_struct_ref_seq.pdbx_auth_seq_align_end       55 
# 
_pdbx_struct_assembly.id                   1 
_pdbx_struct_assembly.details              author_and_software_defined_assembly 
_pdbx_struct_assembly.method_details       PISA 
_pdbx_struct_assembly.oligomeric_details   monomeric 
_pdbx_struct_assembly.oligomeric_count     1 
# 
loop_
_pdbx_struct_assembly_prop.biol_id 
_pdbx_struct_assembly_prop.type 
_pdbx_struct_assembly_prop.value 
_pdbx_struct_assembly_prop.details 
1 'ABSA (A^2)' 300  ? 
1 MORE         -8   ? 
1 'SSA (A^2)'  4680 ? 
# 
_pdbx_struct_assembly_gen.assembly_id       1 
_pdbx_struct_assembly_gen.oper_expression   1 
_pdbx_struct_assembly_gen.asym_id_list      A,B,C,D,E,F 
# 
_pdbx_struct_assembly_auth_evidence.id                     1 
_pdbx_struct_assembly_auth_evidence.assembly_id            1 
_pdbx_struct_assembly_auth_evidence.experimental_support   'gel filtration' 
_pdbx_struct_assembly_auth_evidence.details                ? 
# 
_pdbx_struct_oper_list.id                   1 
_pdbx_struct_oper_list.type                 'identity operation' 
_pdbx_struct_oper_list.name                 1_555 
_pdbx_struct_oper_list.symmetry_operation   x,y,z 
_pdbx_struct_oper_list.matrix[1][1]         1.0000000000 
_pdbx_struct_oper_list.matrix[1][2]         0.0000000000 
_pdbx_struct_oper_list.matrix[1][3]         0.0000000000 
_pdbx_struct_oper_list.vector[1]            0.0000000000 
_pdbx_struct_oper_list.matrix[2][1]         0.0000000000 
_pdbx_struct_oper_list.matrix[2][2]         1.0000000000 
_pdbx_struct_oper_list.matrix[2][3]         0.0000000000 
_pdbx_struct_oper_list.vector[2]            0.0000000000 
_pdbx_struct_oper_list.matrix[3][1]         0.0000000000 
_pdbx_struct_oper_list.matrix[3][2]         0.0000000000 
_pdbx_struct_oper_list.matrix[3][3]         1.0000000000 
_pdbx_struct_oper_list.vector[3]            0.0000000000 
# 
loop_
_struct_conn.id 
_struct_conn.conn_type_id 
_struct_conn.pdbx_leaving_atom_flag 
_struct_conn.pdbx_PDB_id 
_struct_conn.ptnr1_label_asym_id 
_struct_conn.ptnr1_label_comp_id 
_struct_conn.ptnr1_label_seq_id 
_struct_conn.ptnr1_label_atom_id 
_struct_conn.pdbx_ptnr1_label_alt_id 
_struct_conn.pdbx_ptnr1_PDB_ins_code 
_struct_conn.pdbx_ptnr1_standard_comp_id 
_struct_conn.ptnr1_symmetry 
_struct_conn.ptnr2_label_asym_id 
_struct_conn.ptnr2_label_comp_id 
_struct_conn.ptnr2_label_seq_id 
_struct_conn.ptnr2_label_atom_id 
_struct_conn.pdbx_ptnr2_label_alt_id 
_struct_conn.pdbx_ptnr2_PDB_ins_code 
_struct_conn.ptnr1_auth_asym_id 
_struct_conn.ptnr1_auth_comp_id 
_struct_conn.ptnr1_auth_seq_id 
_struct_conn.ptnr2_auth_asym_id 
_struct_conn.ptnr2_auth_comp_id 
_struct_conn.ptnr2_auth_seq_id 
_struct_conn.ptnr2_symmetry 
_struct_conn.pdbx_ptnr3_label_atom_id 
_struct_conn.pdbx_ptnr3_label_seq_id 
_struct_conn.pdbx_ptnr3_label_comp_id 
_struct_conn.pdbx_ptnr3_label_asym_id 
_struct_conn.pdbx_ptnr3_label_alt_id 
_struct_conn.pdbx_ptnr3_PDB_ins_code 
_struct_conn.details 
_struct_conn.pdbx_dist_value 
_struct_conn.pdbx_value_order 
_struct_conn.pdbx_role 
disulf1 disulf ? ? A CYS 7  SG  ? ? ? 1_555 A CYS 36 SG ? ? A CYS 7   A CYS 36  1_555 ? ? ? ? ? ? ? 2.050 ? ? 
disulf2 disulf ? ? A CYS 14 SG  ? ? ? 1_555 A CYS 43 SG ? ? A CYS 14  A CYS 43  1_555 ? ? ? ? ? ? ? 2.049 ? ? 
disulf3 disulf ? ? A CYS 28 SG  ? ? ? 1_555 A CYS 54 SG ? ? A CYS 28  A CYS 54  1_555 ? ? ? ? ? ? ? 2.026 ? ? 
metalc1 metalc ? ? A ASN 33 O   ? ? ? 1_555 E NA  .  NA ? ? A ASN 33  A NA  104 1_555 ? ? ? ? ? ? ? 2.606 ? ? 
metalc2 metalc ? ? A ASP 53 OD1 ? ? ? 1_555 E NA  .  NA ? ? A ASP 53  A NA  104 1_555 ? ? ? ? ? ? ? 2.313 ? ? 
metalc3 metalc ? ? A CYS 54 O   ? ? ? 1_555 E NA  .  NA ? ? A CYS 54  A NA  104 1_555 ? ? ? ? ? ? ? 2.284 ? ? 
metalc4 metalc ? ? A ASP 55 OD1 ? ? ? 1_555 E NA  .  NA ? ? A ASP 55  A NA  104 1_555 ? ? ? ? ? ? ? 2.550 ? ? 
metalc5 metalc ? ? E NA  .  NA  ? ? ? 1_555 F HOH .  O  ? ? A NA  104 A HOH 214 2_748 ? ? ? ? ? ? ? 2.236 ? ? 
# 
loop_
_struct_conn_type.id 
_struct_conn_type.criteria 
_struct_conn_type.reference 
disulf ? ? 
metalc ? ? 
# 
loop_
_pdbx_struct_conn_angle.id 
_pdbx_struct_conn_angle.ptnr1_label_atom_id 
_pdbx_struct_conn_angle.ptnr1_label_alt_id 
_pdbx_struct_conn_angle.ptnr1_label_asym_id 
_pdbx_struct_conn_angle.ptnr1_label_comp_id 
_pdbx_struct_conn_angle.ptnr1_label_seq_id 
_pdbx_struct_conn_angle.ptnr1_auth_atom_id 
_pdbx_struct_conn_angle.ptnr1_auth_asym_id 
_pdbx_struct_conn_angle.ptnr1_auth_comp_id 
_pdbx_struct_conn_angle.ptnr1_auth_seq_id 
_pdbx_struct_conn_angle.ptnr1_PDB_ins_code 
_pdbx_struct_conn_angle.ptnr1_symmetry 
_pdbx_struct_conn_angle.ptnr2_label_atom_id 
_pdbx_struct_conn_angle.ptnr2_label_alt_id 
_pdbx_struct_conn_angle.ptnr2_label_asym_id 
_pdbx_struct_conn_angle.ptnr2_label_comp_id 
_pdbx_struct_conn_angle.ptnr2_label_seq_id 
_pdbx_struct_conn_angle.ptnr2_auth_atom_id 
_pdbx_struct_conn_angle.ptnr2_auth_asym_id 
_pdbx_struct_conn_angle.ptnr2_auth_comp_id 
_pdbx_struct_conn_angle.ptnr2_auth_seq_id 
_pdbx_struct_conn_angle.ptnr2_PDB_ins_code 
_pdbx_struct_conn_angle.ptnr2_symmetry 
_pdbx_struct_conn_angle.ptnr3_label_atom_id 
_pdbx_struct_conn_angle.ptnr3_label_alt_id 
_pdbx_struct_conn_angle.ptnr3_label_asym_id 
_pdbx_struct_conn_angle.ptnr3_label_comp_id 
_pdbx_struct_conn_angle.ptnr3_label_seq_id 
_pdbx_struct_conn_angle.ptnr3_auth_atom_id 
_pdbx_struct_conn_angle.ptnr3_auth_asym_id 
_pdbx_struct_conn_angle.ptnr3_auth_comp_id 
_pdbx_struct_conn_angle.ptnr3_auth_seq_id 
_pdbx_struct_conn_angle.ptnr3_PDB_ins_code 
_pdbx_struct_conn_angle.ptnr3_symmetry 
_pdbx_struct_conn_angle.value 
_pdbx_struct_conn_angle.value_esd 
1  O   ? A ASN 33 ? A ASN 33 ? 1_555 NA ? E NA . ? A NA 104 ? 1_555 OD1 ? A ASP 53 ? A ASP 53  ? 1_555 94.1  ? 
2  O   ? A ASN 33 ? A ASN 33 ? 1_555 NA ? E NA . ? A NA 104 ? 1_555 O   ? A CYS 54 ? A CYS 54  ? 1_555 94.4  ? 
3  OD1 ? A ASP 53 ? A ASP 53 ? 1_555 NA ? E NA . ? A NA 104 ? 1_555 O   ? A CYS 54 ? A CYS 54  ? 1_555 84.6  ? 
4  O   ? A ASN 33 ? A ASN 33 ? 1_555 NA ? E NA . ? A NA 104 ? 1_555 OD1 ? A ASP 55 ? A ASP 55  ? 1_555 165.1 ? 
5  OD1 ? A ASP 53 ? A ASP 53 ? 1_555 NA ? E NA . ? A NA 104 ? 1_555 OD1 ? A ASP 55 ? A ASP 55  ? 1_555 100.5 ? 
6  O   ? A CYS 54 ? A CYS 54 ? 1_555 NA ? E NA . ? A NA 104 ? 1_555 OD1 ? A ASP 55 ? A ASP 55  ? 1_555 84.0  ? 
7  O   ? A ASN 33 ? A ASN 33 ? 1_555 NA ? E NA . ? A NA 104 ? 1_555 O   ? F HOH .  ? A HOH 214 ? 2_748 90.0  ? 
8  OD1 ? A ASP 53 ? A ASP 53 ? 1_555 NA ? E NA . ? A NA 104 ? 1_555 O   ? F HOH .  ? A HOH 214 ? 2_748 81.3  ? 
9  O   ? A CYS 54 ? A CYS 54 ? 1_555 NA ? E NA . ? A NA 104 ? 1_555 O   ? F HOH .  ? A HOH 214 ? 2_748 165.6 ? 
10 OD1 ? A ASP 55 ? A ASP 55 ? 1_555 NA ? E NA . ? A NA 104 ? 1_555 O   ? F HOH .  ? A HOH 214 ? 2_748 95.2  ? 
# 
loop_
_pdbx_modification_feature.ordinal 
_pdbx_modification_feature.label_comp_id 
_pdbx_modification_feature.label_asym_id 
_pdbx_modification_feature.label_seq_id 
_pdbx_modification_feature.label_alt_id 
_pdbx_modification_feature.modified_residue_label_comp_id 
_pdbx_modification_feature.modified_residue_label_asym_id 
_pdbx_modification_feature.modified_residue_label_seq_id 
_pdbx_modification_feature.modified_residue_label_alt_id 
_pdbx_modification_feature.auth_comp_id 
_pdbx_modification_feature.auth_asym_id 
_pdbx_modification_feature.auth_seq_id 
_pdbx_modification_feature.PDB_ins_code 
_pdbx_modification_feature.symmetry 
_pdbx_modification_feature.modified_residue_auth_comp_id 
_pdbx_modification_feature.modified_residue_auth_asym_id 
_pdbx_modification_feature.modified_residue_auth_seq_id 
_pdbx_modification_feature.modified_residue_PDB_ins_code 
_pdbx_modification_feature.modified_residue_symmetry 
_pdbx_modification_feature.comp_id_linking_atom 
_pdbx_modification_feature.modified_residue_id_linking_atom 
_pdbx_modification_feature.modified_residue_id 
_pdbx_modification_feature.ref_pcm_id 
_pdbx_modification_feature.ref_comp_id 
_pdbx_modification_feature.type 
_pdbx_modification_feature.category 
1 CYS A 7  ? CYS A 36 ? CYS A 7  ? 1_555 CYS A 36 ? 1_555 SG SG . . . None 'Disulfide bridge' 
2 CYS A 14 ? CYS A 43 ? CYS A 14 ? 1_555 CYS A 43 ? 1_555 SG SG . . . None 'Disulfide bridge' 
3 CYS A 28 ? CYS A 54 ? CYS A 28 ? 1_555 CYS A 54 ? 1_555 SG SG . . . None 'Disulfide bridge' 
# 
_struct_sheet.id               AA1 
_struct_sheet.type             ? 
_struct_sheet.number_strands   5 
_struct_sheet.details          ? 
# 
loop_
_struct_sheet_order.sheet_id 
_struct_sheet_order.range_id_1 
_struct_sheet_order.range_id_2 
_struct_sheet_order.offset 
_struct_sheet_order.sense 
AA1 1 2 ? anti-parallel 
AA1 2 3 ? anti-parallel 
AA1 3 4 ? anti-parallel 
AA1 4 5 ? anti-parallel 
# 
loop_
_struct_sheet_range.sheet_id 
_struct_sheet_range.id 
_struct_sheet_range.beg_label_comp_id 
_struct_sheet_range.beg_label_asym_id 
_struct_sheet_range.beg_label_seq_id 
_struct_sheet_range.pdbx_beg_PDB_ins_code 
_struct_sheet_range.end_label_comp_id 
_struct_sheet_range.end_label_asym_id 
_struct_sheet_range.end_label_seq_id 
_struct_sheet_range.pdbx_end_PDB_ins_code 
_struct_sheet_range.beg_auth_comp_id 
_struct_sheet_range.beg_auth_asym_id 
_struct_sheet_range.beg_auth_seq_id 
_struct_sheet_range.end_auth_comp_id 
_struct_sheet_range.end_auth_asym_id 
_struct_sheet_range.end_auth_seq_id 
AA1 1 ASP A 23 ? LYS A 27 ? ASP A 23 LYS A 27 
AA1 2 GLU A 13 ? LYS A 17 ? GLU A 13 LYS A 17 
AA1 3 LYS A 2  ? THR A 8  ? LYS A 2  THR A 8  
AA1 4 LYS A 42 ? ASP A 46 ? LYS A 42 ASP A 46 
AA1 5 ALA A 51 ? CYS A 54 ? ALA A 51 CYS A 54 
# 
loop_
_pdbx_struct_sheet_hbond.sheet_id 
_pdbx_struct_sheet_hbond.range_id_1 
_pdbx_struct_sheet_hbond.range_id_2 
_pdbx_struct_sheet_hbond.range_1_label_atom_id 
_pdbx_struct_sheet_hbond.range_1_label_comp_id 
_pdbx_struct_sheet_hbond.range_1_label_asym_id 
_pdbx_struct_sheet_hbond.range_1_label_seq_id 
_pdbx_struct_sheet_hbond.range_1_PDB_ins_code 
_pdbx_struct_sheet_hbond.range_1_auth_atom_id 
_pdbx_struct_sheet_hbond.range_1_auth_comp_id 
_pdbx_struct_sheet_hbond.range_1_auth_asym_id 
_pdbx_struct_sheet_hbond.range_1_auth_seq_id 
_pdbx_struct_sheet_hbond.range_2_label_atom_id 
_pdbx_struct_sheet_hbond.range_2_label_comp_id 
_pdbx_struct_sheet_hbond.range_2_label_asym_id 
_pdbx_struct_sheet_hbond.range_2_label_seq_id 
_pdbx_struct_sheet_hbond.range_2_PDB_ins_code 
_pdbx_struct_sheet_hbond.range_2_auth_atom_id 
_pdbx_struct_sheet_hbond.range_2_auth_comp_id 
_pdbx_struct_sheet_hbond.range_2_auth_asym_id 
_pdbx_struct_sheet_hbond.range_2_auth_seq_id 
AA1 1 2 O ILE A 26 ? O ILE A 26 N CYS A 14 ? N CYS A 14 
AA1 2 3 O LYS A 15 ? O LYS A 15 N LYS A 6  ? N LYS A 6  
AA1 3 4 N GLY A 5  ? N GLY A 5  O CYS A 43 ? O CYS A 43 
AA1 4 5 N ASP A 46 ? N ASP A 46 O ALA A 51 ? O ALA A 51 
# 
loop_
_struct_site.id 
_struct_site.pdbx_evidence_code 
_struct_site.pdbx_auth_asym_id 
_struct_site.pdbx_auth_comp_id 
_struct_site.pdbx_auth_seq_id 
_struct_site.pdbx_auth_ins_code 
_struct_site.pdbx_num_residues 
_struct_site.details 
AC1 Software A FWQ 101 ? 23 'binding site for residue FWQ A 101' 
AC2 Software A FWN 102 ? 4  'binding site for residue FWN A 102' 
AC3 Software A GOL 103 ? 7  'binding site for residue GOL A 103' 
AC4 Software A NA  104 ? 4  'binding site for residue NA A 104'  
# 
loop_
_struct_site_gen.id 
_struct_site_gen.site_id 
_struct_site_gen.pdbx_num_res 
_struct_site_gen.label_comp_id 
_struct_site_gen.label_asym_id 
_struct_site_gen.label_seq_id 
_struct_site_gen.pdbx_auth_ins_code 
_struct_site_gen.auth_comp_id 
_struct_site_gen.auth_asym_id 
_struct_site_gen.auth_seq_id 
_struct_site_gen.label_atom_id 
_struct_site_gen.label_alt_id 
_struct_site_gen.symmetry 
_struct_site_gen.details 
1  AC1 23 THR A 4  ? THR A 4   . ? 1_554 ? 
2  AC1 23 LYS A 6  ? LYS A 6   . ? 1_554 ? 
3  AC1 23 LYS A 9  ? LYS A 9   . ? 1_655 ? 
4  AC1 23 LYS A 17 ? LYS A 17  . ? 1_554 ? 
5  AC1 23 LYS A 27 ? LYS A 27  . ? 1_555 ? 
6  AC1 23 CYS A 28 ? CYS A 28  . ? 1_555 ? 
7  AC1 23 PRO A 29 ? PRO A 29  . ? 1_555 ? 
8  AC1 23 LYS A 30 ? LYS A 30  . ? 1_555 ? 
9  AC1 23 PHE A 31 ? PHE A 31  . ? 1_555 ? 
10 AC1 23 LYS A 34 ? LYS A 34  . ? 1_555 ? 
11 AC1 23 LYS A 38 ? LYS A 38  . ? 1_655 ? 
12 AC1 23 LYS A 42 ? LYS A 42  . ? 1_554 ? 
13 AC1 23 TYR A 48 ? TYR A 48  . ? 1_454 ? 
14 AC1 23 VAL A 52 ? VAL A 52  . ? 1_555 ? 
15 AC1 23 FWN C .  ? FWN A 102 . ? 1_555 ? 
16 AC1 23 HOH F .  ? HOH A 201 . ? 1_555 ? 
17 AC1 23 HOH F .  ? HOH A 204 . ? 1_555 ? 
18 AC1 23 HOH F .  ? HOH A 205 . ? 1_555 ? 
19 AC1 23 HOH F .  ? HOH A 207 . ? 1_555 ? 
20 AC1 23 HOH F .  ? HOH A 213 . ? 1_555 ? 
21 AC1 23 HOH F .  ? HOH A 225 . ? 1_555 ? 
22 AC1 23 HOH F .  ? HOH A 228 . ? 1_555 ? 
23 AC1 23 HOH F .  ? HOH A 229 . ? 1_555 ? 
24 AC2 4  LYS A 9  ? LYS A 9   . ? 1_655 ? 
25 AC2 4  LYS A 17 ? LYS A 17  . ? 1_554 ? 
26 AC2 4  ASN A 18 ? ASN A 18  . ? 1_554 ? 
27 AC2 4  FWQ B .  ? FWQ A 101 . ? 1_555 ? 
28 AC3 7  LYS A 6  ? LYS A 6   . ? 1_555 ? 
29 AC3 7  LYS A 15 ? LYS A 15  . ? 1_555 ? 
30 AC3 7  TYR A 16 ? TYR A 16  . ? 1_555 ? 
31 AC3 7  LYS A 17 ? LYS A 17  . ? 1_555 ? 
32 AC3 7  ASP A 23 ? ASP A 23  . ? 1_555 ? 
33 AC3 7  HOH F .  ? HOH A 214 . ? 1_555 ? 
34 AC3 7  HOH F .  ? HOH A 242 . ? 1_555 ? 
35 AC4 4  ASN A 33 ? ASN A 33  . ? 1_555 ? 
36 AC4 4  ASP A 53 ? ASP A 53  . ? 1_555 ? 
37 AC4 4  CYS A 54 ? CYS A 54  . ? 1_555 ? 
38 AC4 4  ASP A 55 ? ASP A 55  . ? 1_555 ? 
# 
_pdbx_entry_details.entry_id                   6HAH 
_pdbx_entry_details.compound_details           ? 
_pdbx_entry_details.source_details             ? 
_pdbx_entry_details.nonpolymer_details         ? 
_pdbx_entry_details.sequence_details           ? 
_pdbx_entry_details.has_ligand_of_interest     ? 
_pdbx_entry_details.has_protein_modification   Y 
# 
_pdbx_refine_tls.pdbx_refine_id   'X-RAY DIFFRACTION' 
_pdbx_refine_tls.id               1 
_pdbx_refine_tls.details          ? 
_pdbx_refine_tls.method           refined 
_pdbx_refine_tls.origin_x         0.3926 
_pdbx_refine_tls.origin_y         -0.2506 
_pdbx_refine_tls.origin_z         -0.2462 
_pdbx_refine_tls.T[1][1]          -0.0075 
_pdbx_refine_tls.T[2][2]          0.0049 
_pdbx_refine_tls.T[3][3]          -0.0399 
_pdbx_refine_tls.T[1][2]          -0.0103 
_pdbx_refine_tls.T[1][3]          0.0136 
_pdbx_refine_tls.T[2][3]          -0.0047 
_pdbx_refine_tls.L[1][1]          6.1798 
_pdbx_refine_tls.L[2][2]          6.2660 
_pdbx_refine_tls.L[3][3]          3.3927 
_pdbx_refine_tls.L[1][2]          3.1721 
_pdbx_refine_tls.L[1][3]          1.6891 
_pdbx_refine_tls.L[2][3]          3.0434 
_pdbx_refine_tls.S[1][1]          -0.0685 
_pdbx_refine_tls.S[1][2]          0.0946 
_pdbx_refine_tls.S[1][3]          -0.2901 
_pdbx_refine_tls.S[2][1]          -0.0807 
_pdbx_refine_tls.S[2][2]          0.2661 
_pdbx_refine_tls.S[2][3]          -0.2837 
_pdbx_refine_tls.S[3][1]          -0.0467 
_pdbx_refine_tls.S[3][2]          0.0928 
_pdbx_refine_tls.S[3][3]          -0.1977 
# 
_pdbx_refine_tls_group.pdbx_refine_id      'X-RAY DIFFRACTION' 
_pdbx_refine_tls_group.id                  1 
_pdbx_refine_tls_group.refine_tls_id       1 
_pdbx_refine_tls_group.beg_auth_asym_id    ? 
_pdbx_refine_tls_group.beg_auth_seq_id     ? 
_pdbx_refine_tls_group.beg_label_asym_id   ? 
_pdbx_refine_tls_group.beg_label_seq_id    ? 
_pdbx_refine_tls_group.end_auth_asym_id    ? 
_pdbx_refine_tls_group.end_auth_seq_id     ? 
_pdbx_refine_tls_group.end_label_asym_id   ? 
_pdbx_refine_tls_group.end_label_seq_id    ? 
_pdbx_refine_tls_group.selection           ? 
_pdbx_refine_tls_group.selection_details   '{ A|* }' 
# 
loop_
_chem_comp_atom.comp_id 
_chem_comp_atom.atom_id 
_chem_comp_atom.type_symbol 
_chem_comp_atom.pdbx_aromatic_flag 
_chem_comp_atom.pdbx_stereo_config 
_chem_comp_atom.pdbx_ordinal 
ALA N    N  N N 1   
ALA CA   C  N S 2   
ALA C    C  N N 3   
ALA O    O  N N 4   
ALA CB   C  N N 5   
ALA OXT  O  N N 6   
ALA H    H  N N 7   
ALA H2   H  N N 8   
ALA HA   H  N N 9   
ALA HB1  H  N N 10  
ALA HB2  H  N N 11  
ALA HB3  H  N N 12  
ALA HXT  H  N N 13  
ASN N    N  N N 14  
ASN CA   C  N S 15  
ASN C    C  N N 16  
ASN O    O  N N 17  
ASN CB   C  N N 18  
ASN CG   C  N N 19  
ASN OD1  O  N N 20  
ASN ND2  N  N N 21  
ASN OXT  O  N N 22  
ASN H    H  N N 23  
ASN H2   H  N N 24  
ASN HA   H  N N 25  
ASN HB2  H  N N 26  
ASN HB3  H  N N 27  
ASN HD21 H  N N 28  
ASN HD22 H  N N 29  
ASN HXT  H  N N 30  
ASP N    N  N N 31  
ASP CA   C  N S 32  
ASP C    C  N N 33  
ASP O    O  N N 34  
ASP CB   C  N N 35  
ASP CG   C  N N 36  
ASP OD1  O  N N 37  
ASP OD2  O  N N 38  
ASP OXT  O  N N 39  
ASP H    H  N N 40  
ASP H2   H  N N 41  
ASP HA   H  N N 42  
ASP HB2  H  N N 43  
ASP HB3  H  N N 44  
ASP HD2  H  N N 45  
ASP HXT  H  N N 46  
CYS N    N  N N 47  
CYS CA   C  N R 48  
CYS C    C  N N 49  
CYS O    O  N N 50  
CYS CB   C  N N 51  
CYS SG   S  N N 52  
CYS OXT  O  N N 53  
CYS H    H  N N 54  
CYS H2   H  N N 55  
CYS HA   H  N N 56  
CYS HB2  H  N N 57  
CYS HB3  H  N N 58  
CYS HG   H  N N 59  
CYS HXT  H  N N 60  
FWN O4   O  N N 61  
FWN C5   C  N N 62  
FWN C6   C  N N 63  
FWN O7   O  N N 64  
FWN C8   C  N N 65  
FWN C9   C  N N 66  
FWN O10  O  N N 67  
FWN C11  C  N N 68  
FWN C12  C  N N 69  
FWN O13  O  N N 70  
FWN C14  C  N N 71  
FWN C1   C  N N 72  
FWN H1   H  N N 73  
FWN H2   H  N N 74  
FWN H3   H  N N 75  
FWN H4   H  N N 76  
FWN H5   H  N N 77  
FWN H6   H  N N 78  
FWN H7   H  N N 79  
FWN H8   H  N N 80  
FWN H9   H  N N 81  
FWN H10  H  N N 82  
FWN H11  H  N N 83  
FWN H12  H  N N 84  
FWN H13  H  N N 85  
FWN H14  H  N N 86  
FWN H15  H  N N 87  
FWN H16  H  N N 88  
FWN H17  H  N N 89  
FWN H18  H  N N 90  
FWQ C1   C  Y N 91  
FWQ C2   C  Y N 92  
FWQ C3   C  Y N 93  
FWQ C4   C  Y N 94  
FWQ C5   C  Y N 95  
FWQ C6   C  Y N 96  
FWQ C7   C  N N 97  
FWQ C8   C  Y N 98  
FWQ C9   C  Y N 99  
FWQ C10  C  Y N 100 
FWQ C11  C  Y N 101 
FWQ C12  C  Y N 102 
FWQ C14  C  N N 103 
FWQ C15  C  N N 104 
FWQ C16  C  Y N 105 
FWQ C17  C  Y N 106 
FWQ C19  C  Y N 107 
FWQ C21  C  Y N 108 
FWQ C18  C  Y N 109 
FWQ C20  C  Y N 110 
FWQ C36  C  Y N 111 
FWQ C37  C  Y N 112 
FWQ C13  C  Y N 113 
FWQ C29  C  N N 114 
FWQ C38  C  Y N 115 
FWQ C39  C  Y N 116 
FWQ C40  C  Y N 117 
FWQ C41  C  Y N 118 
FWQ C43  C  N N 119 
FWQ C44  C  Y N 120 
FWQ C45  C  Y N 121 
FWQ C46  C  Y N 122 
FWQ C47  C  Y N 123 
FWQ C48  C  Y N 124 
FWQ C49  C  Y N 125 
FWQ C50  C  Y N 126 
FWQ C51  C  Y N 127 
FWQ C52  C  Y N 128 
FWQ C53  C  Y N 129 
FWQ C54  C  Y N 130 
FWQ C55  C  Y N 131 
FWQ O1   O  N N 132 
FWQ O2   O  N N 133 
FWQ O3   O  N N 134 
FWQ O4   O  N N 135 
FWQ O5   O  N N 136 
FWQ O6   O  N N 137 
FWQ S64  S  N N 138 
FWQ S67  S  N N 139 
FWQ S68  S  N N 140 
FWQ S69  S  N N 141 
FWQ S70  S  N N 142 
FWQ S71  S  N N 143 
FWQ C72  C  N N 144 
FWQ O7   O  N N 145 
FWQ O8   O  N N 146 
FWQ O9   O  N N 147 
FWQ O10  O  N N 148 
FWQ O11  O  N N 149 
FWQ O12  O  N N 150 
FWQ O13  O  N N 151 
FWQ O14  O  N N 152 
FWQ O15  O  N N 153 
FWQ O16  O  N N 154 
FWQ O17  O  N N 155 
FWQ O18  O  N N 156 
FWQ O19  O  N N 157 
FWQ O20  O  N N 158 
FWQ O21  O  N N 159 
FWQ O22  O  N N 160 
FWQ O23  O  N N 161 
FWQ O24  O  N N 162 
FWQ H1   H  N N 163 
FWQ H2   H  N N 164 
FWQ H3   H  N N 165 
FWQ H4   H  N N 166 
FWQ H5   H  N N 167 
FWQ H6   H  N N 168 
FWQ H7   H  N N 169 
FWQ H8   H  N N 170 
FWQ H9   H  N N 171 
FWQ H10  H  N N 172 
FWQ H11  H  N N 173 
FWQ H12  H  N N 174 
FWQ H13  H  N N 175 
FWQ H14  H  N N 176 
FWQ H15  H  N N 177 
FWQ H16  H  N N 178 
FWQ H17  H  N N 179 
FWQ H18  H  N N 180 
FWQ H19  H  N N 181 
FWQ H20  H  N N 182 
FWQ H21  H  N N 183 
FWQ H22  H  N N 184 
FWQ H23  H  N N 185 
FWQ H24  H  N N 186 
FWQ H25  H  N N 187 
FWQ H26  H  N N 188 
FWQ H27  H  N N 189 
FWQ H28  H  N N 190 
FWQ H29  H  N N 191 
FWQ H30  H  N N 192 
GLU N    N  N N 193 
GLU CA   C  N S 194 
GLU C    C  N N 195 
GLU O    O  N N 196 
GLU CB   C  N N 197 
GLU CG   C  N N 198 
GLU CD   C  N N 199 
GLU OE1  O  N N 200 
GLU OE2  O  N N 201 
GLU OXT  O  N N 202 
GLU H    H  N N 203 
GLU H2   H  N N 204 
GLU HA   H  N N 205 
GLU HB2  H  N N 206 
GLU HB3  H  N N 207 
GLU HG2  H  N N 208 
GLU HG3  H  N N 209 
GLU HE2  H  N N 210 
GLU HXT  H  N N 211 
GLY N    N  N N 212 
GLY CA   C  N N 213 
GLY C    C  N N 214 
GLY O    O  N N 215 
GLY OXT  O  N N 216 
GLY H    H  N N 217 
GLY H2   H  N N 218 
GLY HA2  H  N N 219 
GLY HA3  H  N N 220 
GLY HXT  H  N N 221 
GOL C1   C  N N 222 
GOL O1   O  N N 223 
GOL C2   C  N N 224 
GOL O2   O  N N 225 
GOL C3   C  N N 226 
GOL O3   O  N N 227 
GOL H11  H  N N 228 
GOL H12  H  N N 229 
GOL HO1  H  N N 230 
GOL H2   H  N N 231 
GOL HO2  H  N N 232 
GOL H31  H  N N 233 
GOL H32  H  N N 234 
GOL HO3  H  N N 235 
HOH O    O  N N 236 
HOH H1   H  N N 237 
HOH H2   H  N N 238 
ILE N    N  N N 239 
ILE CA   C  N S 240 
ILE C    C  N N 241 
ILE O    O  N N 242 
ILE CB   C  N S 243 
ILE CG1  C  N N 244 
ILE CG2  C  N N 245 
ILE CD1  C  N N 246 
ILE OXT  O  N N 247 
ILE H    H  N N 248 
ILE H2   H  N N 249 
ILE HA   H  N N 250 
ILE HB   H  N N 251 
ILE HG12 H  N N 252 
ILE HG13 H  N N 253 
ILE HG21 H  N N 254 
ILE HG22 H  N N 255 
ILE HG23 H  N N 256 
ILE HD11 H  N N 257 
ILE HD12 H  N N 258 
ILE HD13 H  N N 259 
ILE HXT  H  N N 260 
LYS N    N  N N 261 
LYS CA   C  N S 262 
LYS C    C  N N 263 
LYS O    O  N N 264 
LYS CB   C  N N 265 
LYS CG   C  N N 266 
LYS CD   C  N N 267 
LYS CE   C  N N 268 
LYS NZ   N  N N 269 
LYS OXT  O  N N 270 
LYS H    H  N N 271 
LYS H2   H  N N 272 
LYS HA   H  N N 273 
LYS HB2  H  N N 274 
LYS HB3  H  N N 275 
LYS HG2  H  N N 276 
LYS HG3  H  N N 277 
LYS HD2  H  N N 278 
LYS HD3  H  N N 279 
LYS HE2  H  N N 280 
LYS HE3  H  N N 281 
LYS HZ1  H  N N 282 
LYS HZ2  H  N N 283 
LYS HZ3  H  N N 284 
LYS HXT  H  N N 285 
NA  NA   NA N N 286 
PHE N    N  N N 287 
PHE CA   C  N S 288 
PHE C    C  N N 289 
PHE O    O  N N 290 
PHE CB   C  N N 291 
PHE CG   C  Y N 292 
PHE CD1  C  Y N 293 
PHE CD2  C  Y N 294 
PHE CE1  C  Y N 295 
PHE CE2  C  Y N 296 
PHE CZ   C  Y N 297 
PHE OXT  O  N N 298 
PHE H    H  N N 299 
PHE H2   H  N N 300 
PHE HA   H  N N 301 
PHE HB2  H  N N 302 
PHE HB3  H  N N 303 
PHE HD1  H  N N 304 
PHE HD2  H  N N 305 
PHE HE1  H  N N 306 
PHE HE2  H  N N 307 
PHE HZ   H  N N 308 
PHE HXT  H  N N 309 
PRO N    N  N N 310 
PRO CA   C  N S 311 
PRO C    C  N N 312 
PRO O    O  N N 313 
PRO CB   C  N N 314 
PRO CG   C  N N 315 
PRO CD   C  N N 316 
PRO OXT  O  N N 317 
PRO H    H  N N 318 
PRO HA   H  N N 319 
PRO HB2  H  N N 320 
PRO HB3  H  N N 321 
PRO HG2  H  N N 322 
PRO HG3  H  N N 323 
PRO HD2  H  N N 324 
PRO HD3  H  N N 325 
PRO HXT  H  N N 326 
SER N    N  N N 327 
SER CA   C  N S 328 
SER C    C  N N 329 
SER O    O  N N 330 
SER CB   C  N N 331 
SER OG   O  N N 332 
SER OXT  O  N N 333 
SER H    H  N N 334 
SER H2   H  N N 335 
SER HA   H  N N 336 
SER HB2  H  N N 337 
SER HB3  H  N N 338 
SER HG   H  N N 339 
SER HXT  H  N N 340 
THR N    N  N N 341 
THR CA   C  N S 342 
THR C    C  N N 343 
THR O    O  N N 344 
THR CB   C  N R 345 
THR OG1  O  N N 346 
THR CG2  C  N N 347 
THR OXT  O  N N 348 
THR H    H  N N 349 
THR H2   H  N N 350 
THR HA   H  N N 351 
THR HB   H  N N 352 
THR HG1  H  N N 353 
THR HG21 H  N N 354 
THR HG22 H  N N 355 
THR HG23 H  N N 356 
THR HXT  H  N N 357 
TYR N    N  N N 358 
TYR CA   C  N S 359 
TYR C    C  N N 360 
TYR O    O  N N 361 
TYR CB   C  N N 362 
TYR CG   C  Y N 363 
TYR CD1  C  Y N 364 
TYR CD2  C  Y N 365 
TYR CE1  C  Y N 366 
TYR CE2  C  Y N 367 
TYR CZ   C  Y N 368 
TYR OH   O  N N 369 
TYR OXT  O  N N 370 
TYR H    H  N N 371 
TYR H2   H  N N 372 
TYR HA   H  N N 373 
TYR HB2  H  N N 374 
TYR HB3  H  N N 375 
TYR HD1  H  N N 376 
TYR HD2  H  N N 377 
TYR HE1  H  N N 378 
TYR HE2  H  N N 379 
TYR HH   H  N N 380 
TYR HXT  H  N N 381 
VAL N    N  N N 382 
VAL CA   C  N S 383 
VAL C    C  N N 384 
VAL O    O  N N 385 
VAL CB   C  N N 386 
VAL CG1  C  N N 387 
VAL CG2  C  N N 388 
VAL OXT  O  N N 389 
VAL H    H  N N 390 
VAL H2   H  N N 391 
VAL HA   H  N N 392 
VAL HB   H  N N 393 
VAL HG11 H  N N 394 
VAL HG12 H  N N 395 
VAL HG13 H  N N 396 
VAL HG21 H  N N 397 
VAL HG22 H  N N 398 
VAL HG23 H  N N 399 
VAL HXT  H  N N 400 
# 
loop_
_chem_comp_bond.comp_id 
_chem_comp_bond.atom_id_1 
_chem_comp_bond.atom_id_2 
_chem_comp_bond.value_order 
_chem_comp_bond.pdbx_aromatic_flag 
_chem_comp_bond.pdbx_stereo_config 
_chem_comp_bond.pdbx_ordinal 
ALA N   CA   sing N N 1   
ALA N   H    sing N N 2   
ALA N   H2   sing N N 3   
ALA CA  C    sing N N 4   
ALA CA  CB   sing N N 5   
ALA CA  HA   sing N N 6   
ALA C   O    doub N N 7   
ALA C   OXT  sing N N 8   
ALA CB  HB1  sing N N 9   
ALA CB  HB2  sing N N 10  
ALA CB  HB3  sing N N 11  
ALA OXT HXT  sing N N 12  
ASN N   CA   sing N N 13  
ASN N   H    sing N N 14  
ASN N   H2   sing N N 15  
ASN CA  C    sing N N 16  
ASN CA  CB   sing N N 17  
ASN CA  HA   sing N N 18  
ASN C   O    doub N N 19  
ASN C   OXT  sing N N 20  
ASN CB  CG   sing N N 21  
ASN CB  HB2  sing N N 22  
ASN CB  HB3  sing N N 23  
ASN CG  OD1  doub N N 24  
ASN CG  ND2  sing N N 25  
ASN ND2 HD21 sing N N 26  
ASN ND2 HD22 sing N N 27  
ASN OXT HXT  sing N N 28  
ASP N   CA   sing N N 29  
ASP N   H    sing N N 30  
ASP N   H2   sing N N 31  
ASP CA  C    sing N N 32  
ASP CA  CB   sing N N 33  
ASP CA  HA   sing N N 34  
ASP C   O    doub N N 35  
ASP C   OXT  sing N N 36  
ASP CB  CG   sing N N 37  
ASP CB  HB2  sing N N 38  
ASP CB  HB3  sing N N 39  
ASP CG  OD1  doub N N 40  
ASP CG  OD2  sing N N 41  
ASP OD2 HD2  sing N N 42  
ASP OXT HXT  sing N N 43  
CYS N   CA   sing N N 44  
CYS N   H    sing N N 45  
CYS N   H2   sing N N 46  
CYS CA  C    sing N N 47  
CYS CA  CB   sing N N 48  
CYS CA  HA   sing N N 49  
CYS C   O    doub N N 50  
CYS C   OXT  sing N N 51  
CYS CB  SG   sing N N 52  
CYS CB  HB2  sing N N 53  
CYS CB  HB3  sing N N 54  
CYS SG  HG   sing N N 55  
CYS OXT HXT  sing N N 56  
FWN C9  O10  sing N N 57  
FWN C9  C8   sing N N 58  
FWN O10 C11  sing N N 59  
FWN C11 C12  sing N N 60  
FWN C8  O7   sing N N 61  
FWN O7  C6   sing N N 62  
FWN O13 C12  sing N N 63  
FWN O13 C14  sing N N 64  
FWN C6  C5   sing N N 65  
FWN C1  C14  sing N N 66  
FWN C5  O4   sing N N 67  
FWN O4  H1   sing N N 68  
FWN C5  H2   sing N N 69  
FWN C5  H3   sing N N 70  
FWN C6  H4   sing N N 71  
FWN C6  H5   sing N N 72  
FWN C8  H6   sing N N 73  
FWN C8  H7   sing N N 74  
FWN C9  H8   sing N N 75  
FWN C9  H9   sing N N 76  
FWN C11 H10  sing N N 77  
FWN C11 H11  sing N N 78  
FWN C12 H12  sing N N 79  
FWN C12 H13  sing N N 80  
FWN C14 H14  sing N N 81  
FWN C14 H15  sing N N 82  
FWN C1  H16  sing N N 83  
FWN C1  H17  sing N N 84  
FWN C1  H18  sing N N 85  
FWQ O24 S71  doub N N 86  
FWQ C43 C50  sing N N 87  
FWQ C43 C40  sing N N 88  
FWQ C51 C52  doub Y N 89  
FWQ C51 C50  sing Y N 90  
FWQ S71 O23  doub N N 91  
FWQ S71 C52  sing N N 92  
FWQ S71 O22  sing N N 93  
FWQ C52 C53  sing Y N 94  
FWQ C50 C55  doub Y N 95  
FWQ O19 S70  doub N N 96  
FWQ C39 C40  doub Y N 97  
FWQ C39 C38  sing Y N 98  
FWQ O20 S70  doub N N 99  
FWQ C40 C41  sing Y N 100 
FWQ C55 O6   sing N N 101 
FWQ C55 C54  sing Y N 102 
FWQ C53 C54  doub Y N 103 
FWQ C54 C72  sing N N 104 
FWQ S70 C38  sing N N 105 
FWQ S70 O21  sing N N 106 
FWQ C38 C37  doub Y N 107 
FWQ C41 O5   sing N N 108 
FWQ C41 C36  doub Y N 109 
FWQ C72 C46  sing N N 110 
FWQ C37 C36  sing Y N 111 
FWQ C36 C29  sing N N 112 
FWQ C29 C20  sing N N 113 
FWQ C46 C45  doub Y N 114 
FWQ C46 C47  sing Y N 115 
FWQ O1  C45  sing N N 116 
FWQ O17 S69  doub N N 117 
FWQ C45 C44  sing Y N 118 
FWQ C19 C20  doub Y N 119 
FWQ C19 C18  sing Y N 120 
FWQ C47 C48  doub Y N 121 
FWQ C20 C21  sing Y N 122 
FWQ O16 S69  doub N N 123 
FWQ S69 C18  sing N N 124 
FWQ S69 O18  sing N N 125 
FWQ C18 C17  doub Y N 126 
FWQ C21 O4   sing N N 127 
FWQ C21 C16  doub Y N 128 
FWQ C44 C14  sing N N 129 
FWQ C44 C49  doub Y N 130 
FWQ C48 C49  sing Y N 131 
FWQ C48 S64  sing N N 132 
FWQ O9  S64  doub N N 133 
FWQ C14 C12  sing N N 134 
FWQ C17 C16  sing Y N 135 
FWQ S64 O7   doub N N 136 
FWQ S64 O8   sing N N 137 
FWQ C16 C15  sing N N 138 
FWQ O2  C13  sing N N 139 
FWQ C15 C4   sing N N 140 
FWQ C12 C13  doub Y N 141 
FWQ C12 C11  sing Y N 142 
FWQ O3  C3   sing N N 143 
FWQ C13 C8   sing Y N 144 
FWQ C11 C10  doub Y N 145 
FWQ C4  C3   doub Y N 146 
FWQ C4  C5   sing Y N 147 
FWQ C3  C2   sing Y N 148 
FWQ C8  C7   sing N N 149 
FWQ C8  C9   doub Y N 150 
FWQ C10 C9   sing Y N 151 
FWQ C10 S67  sing N N 152 
FWQ C2  C7   sing N N 153 
FWQ C2  C1   doub Y N 154 
FWQ C5  C6   doub Y N 155 
FWQ O10 S67  doub N N 156 
FWQ S67 O11  doub N N 157 
FWQ S67 O12  sing N N 158 
FWQ C1  C6   sing Y N 159 
FWQ C6  S68  sing N N 160 
FWQ O15 S68  doub N N 161 
FWQ S68 O13  doub N N 162 
FWQ S68 O14  sing N N 163 
FWQ C1  H1   sing N N 164 
FWQ C5  H2   sing N N 165 
FWQ C7  H3   sing N N 166 
FWQ C7  H4   sing N N 167 
FWQ C9  H5   sing N N 168 
FWQ C11 H6   sing N N 169 
FWQ C14 H7   sing N N 170 
FWQ C14 H8   sing N N 171 
FWQ C15 H9   sing N N 172 
FWQ C15 H10  sing N N 173 
FWQ C17 H11  sing N N 174 
FWQ C19 H12  sing N N 175 
FWQ C37 H13  sing N N 176 
FWQ C29 H14  sing N N 177 
FWQ C29 H15  sing N N 178 
FWQ C39 H16  sing N N 179 
FWQ C43 H17  sing N N 180 
FWQ C43 H18  sing N N 181 
FWQ C47 H19  sing N N 182 
FWQ C49 H20  sing N N 183 
FWQ C51 H21  sing N N 184 
FWQ C53 H22  sing N N 185 
FWQ O1  H23  sing N N 186 
FWQ O2  H24  sing N N 187 
FWQ O3  H25  sing N N 188 
FWQ O4  H26  sing N N 189 
FWQ O5  H27  sing N N 190 
FWQ O6  H28  sing N N 191 
FWQ C72 H29  sing N N 192 
FWQ C72 H30  sing N N 193 
GLU N   CA   sing N N 194 
GLU N   H    sing N N 195 
GLU N   H2   sing N N 196 
GLU CA  C    sing N N 197 
GLU CA  CB   sing N N 198 
GLU CA  HA   sing N N 199 
GLU C   O    doub N N 200 
GLU C   OXT  sing N N 201 
GLU CB  CG   sing N N 202 
GLU CB  HB2  sing N N 203 
GLU CB  HB3  sing N N 204 
GLU CG  CD   sing N N 205 
GLU CG  HG2  sing N N 206 
GLU CG  HG3  sing N N 207 
GLU CD  OE1  doub N N 208 
GLU CD  OE2  sing N N 209 
GLU OE2 HE2  sing N N 210 
GLU OXT HXT  sing N N 211 
GLY N   CA   sing N N 212 
GLY N   H    sing N N 213 
GLY N   H2   sing N N 214 
GLY CA  C    sing N N 215 
GLY CA  HA2  sing N N 216 
GLY CA  HA3  sing N N 217 
GLY C   O    doub N N 218 
GLY C   OXT  sing N N 219 
GLY OXT HXT  sing N N 220 
GOL C1  O1   sing N N 221 
GOL C1  C2   sing N N 222 
GOL C1  H11  sing N N 223 
GOL C1  H12  sing N N 224 
GOL O1  HO1  sing N N 225 
GOL C2  O2   sing N N 226 
GOL C2  C3   sing N N 227 
GOL C2  H2   sing N N 228 
GOL O2  HO2  sing N N 229 
GOL C3  O3   sing N N 230 
GOL C3  H31  sing N N 231 
GOL C3  H32  sing N N 232 
GOL O3  HO3  sing N N 233 
HOH O   H1   sing N N 234 
HOH O   H2   sing N N 235 
ILE N   CA   sing N N 236 
ILE N   H    sing N N 237 
ILE N   H2   sing N N 238 
ILE CA  C    sing N N 239 
ILE CA  CB   sing N N 240 
ILE CA  HA   sing N N 241 
ILE C   O    doub N N 242 
ILE C   OXT  sing N N 243 
ILE CB  CG1  sing N N 244 
ILE CB  CG2  sing N N 245 
ILE CB  HB   sing N N 246 
ILE CG1 CD1  sing N N 247 
ILE CG1 HG12 sing N N 248 
ILE CG1 HG13 sing N N 249 
ILE CG2 HG21 sing N N 250 
ILE CG2 HG22 sing N N 251 
ILE CG2 HG23 sing N N 252 
ILE CD1 HD11 sing N N 253 
ILE CD1 HD12 sing N N 254 
ILE CD1 HD13 sing N N 255 
ILE OXT HXT  sing N N 256 
LYS N   CA   sing N N 257 
LYS N   H    sing N N 258 
LYS N   H2   sing N N 259 
LYS CA  C    sing N N 260 
LYS CA  CB   sing N N 261 
LYS CA  HA   sing N N 262 
LYS C   O    doub N N 263 
LYS C   OXT  sing N N 264 
LYS CB  CG   sing N N 265 
LYS CB  HB2  sing N N 266 
LYS CB  HB3  sing N N 267 
LYS CG  CD   sing N N 268 
LYS CG  HG2  sing N N 269 
LYS CG  HG3  sing N N 270 
LYS CD  CE   sing N N 271 
LYS CD  HD2  sing N N 272 
LYS CD  HD3  sing N N 273 
LYS CE  NZ   sing N N 274 
LYS CE  HE2  sing N N 275 
LYS CE  HE3  sing N N 276 
LYS NZ  HZ1  sing N N 277 
LYS NZ  HZ2  sing N N 278 
LYS NZ  HZ3  sing N N 279 
LYS OXT HXT  sing N N 280 
PHE N   CA   sing N N 281 
PHE N   H    sing N N 282 
PHE N   H2   sing N N 283 
PHE CA  C    sing N N 284 
PHE CA  CB   sing N N 285 
PHE CA  HA   sing N N 286 
PHE C   O    doub N N 287 
PHE C   OXT  sing N N 288 
PHE CB  CG   sing N N 289 
PHE CB  HB2  sing N N 290 
PHE CB  HB3  sing N N 291 
PHE CG  CD1  doub Y N 292 
PHE CG  CD2  sing Y N 293 
PHE CD1 CE1  sing Y N 294 
PHE CD1 HD1  sing N N 295 
PHE CD2 CE2  doub Y N 296 
PHE CD2 HD2  sing N N 297 
PHE CE1 CZ   doub Y N 298 
PHE CE1 HE1  sing N N 299 
PHE CE2 CZ   sing Y N 300 
PHE CE2 HE2  sing N N 301 
PHE CZ  HZ   sing N N 302 
PHE OXT HXT  sing N N 303 
PRO N   CA   sing N N 304 
PRO N   CD   sing N N 305 
PRO N   H    sing N N 306 
PRO CA  C    sing N N 307 
PRO CA  CB   sing N N 308 
PRO CA  HA   sing N N 309 
PRO C   O    doub N N 310 
PRO C   OXT  sing N N 311 
PRO CB  CG   sing N N 312 
PRO CB  HB2  sing N N 313 
PRO CB  HB3  sing N N 314 
PRO CG  CD   sing N N 315 
PRO CG  HG2  sing N N 316 
PRO CG  HG3  sing N N 317 
PRO CD  HD2  sing N N 318 
PRO CD  HD3  sing N N 319 
PRO OXT HXT  sing N N 320 
SER N   CA   sing N N 321 
SER N   H    sing N N 322 
SER N   H2   sing N N 323 
SER CA  C    sing N N 324 
SER CA  CB   sing N N 325 
SER CA  HA   sing N N 326 
SER C   O    doub N N 327 
SER C   OXT  sing N N 328 
SER CB  OG   sing N N 329 
SER CB  HB2  sing N N 330 
SER CB  HB3  sing N N 331 
SER OG  HG   sing N N 332 
SER OXT HXT  sing N N 333 
THR N   CA   sing N N 334 
THR N   H    sing N N 335 
THR N   H2   sing N N 336 
THR CA  C    sing N N 337 
THR CA  CB   sing N N 338 
THR CA  HA   sing N N 339 
THR C   O    doub N N 340 
THR C   OXT  sing N N 341 
THR CB  OG1  sing N N 342 
THR CB  CG2  sing N N 343 
THR CB  HB   sing N N 344 
THR OG1 HG1  sing N N 345 
THR CG2 HG21 sing N N 346 
THR CG2 HG22 sing N N 347 
THR CG2 HG23 sing N N 348 
THR OXT HXT  sing N N 349 
TYR N   CA   sing N N 350 
TYR N   H    sing N N 351 
TYR N   H2   sing N N 352 
TYR CA  C    sing N N 353 
TYR CA  CB   sing N N 354 
TYR CA  HA   sing N N 355 
TYR C   O    doub N N 356 
TYR C   OXT  sing N N 357 
TYR CB  CG   sing N N 358 
TYR CB  HB2  sing N N 359 
TYR CB  HB3  sing N N 360 
TYR CG  CD1  doub Y N 361 
TYR CG  CD2  sing Y N 362 
TYR CD1 CE1  sing Y N 363 
TYR CD1 HD1  sing N N 364 
TYR CD2 CE2  doub Y N 365 
TYR CD2 HD2  sing N N 366 
TYR CE1 CZ   doub Y N 367 
TYR CE1 HE1  sing N N 368 
TYR CE2 CZ   sing Y N 369 
TYR CE2 HE2  sing N N 370 
TYR CZ  OH   sing N N 371 
TYR OH  HH   sing N N 372 
TYR OXT HXT  sing N N 373 
VAL N   CA   sing N N 374 
VAL N   H    sing N N 375 
VAL N   H2   sing N N 376 
VAL CA  C    sing N N 377 
VAL CA  CB   sing N N 378 
VAL CA  HA   sing N N 379 
VAL C   O    doub N N 380 
VAL C   OXT  sing N N 381 
VAL CB  CG1  sing N N 382 
VAL CB  CG2  sing N N 383 
VAL CB  HB   sing N N 384 
VAL CG1 HG11 sing N N 385 
VAL CG1 HG12 sing N N 386 
VAL CG1 HG13 sing N N 387 
VAL CG2 HG21 sing N N 388 
VAL CG2 HG22 sing N N 389 
VAL CG2 HG23 sing N N 390 
VAL OXT HXT  sing N N 391 
# 
loop_
_pdbx_audit_support.funding_organization 
_pdbx_audit_support.country 
_pdbx_audit_support.grant_number 
_pdbx_audit_support.ordinal 
'Science Foundation Ireland' Ireland 13/CDA/2168  1 
'Science Foundation Ireland' Ireland 13/ERC/B2912 2 
# 
_pdbx_initial_refinement_model.accession_code   ? 
_pdbx_initial_refinement_model.id               1 
_pdbx_initial_refinement_model.entity_id_list   ? 
_pdbx_initial_refinement_model.type             other 
_pdbx_initial_refinement_model.source_name      ? 
_pdbx_initial_refinement_model.details          
'PAF-p-sulfonatocalix[4]arene structure (but devoid of the p-sulfonatocalix[4]arene)' 
# 
_atom_sites.entry_id                    6HAH 
_atom_sites.fract_transf_matrix[1][1]   -0.00376413 
_atom_sites.fract_transf_matrix[1][2]   -0.00767046 
_atom_sites.fract_transf_matrix[1][3]   0.04277917 
_atom_sites.fract_transf_matrix[2][1]   0.00896235 
_atom_sites.fract_transf_matrix[2][2]   0.02378292 
_atom_sites.fract_transf_matrix[2][3]   0.00505296 
_atom_sites.fract_transf_matrix[3][1]   -0.03316249 
_atom_sites.fract_transf_matrix[3][2]   0.00973772 
_atom_sites.fract_transf_matrix[3][3]   0.01298694 
_atom_sites.fract_transf_vector[1]      1.133917 
_atom_sites.fract_transf_vector[2]      0.203843 
_atom_sites.fract_transf_vector[3]      1.413912 
# 
loop_
_atom_type.symbol 
C  
N  
NA 
O  
S  
# 
loop_
_atom_site.group_PDB 
_atom_site.id 
_atom_site.type_symbol 
_atom_site.label_atom_id 
_atom_site.label_alt_id 
_atom_site.label_comp_id 
_atom_site.label_asym_id 
_atom_site.label_entity_id 
_atom_site.label_seq_id 
_atom_site.pdbx_PDB_ins_code 
_atom_site.Cartn_x 
_atom_site.Cartn_y 
_atom_site.Cartn_z 
_atom_site.occupancy 
_atom_site.B_iso_or_equiv 
_atom_site.pdbx_formal_charge 
_atom_site.auth_seq_id 
_atom_site.auth_comp_id 
_atom_site.auth_asym_id 
_atom_site.auth_atom_id 
_atom_site.pdbx_PDB_model_num 
ATOM   1   N  N   . ALA A 1 1  ? -8.654  -5.554  10.187  1.00 46.28 ? 1   ALA A N   1 
ATOM   2   C  CA  . ALA A 1 1  ? -8.610  -4.111  9.952   1.00 41.57 ? 1   ALA A CA  1 
ATOM   3   C  C   . ALA A 1 1  ? -7.917  -3.816  8.615   1.00 39.34 ? 1   ALA A C   1 
ATOM   4   O  O   . ALA A 1 1  ? -6.692  -3.728  8.552   1.00 37.62 ? 1   ALA A O   1 
ATOM   5   C  CB  . ALA A 1 1  ? -7.896  -3.419  11.106  1.00 42.64 ? 1   ALA A CB  1 
ATOM   6   N  N   . LYS A 1 2  ? -8.715  -3.745  7.542   1.00 31.20 ? 2   LYS A N   1 
ATOM   7   C  CA  . LYS A 1 2  ? -8.226  -3.712  6.169   1.00 29.65 ? 2   LYS A CA  1 
ATOM   8   C  C   . LYS A 1 2  ? -8.467  -2.360  5.515   1.00 28.78 ? 2   LYS A C   1 
ATOM   9   O  O   . LYS A 1 2  ? -9.537  -1.776  5.670   1.00 32.56 ? 2   LYS A O   1 
ATOM   10  C  CB  . LYS A 1 2  ? -8.918  -4.804  5.347   1.00 32.17 ? 2   LYS A CB  1 
ATOM   11  C  CG  . LYS A 1 2  ? -8.659  -6.212  5.872   1.00 33.95 ? 2   LYS A CG  1 
ATOM   12  C  CD  . LYS A 1 2  ? -9.810  -7.157  5.565   1.00 44.26 ? 2   LYS A CD  1 
ATOM   13  C  CE  . LYS A 1 2  ? -9.756  -8.405  6.407   1.00 50.69 ? 2   LYS A CE  1 
ATOM   14  N  NZ  . LYS A 1 2  ? -8.527  -9.201  6.144   1.00 59.37 ? 2   LYS A NZ  1 
ATOM   15  N  N   . TYR A 1 3  ? -7.495  -1.891  4.743   1.00 16.44 ? 3   TYR A N   1 
ATOM   16  C  CA  . TYR A 1 3  ? -7.636  -0.632  4.048   1.00 15.40 ? 3   TYR A CA  1 
ATOM   17  C  C   . TYR A 1 3  ? -7.254  -0.860  2.595   1.00 11.36 ? 3   TYR A C   1 
ATOM   18  O  O   . TYR A 1 3  ? -6.388  -1.701  2.265   1.00 12.78 ? 3   TYR A O   1 
ATOM   19  C  CB  . TYR A 1 3  ? -6.711  0.451   4.647   1.00 16.17 ? 3   TYR A CB  1 
ATOM   20  C  CG  . TYR A 1 3  ? -7.022  0.863   6.072   1.00 19.01 ? 3   TYR A CG  1 
ATOM   21  C  CD1 . TYR A 1 3  ? -8.038  1.770   6.349   1.00 20.89 ? 3   TYR A CD1 1 
ATOM   22  C  CD2 . TYR A 1 3  ? -6.231  0.434   7.129   1.00 21.22 ? 3   TYR A CD2 1 
ATOM   23  C  CE1 . TYR A 1 3  ? -8.338  2.140   7.657   1.00 23.03 ? 3   TYR A CE1 1 
ATOM   24  C  CE2 . TYR A 1 3  ? -6.523  0.795   8.441   1.00 24.16 ? 3   TYR A CE2 1 
ATOM   25  C  CZ  . TYR A 1 3  ? -7.537  1.700   8.692   1.00 30.77 ? 3   TYR A CZ  1 
ATOM   26  O  OH  . TYR A 1 3  ? -7.719  2.211   9.953   1.00 31.13 ? 3   TYR A OH  1 
ATOM   27  N  N   . THR A 1 4  ? -7.872  -0.079  1.727   1.00 11.37 ? 4   THR A N   1 
ATOM   28  C  CA  . THR A 1 4  ? -7.438  0.047   0.352   1.00 9.56  ? 4   THR A CA  1 
ATOM   29  C  C   . THR A 1 4  ? -6.789  1.407   0.228   1.00 12.96 ? 4   THR A C   1 
ATOM   30  O  O   . THR A 1 4  ? -7.282  2.407   0.755   1.00 14.02 ? 4   THR A O   1 
ATOM   31  C  CB  . THR A 1 4  ? -8.642  -0.043  -0.594  1.00 15.01 ? 4   THR A CB  1 
ATOM   32  O  OG1 . THR A 1 4  ? -9.256  -1.316  -0.406  1.00 17.43 ? 4   THR A OG1 1 
ATOM   33  C  CG2 . THR A 1 4  ? -8.254  0.139   -2.067  1.00 14.38 ? 4   THR A CG2 1 
ATOM   34  N  N   . GLY A 1 5  ? -5.694  1.454   -0.495  1.00 8.43  ? 5   GLY A N   1 
ATOM   35  C  CA  . GLY A 1 5  ? -5.024  2.701   -0.793  1.00 8.75  ? 5   GLY A CA  1 
ATOM   36  C  C   . GLY A 1 5  ? -4.642  2.757   -2.254  1.00 8.07  ? 5   GLY A C   1 
ATOM   37  O  O   . GLY A 1 5  ? -5.097  1.943   -3.084  1.00 10.14 ? 5   GLY A O   1 
ATOM   38  N  N   . LYS A 1 6  ? -3.787  3.738   -2.578  1.00 9.29  ? 6   LYS A N   1 
ATOM   39  C  CA  . LYS A 1 6  ? -3.173  3.873   -3.890  1.00 9.83  ? 6   LYS A CA  1 
ATOM   40  C  C   . LYS A 1 6  ? -1.652  3.902   -3.742  1.00 10.41 ? 6   LYS A C   1 
ATOM   41  O  O   . LYS A 1 6  ? -1.145  4.507   -2.794  1.00 10.07 ? 6   LYS A O   1 
ATOM   42  C  CB  . LYS A 1 6  ? -3.662  5.170   -4.585  1.00 13.35 ? 6   LYS A CB  1 
ATOM   43  C  CG  . LYS A 1 6  ? -5.186  5.282   -4.610  1.00 22.02 ? 6   LYS A CG  1 
ATOM   44  C  CD  . LYS A 1 6  ? -5.805  4.401   -5.686  1.00 30.58 ? 6   LYS A CD  1 
ATOM   45  C  CE  . LYS A 1 6  ? -6.261  5.215   -6.872  1.00 44.63 ? 6   LYS A CE  1 
ATOM   46  N  NZ  . LYS A 1 6  ? -7.673  5.653   -6.735  1.00 55.32 ? 6   LYS A NZ  1 
ATOM   47  N  N   . CYS A 1 7  ? -0.920  3.241   -4.648  1.00 10.27 ? 7   CYS A N   1 
ATOM   48  C  CA  . CYS A 1 7  ? 0.531   3.163   -4.528  1.00 10.03 ? 7   CYS A CA  1 
ATOM   49  C  C   . CYS A 1 7  ? 1.265   4.045   -5.522  1.00 11.96 ? 7   CYS A C   1 
ATOM   50  O  O   . CYS A 1 7  ? 0.712   4.428   -6.557  1.00 15.31 ? 7   CYS A O   1 
ATOM   51  C  CB  . CYS A 1 7  ? 1.021   1.711   -4.601  1.00 9.72  ? 7   CYS A CB  1 
ATOM   52  S  SG  . CYS A 1 7  ? 0.811   0.889   -6.213  1.00 15.42 ? 7   CYS A SG  1 
ATOM   53  N  N   . THR A 1 8  ? 2.518   4.359   -5.216  1.00 14.14 ? 8   THR A N   1 
ATOM   54  C  CA  . THR A 1 8  ? 3.349   5.094   -6.175  1.00 16.37 ? 8   THR A CA  1 
ATOM   55  C  C   . THR A 1 8  ? 4.502   4.204   -6.592  1.00 19.71 ? 8   THR A C   1 
ATOM   56  O  O   . THR A 1 8  ? 5.065   3.518   -5.751  1.00 17.94 ? 8   THR A O   1 
ATOM   57  C  CB  . THR A 1 8  ? 3.876   6.405   -5.575  1.00 24.74 ? 8   THR A CB  1 
ATOM   58  O  OG1 . THR A 1 8  ? 4.731   6.090   -4.482  1.00 23.92 ? 8   THR A OG1 1 
ATOM   59  C  CG2 . THR A 1 8  ? 2.773   7.320   -5.120  1.00 30.89 ? 8   THR A CG2 1 
ATOM   60  N  N   . LYS A 1 9  ? 4.874   4.232   -7.878  1.00 19.61 ? 9   LYS A N   1 
ATOM   61  C  CA  . LYS A 1 9  ? 5.871   3.309   -8.416  1.00 21.57 ? 9   LYS A CA  1 
ATOM   62  C  C   . LYS A 1 9  ? 7.290   3.711   -7.965  1.00 24.57 ? 9   LYS A C   1 
ATOM   63  O  O   . LYS A 1 9  ? 8.041   2.846   -7.521  1.00 26.92 ? 9   LYS A O   1 
ATOM   64  C  CB  . LYS A 1 9  ? 5.793   3.266   -9.955  1.00 29.48 ? 9   LYS A CB  1 
ATOM   65  C  CG  . LYS A 1 9  ? 6.808   2.315   -10.569 1.00 33.90 ? 9   LYS A CG  1 
ATOM   66  C  CD  . LYS A 1 9  ? 6.449   1.880   -11.998 1.00 39.82 ? 9   LYS A CD  1 
ATOM   67  C  CE  . LYS A 1 9  ? 6.735   2.897   -13.082 1.00 46.86 ? 9   LYS A CE  1 
ATOM   68  N  NZ  . LYS A 1 9  ? 6.152   2.491   -14.402 1.00 47.90 ? 9   LYS A NZ  1 
ATOM   69  N  N   . SER A 1 10 ? 7.637   5.012   -8.010  1.00 25.20 ? 10  SER A N   1 
ATOM   70  C  CA  . SER A 1 10 ? 8.997   5.467   -7.690  1.00 28.62 ? 10  SER A CA  1 
ATOM   71  C  C   . SER A 1 10 ? 9.429   5.001   -6.311  1.00 26.47 ? 10  SER A C   1 
ATOM   72  O  O   . SER A 1 10 ? 10.542  4.507   -6.122  1.00 26.69 ? 10  SER A O   1 
ATOM   73  C  CB  . SER A 1 10 ? 9.086   6.996   -7.724  1.00 33.25 ? 10  SER A CB  1 
ATOM   74  O  OG  . SER A 1 10 ? 8.910   7.533   -9.025  1.00 45.03 ? 10  SER A OG  1 
ATOM   75  N  N   . LYS A 1 11 ? 8.616   5.334   -5.327  1.00 20.21 ? 11  LYS A N   1 
ATOM   76  C  CA  . LYS A 1 11 ? 8.908   5.014   -3.933  1.00 17.20 ? 11  LYS A CA  1 
ATOM   77  C  C   . LYS A 1 11 ? 8.421   3.617   -3.509  1.00 18.47 ? 11  LYS A C   1 
ATOM   78  O  O   . LYS A 1 11 ? 8.737   3.199   -2.391  1.00 18.68 ? 11  LYS A O   1 
ATOM   79  C  CB  . LYS A 1 11 ? 8.309   6.097   -3.033  1.00 19.55 ? 11  LYS A CB  1 
ATOM   80  C  CG  . LYS A 1 11 ? 8.951   7.452   -3.313  1.00 27.16 ? 11  LYS A CG  1 
ATOM   81  C  CD  . LYS A 1 11 ? 8.544   8.499   -2.306  1.00 38.89 ? 11  LYS A CD  1 
ATOM   82  C  CE  . LYS A 1 11 ? 7.464   9.419   -2.820  1.00 51.86 ? 11  LYS A CE  1 
ATOM   83  N  NZ  . LYS A 1 11 ? 7.271   10.601  -1.937  1.00 56.97 ? 11  LYS A NZ  1 
ATOM   84  N  N   . ASN A 1 12 ? 7.627   2.920   -4.349  1.00 15.60 ? 12  ASN A N   1 
ATOM   85  C  CA  . ASN A 1 12 ? 7.115   1.587   -4.030  1.00 14.22 ? 12  ASN A CA  1 
ATOM   86  C  C   . ASN A 1 12 ? 6.421   1.640   -2.685  1.00 13.95 ? 12  ASN A C   1 
ATOM   87  O  O   . ASN A 1 12 ? 6.709   0.844   -1.802  1.00 13.35 ? 12  ASN A O   1 
ATOM   88  C  CB  . ASN A 1 12 ? 8.216   0.523   -4.038  1.00 15.51 ? 12  ASN A CB  1 
ATOM   89  C  CG  . ASN A 1 12 ? 7.653   -0.876  -4.157  1.00 19.26 ? 12  ASN A CG  1 
ATOM   90  O  OD1 . ASN A 1 12 ? 6.501   -1.073  -4.600  1.00 18.70 ? 12  ASN A OD1 1 
ATOM   91  N  ND2 . ASN A 1 12 ? 8.372   -1.868  -3.662  1.00 21.73 ? 12  ASN A ND2 1 
ATOM   92  N  N   A GLU A 1 13 ? 5.450   2.532   -2.573  0.60 12.07 ? 13  GLU A N   1 
ATOM   93  N  N   B GLU A 1 13 ? 5.476   2.562   -2.536  0.40 10.53 ? 13  GLU A N   1 
ATOM   94  C  CA  A GLU A 1 13 ? 4.746   2.758   -1.315  0.60 10.04 ? 13  GLU A CA  1 
ATOM   95  C  CA  B GLU A 1 13 ? 4.777   2.727   -1.263  0.40 8.05  ? 13  GLU A CA  1 
ATOM   96  C  C   A GLU A 1 13 ? 3.260   2.702   -1.506  0.60 10.33 ? 13  GLU A C   1 
ATOM   97  C  C   B GLU A 1 13 ? 3.282   2.780   -1.468  0.40 10.04 ? 13  GLU A C   1 
ATOM   98  O  O   A GLU A 1 13 ? 2.781   3.132   -2.542  0.60 8.39  ? 13  GLU A O   1 
ATOM   99  O  O   B GLU A 1 13 ? 2.823   3.270   -2.496  0.40 8.38  ? 13  GLU A O   1 
ATOM   100 C  CB  A GLU A 1 13 ? 5.112   4.141   -0.799  0.60 12.40 ? 13  GLU A CB  1 
ATOM   101 C  CB  B GLU A 1 13 ? 5.255   4.006   -0.570  0.40 9.74  ? 13  GLU A CB  1 
ATOM   102 C  CG  A GLU A 1 13 ? 6.513   4.201   -0.244  0.60 19.47 ? 13  GLU A CG  1 
ATOM   103 C  CG  B GLU A 1 13 ? 4.756   5.278   -1.230  0.40 7.99  ? 13  GLU A CG  1 
ATOM   104 C  CD  A GLU A 1 13 ? 6.841   5.540   0.373   0.60 27.44 ? 13  GLU A CD  1 
ATOM   105 C  CD  B GLU A 1 13 ? 5.317   6.542   -0.613  0.40 18.38 ? 13  GLU A CD  1 
ATOM   106 O  OE1 A GLU A 1 13 ? 6.167   6.543   0.033   0.60 12.28 ? 13  GLU A OE1 1 
ATOM   107 O  OE1 B GLU A 1 13 ? 6.230   6.438   0.234   0.40 27.92 ? 13  GLU A OE1 1 
ATOM   108 O  OE2 A GLU A 1 13 ? 7.802   5.589   1.173   0.60 24.77 ? 13  GLU A OE2 1 
ATOM   109 O  OE2 B GLU A 1 13 ? 4.835   7.639   -0.972  0.40 18.09 ? 13  GLU A OE2 1 
ATOM   110 N  N   . CYS A 1 14 ? 2.530   2.419   -0.424  1.00 7.12  ? 14  CYS A N   1 
ATOM   111 C  CA  . CYS A 1 14 ? 1.071   2.450   -0.411  1.00 6.54  ? 14  CYS A CA  1 
ATOM   112 C  C   . CYS A 1 14 ? 0.624   3.602   0.482   1.00 6.91  ? 14  CYS A C   1 
ATOM   113 O  O   . CYS A 1 14 ? 1.043   3.694   1.645   1.00 6.68  ? 14  CYS A O   1 
ATOM   114 C  CB  . CYS A 1 14 ? 0.578   1.122   0.142   1.00 6.06  ? 14  CYS A CB  1 
ATOM   115 S  SG  . CYS A 1 14 ? -1.215  0.949   0.188   1.00 8.18  ? 14  CYS A SG  1 
ATOM   116 N  N   . LYS A 1 15 ? -0.254  4.450   -0.022  1.00 5.66  ? 15  LYS A N   1 
ATOM   117 C  CA  . LYS A 1 15 ? -0.828  5.541   0.770   1.00 5.42  ? 15  LYS A CA  1 
ATOM   118 C  C   . LYS A 1 15 ? -2.254  5.213   1.035   1.00 6.56  ? 15  LYS A C   1 
ATOM   119 O  O   . LYS A 1 15 ? -3.030  4.983   0.088   1.00 9.14  ? 15  LYS A O   1 
ATOM   120 C  CB  . LYS A 1 15 ? -0.731  6.862   -0.007  1.00 9.12  ? 15  LYS A CB  1 
ATOM   121 C  CG  . LYS A 1 15 ? -1.314  8.066   0.716   1.00 12.96 ? 15  LYS A CG  1 
ATOM   122 C  CD  . LYS A 1 15 ? -1.417  9.218   -0.251  1.00 16.10 ? 15  LYS A CD  1 
ATOM   123 C  CE  . LYS A 1 15 ? -1.801  10.483  0.444   1.00 15.52 ? 15  LYS A CE  1 
ATOM   124 N  NZ  . LYS A 1 15 ? -1.868  11.613  -0.518  1.00 18.20 ? 15  LYS A NZ  1 
ATOM   125 N  N   . TYR A 1 16 ? -2.616  5.176   2.316   1.00 7.63  ? 16  TYR A N   1 
ATOM   126 C  CA  . TYR A 1 16 ? -3.983  4.878   2.664   1.00 8.56  ? 16  TYR A CA  1 
ATOM   127 C  C   . TYR A 1 16 ? -4.414  5.819   3.738   1.00 12.45 ? 16  TYR A C   1 
ATOM   128 O  O   . TYR A 1 16 ? -3.591  6.332   4.503   1.00 12.84 ? 16  TYR A O   1 
ATOM   129 C  CB  . TYR A 1 16 ? -4.136  3.409   3.074   1.00 9.36  ? 16  TYR A CB  1 
ATOM   130 C  CG  . TYR A 1 16 ? -3.523  3.070   4.411   1.00 11.84 ? 16  TYR A CG  1 
ATOM   131 C  CD1 . TYR A 1 16 ? -2.164  2.821   4.528   1.00 13.85 ? 16  TYR A CD1 1 
ATOM   132 C  CD2 . TYR A 1 16 ? -4.303  3.005   5.558   1.00 16.02 ? 16  TYR A CD2 1 
ATOM   133 C  CE1 . TYR A 1 16 ? -1.599  2.476   5.751   1.00 20.13 ? 16  TYR A CE1 1 
ATOM   134 C  CE2 . TYR A 1 16 ? -3.745  2.685   6.788   1.00 17.45 ? 16  TYR A CE2 1 
ATOM   135 C  CZ  . TYR A 1 16 ? -2.403  2.372   6.871   1.00 19.97 ? 16  TYR A CZ  1 
ATOM   136 O  OH  . TYR A 1 16 ? -1.861  2.074   8.099   1.00 25.73 ? 16  TYR A OH  1 
ATOM   137 N  N   . LYS A 1 17 ? -5.696  6.143   3.740   1.00 12.82 ? 17  LYS A N   1 
ATOM   138 C  CA  . LYS A 1 17 ? -6.246  6.997   4.759   1.00 16.62 ? 17  LYS A CA  1 
ATOM   139 C  C   . LYS A 1 17 ? -6.684  6.106   5.900   1.00 15.65 ? 17  LYS A C   1 
ATOM   140 O  O   . LYS A 1 17 ? -7.570  5.279   5.704   1.00 17.56 ? 17  LYS A O   1 
ATOM   141 C  CB  . LYS A 1 17 ? -7.447  7.762   4.208   1.00 19.52 ? 17  LYS A CB  1 
ATOM   142 C  CG  . LYS A 1 17 ? -7.828  8.941   5.063   1.00 29.97 ? 17  LYS A CG  1 
ATOM   143 C  CD  . LYS A 1 17 ? -9.023  9.681   4.491   1.00 45.08 ? 17  LYS A CD  1 
ATOM   144 C  CE  . LYS A 1 17 ? -8.708  10.433  3.225   1.00 51.92 ? 17  LYS A CE  1 
ATOM   145 N  NZ  . LYS A 1 17 ? -7.571  11.373  3.388   1.00 54.09 ? 17  LYS A NZ  1 
ATOM   146 N  N   . ASN A 1 18 ? -6.142  6.315   7.103   1.00 18.15 ? 18  ASN A N   1 
ATOM   147 C  CA  . ASN A 1 18 ? -6.547  5.507   8.255   1.00 19.98 ? 18  ASN A CA  1 
ATOM   148 C  C   . ASN A 1 18 ? -7.918  5.924   8.811   1.00 24.53 ? 18  ASN A C   1 
ATOM   149 O  O   . ASN A 1 18 ? -8.540  6.844   8.279   1.00 22.58 ? 18  ASN A O   1 
ATOM   150 C  CB  . ASN A 1 18 ? -5.447  5.518   9.336   1.00 20.34 ? 18  ASN A CB  1 
ATOM   151 C  CG  . ASN A 1 18 ? -5.296  6.819   10.090  1.00 19.87 ? 18  ASN A CG  1 
ATOM   152 O  OD1 . ASN A 1 18 ? -6.116  7.746   9.980   1.00 23.84 ? 18  ASN A OD1 1 
ATOM   153 N  ND2 . ASN A 1 18 ? -4.285  6.892   10.950  1.00 25.34 ? 18  ASN A ND2 1 
ATOM   154 N  N   . ASP A 1 19 ? -8.432  5.209   9.828   1.00 28.14 ? 19  ASP A N   1 
ATOM   155 C  CA  . ASP A 1 19 ? -9.762  5.481   10.397  1.00 30.64 ? 19  ASP A CA  1 
ATOM   156 C  C   . ASP A 1 19 ? -9.913  6.925   10.906  1.00 32.90 ? 19  ASP A C   1 
ATOM   157 O  O   . ASP A 1 19 ? -11.034 7.451   10.966  1.00 33.11 ? 19  ASP A O   1 
ATOM   158 C  CB  . ASP A 1 19 ? -10.050 4.506   11.553  1.00 35.32 ? 19  ASP A CB  1 
ATOM   159 C  CG  . ASP A 1 19 ? -10.443 3.103   11.132  1.00 46.88 ? 19  ASP A CG  1 
ATOM   160 O  OD1 . ASP A 1 19 ? -10.913 2.935   9.988   1.00 46.11 ? 19  ASP A OD1 1 
ATOM   161 O  OD2 . ASP A 1 19 ? -10.305 2.177   11.960  1.00 53.18 ? 19  ASP A OD2 1 
ATOM   162 N  N   . ALA A 1 20 ? -8.788  7.535   11.340  1.00 31.40 ? 20  ALA A N   1 
ATOM   163 C  CA  . ALA A 1 20 ? -8.759  8.913   11.841  1.00 33.57 ? 20  ALA A CA  1 
ATOM   164 C  C   . ALA A 1 20 ? -8.731  9.945   10.705  1.00 34.43 ? 20  ALA A C   1 
ATOM   165 O  O   . ALA A 1 20 ? -8.605  11.144  10.963  1.00 35.39 ? 20  ALA A O   1 
ATOM   166 C  CB  . ALA A 1 20 ? -7.544  9.104   12.740  1.00 34.16 ? 20  ALA A CB  1 
ATOM   167 N  N   . GLY A 1 21 ? -8.750  9.470   9.464   1.00 29.42 ? 21  GLY A N   1 
ATOM   168 C  CA  . GLY A 1 21 ? -8.727  10.331  8.297   1.00 30.35 ? 21  GLY A CA  1 
ATOM   169 C  C   . GLY A 1 21 ? -7.328  10.761  7.911   1.00 31.56 ? 21  GLY A C   1 
ATOM   170 O  O   . GLY A 1 21 ? -7.176  11.642  7.064   1.00 34.37 ? 21  GLY A O   1 
ATOM   171 N  N   . LYS A 1 22 ? -6.292  10.177  8.543   1.00 22.59 ? 22  LYS A N   1 
ATOM   172 C  CA  . LYS A 1 22 ? -4.920  10.609  8.275   1.00 19.67 ? 22  LYS A CA  1 
ATOM   173 C  C   . LYS A 1 22 ? -4.279  9.735   7.208   1.00 17.55 ? 22  LYS A C   1 
ATOM   174 O  O   . LYS A 1 22 ? -4.232  8.509   7.333   1.00 15.20 ? 22  LYS A O   1 
ATOM   175 C  CB  . LYS A 1 22 ? -4.046  10.589  9.541   1.00 23.57 ? 22  LYS A CB  1 
ATOM   176 C  CG  . LYS A 1 22 ? -2.656  11.172  9.276   1.00 23.81 ? 22  LYS A CG  1 
ATOM   177 C  CD  . LYS A 1 22 ? -1.955  11.629  10.531  1.00 32.85 ? 22  LYS A CD  1 
ATOM   178 C  CE  . LYS A 1 22 ? -0.545  12.114  10.270  1.00 34.67 ? 22  LYS A CE  1 
ATOM   179 N  NZ  . LYS A 1 22 ? -0.494  13.454  9.617   1.00 31.46 ? 22  LYS A NZ  1 
ATOM   180 N  N   . ASP A 1 23 ? -3.689  10.376  6.207   1.00 16.30 ? 23  ASP A N   1 
ATOM   181 C  CA  . ASP A 1 23 ? -2.978  9.658   5.166   1.00 14.08 ? 23  ASP A CA  1 
ATOM   182 C  C   . ASP A 1 23 ? -1.666  9.098   5.711   1.00 13.07 ? 23  ASP A C   1 
ATOM   183 O  O   . ASP A 1 23 ? -0.943  9.779   6.438   1.00 13.25 ? 23  ASP A O   1 
ATOM   184 C  CB  . ASP A 1 23 ? -2.732  10.559  3.947   1.00 19.58 ? 23  ASP A CB  1 
ATOM   185 C  CG  . ASP A 1 23 ? -4.013  11.036  3.296   1.00 26.08 ? 23  ASP A CG  1 
ATOM   186 O  OD1 . ASP A 1 23 ? -4.956  10.229  3.180   1.00 20.03 ? 23  ASP A OD1 1 
ATOM   187 O  OD2 . ASP A 1 23 ? -4.078  12.221  2.912   1.00 39.73 ? 23  ASP A OD2 1 
ATOM   188 N  N   . THR A 1 24 ? -1.449  7.811   5.463   1.00 9.58  ? 24  THR A N   1 
ATOM   189 C  CA  . THR A 1 24 ? -0.364  7.061   6.035   1.00 10.10 ? 24  THR A CA  1 
ATOM   190 C  C   . THR A 1 24 ? 0.320   6.335   4.873   1.00 11.26 ? 24  THR A C   1 
ATOM   191 O  O   . THR A 1 24 ? -0.359  5.804   3.984   1.00 8.78  ? 24  THR A O   1 
ATOM   192 C  CB  . THR A 1 24 ? -0.927  6.084   7.059   1.00 14.48 ? 24  THR A CB  1 
ATOM   193 O  OG1 . THR A 1 24 ? -1.630  6.820   8.078   1.00 15.36 ? 24  THR A OG1 1 
ATOM   194 C  CG2 . THR A 1 24 ? 0.157   5.205   7.679   1.00 16.79 ? 24  THR A CG2 1 
ATOM   195 N  N   . PHE A 1 25 ? 1.646   6.396   4.837   1.00 10.41 ? 25  PHE A N   1 
ATOM   196 C  CA  . PHE A 1 25 ? 2.426   5.733   3.810   1.00 8.83  ? 25  PHE A CA  1 
ATOM   197 C  C   . PHE A 1 25 ? 3.072   4.527   4.447   1.00 12.37 ? 25  PHE A C   1 
ATOM   198 O  O   . PHE A 1 25 ? 3.608   4.612   5.565   1.00 14.42 ? 25  PHE A O   1 
ATOM   199 C  CB  . PHE A 1 25 ? 3.520   6.653   3.265   1.00 11.78 ? 25  PHE A CB  1 
ATOM   200 C  CG  . PHE A 1 25 ? 2.983   7.912   2.628   1.00 14.27 ? 25  PHE A CG  1 
ATOM   201 C  CD1 . PHE A 1 25 ? 2.679   9.023   3.402   1.00 18.74 ? 25  PHE A CD1 1 
ATOM   202 C  CD2 . PHE A 1 25 ? 2.620   7.928   1.295   1.00 16.52 ? 25  PHE A CD2 1 
ATOM   203 C  CE1 . PHE A 1 25 ? 2.154   10.176  2.819   1.00 22.15 ? 25  PHE A CE1 1 
ATOM   204 C  CE2 . PHE A 1 25 ? 2.040   9.063   0.729   1.00 20.31 ? 25  PHE A CE2 1 
ATOM   205 C  CZ  . PHE A 1 25 ? 1.837   10.185  1.490   1.00 20.38 ? 25  PHE A CZ  1 
ATOM   206 N  N   . ILE A 1 26 ? 3.102   3.434   3.719   1.00 9.51  ? 26  ILE A N   1 
ATOM   207 C  CA  . ILE A 1 26 ? 3.718   2.204   4.198   1.00 10.03 ? 26  ILE A CA  1 
ATOM   208 C  C   . ILE A 1 26 ? 4.356   1.524   3.014   1.00 12.25 ? 26  ILE A C   1 
ATOM   209 O  O   . ILE A 1 26 ? 3.847   1.622   1.910   1.00 9.82  ? 26  ILE A O   1 
ATOM   210 C  CB  . ILE A 1 26 ? 2.681   1.313   4.899   1.00 12.54 ? 26  ILE A CB  1 
ATOM   211 C  CG1 . ILE A 1 26 ? 3.383   0.102   5.548   1.00 13.15 ? 26  ILE A CG1 1 
ATOM   212 C  CG2 . ILE A 1 26 ? 1.565   0.897   3.930   1.00 8.91  ? 26  ILE A CG2 1 
ATOM   213 C  CD1 . ILE A 1 26 ? 2.485   -0.749  6.502   1.00 15.60 ? 26  ILE A CD1 1 
ATOM   214 N  N   . LYS A 1 27 ? 5.509   0.935   3.205   1.00 10.47 ? 27  LYS A N   1 
ATOM   215 C  CA  . LYS A 1 27 ? 6.221   0.330   2.099   1.00 9.47  ? 27  LYS A CA  1 
ATOM   216 C  C   . LYS A 1 27 ? 5.484   -0.846  1.469   1.00 11.39 ? 27  LYS A C   1 
ATOM   217 O  O   . LYS A 1 27 ? 5.057   -1.779  2.168   1.00 11.27 ? 27  LYS A O   1 
ATOM   218 C  CB  . LYS A 1 27 ? 7.600   -0.155  2.556   1.00 12.37 ? 27  LYS A CB  1 
ATOM   219 C  CG  . LYS A 1 27 ? 8.571   0.982   2.870   1.00 14.96 ? 27  LYS A CG  1 
ATOM   220 C  CD  . LYS A 1 27 ? 9.906   0.481   3.373   1.00 19.21 ? 27  LYS A CD  1 
ATOM   221 C  CE  . LYS A 1 27 ? 10.647  1.552   4.148   1.00 27.99 ? 27  LYS A CE  1 
ATOM   222 N  NZ  . LYS A 1 27 ? 11.226  2.588   3.252   1.00 38.30 ? 27  LYS A NZ  1 
ATOM   223 N  N   . CYS A 1 28 ? 5.510   -0.917  0.125   1.00 10.02 ? 28  CYS A N   1 
ATOM   224 C  CA  . CYS A 1 28 ? 5.106   -2.125  -0.571  1.00 10.81 ? 28  CYS A CA  1 
ATOM   225 C  C   . CYS A 1 28 ? 6.230   -3.134  -0.394  1.00 15.58 ? 28  CYS A C   1 
ATOM   226 O  O   . CYS A 1 28 ? 7.401   -2.746  -0.465  1.00 16.40 ? 28  CYS A O   1 
ATOM   227 C  CB  . CYS A 1 28 ? 4.889   -1.851  -2.056  1.00 10.75 ? 28  CYS A CB  1 
ATOM   228 S  SG  . CYS A 1 28 ? 3.605   -0.619  -2.441  1.00 10.83 ? 28  CYS A SG  1 
ATOM   229 N  N   . PRO A 1 29 ? 5.911   -4.432  -0.447  1.00 15.13 ? 29  PRO A N   1 
ATOM   230 C  CA  . PRO A 1 29 ? 6.979   -5.436  -0.534  1.00 17.37 ? 29  PRO A CA  1 
ATOM   231 C  C   . PRO A 1 29 ? 7.815   -5.322  -1.802  1.00 20.57 ? 29  PRO A C   1 
ATOM   232 O  O   . PRO A 1 29 ? 7.386   -4.800  -2.830  1.00 17.01 ? 29  PRO A O   1 
ATOM   233 C  CB  . PRO A 1 29 ? 6.224   -6.767  -0.479  1.00 19.80 ? 29  PRO A CB  1 
ATOM   234 C  CG  . PRO A 1 29 ? 4.919   -6.426  0.207   1.00 23.12 ? 29  PRO A CG  1 
ATOM   235 C  CD  . PRO A 1 29 ? 4.582   -5.059  -0.303  1.00 17.47 ? 29  PRO A CD  1 
ATOM   236 N  N   . LYS A 1 30 ? 9.032   -5.841  -1.727  1.00 18.58 ? 30  LYS A N   1 
ATOM   237 C  CA  . LYS A 1 30 ? 9.897   -5.949  -2.893  1.00 23.44 ? 30  LYS A CA  1 
ATOM   238 C  C   . LYS A 1 30 ? 9.471   -7.109  -3.812  1.00 30.47 ? 30  LYS A C   1 
ATOM   239 O  O   . LYS A 1 30 ? 9.879   -7.139  -4.970  1.00 36.39 ? 30  LYS A O   1 
ATOM   240 C  CB  . LYS A 1 30 ? 11.343  -6.152  -2.444  1.00 27.64 ? 30  LYS A CB  1 
ATOM   241 C  CG  . LYS A 1 30 ? 11.950  -4.930  -1.764  1.00 26.92 ? 30  LYS A CG  1 
ATOM   242 C  CD  . LYS A 1 30 ? 13.441  -5.157  -1.465  1.00 31.82 ? 30  LYS A CD  1 
ATOM   243 C  CE  . LYS A 1 30 ? 14.053  -3.971  -0.750  1.00 41.21 ? 30  LYS A CE  1 
ATOM   244 N  NZ  . LYS A 1 30 ? 14.048  -2.747  -1.590  1.00 41.39 ? 30  LYS A NZ  1 
ATOM   245 N  N   . PHE A 1 31 ? 8.765   -8.117  -3.269  1.00 27.41 ? 31  PHE A N   1 
ATOM   246 C  CA  . PHE A 1 31 ? 8.359   -9.299  -4.041  1.00 30.58 ? 31  PHE A CA  1 
ATOM   247 C  C   . PHE A 1 31 ? 7.582   -8.877  -5.296  1.00 31.69 ? 31  PHE A C   1 
ATOM   248 O  O   . PHE A 1 31 ? 6.757   -7.959  -5.247  1.00 26.24 ? 31  PHE A O   1 
ATOM   249 C  CB  . PHE A 1 31 ? 7.478   -10.209 -3.174  1.00 32.33 ? 31  PHE A CB  1 
ATOM   250 C  CG  . PHE A 1 31 ? 8.186   -11.152 -2.227  1.00 36.64 ? 31  PHE A CG  1 
ATOM   251 C  CD1 . PHE A 1 31 ? 9.541   -11.019 -1.963  1.00 41.64 ? 31  PHE A CD1 1 
ATOM   252 C  CD2 . PHE A 1 31 ? 7.479   -12.132 -1.551  1.00 41.36 ? 31  PHE A CD2 1 
ATOM   253 C  CE1 . PHE A 1 31 ? 10.160  -11.837 -1.029  1.00 46.32 ? 31  PHE A CE1 1 
ATOM   254 C  CE2 . PHE A 1 31 ? 8.114   -12.981 -0.657  1.00 47.26 ? 31  PHE A CE2 1 
ATOM   255 C  CZ  . PHE A 1 31 ? 9.445   -12.821 -0.393  1.00 47.87 ? 31  PHE A CZ  1 
ATOM   256 N  N   . ASP A 1 32 ? 7.755   -9.642  -6.376  1.00 35.40 ? 32  ASP A N   1 
ATOM   257 C  CA  . ASP A 1 32 ? 7.189   -9.341  -7.692  1.00 35.99 ? 32  ASP A CA  1 
ATOM   258 C  C   . ASP A 1 32 ? 5.693   -9.068  -7.693  1.00 36.58 ? 32  ASP A C   1 
ATOM   259 O  O   . ASP A 1 32 ? 5.248   -8.163  -8.399  1.00 37.46 ? 32  ASP A O   1 
ATOM   260 C  CB  . ASP A 1 32 ? 7.462   -10.512 -8.641  1.00 41.25 ? 32  ASP A CB  1 
ATOM   261 C  CG  . ASP A 1 32 ? 8.935   -10.784 -8.841  1.00 49.39 ? 32  ASP A CG  1 
ATOM   262 O  OD1 . ASP A 1 32 ? 9.763   -9.996  -8.316  1.00 46.51 ? 32  ASP A OD1 1 
ATOM   263 O  OD2 . ASP A 1 32 ? 9.265   -11.809 -9.479  1.00 57.80 ? 32  ASP A OD2 1 
ATOM   264 N  N   . ASN A 1 33 ? 4.914   -9.908  -6.994  1.00 31.88 ? 33  ASN A N   1 
ATOM   265 C  CA  . ASN A 1 33 ? 3.444   -9.849  -7.006  1.00 30.71 ? 33  ASN A CA  1 
ATOM   266 C  C   . ASN A 1 33 ? 2.870   -8.865  -5.986  1.00 33.50 ? 33  ASN A C   1 
ATOM   267 O  O   . ASN A 1 33 ? 1.646   -8.728  -5.895  1.00 31.80 ? 33  ASN A O   1 
ATOM   268 C  CB  . ASN A 1 33 ? 2.880   -11.255 -6.717  1.00 33.69 ? 33  ASN A CB  1 
ATOM   269 C  CG  . ASN A 1 33 ? 1.375   -11.343 -6.668  1.00 51.32 ? 33  ASN A CG  1 
ATOM   270 O  OD1 . ASN A 1 33 ? 0.673   -10.841 -7.544  1.00 39.10 ? 33  ASN A OD1 1 
ATOM   271 N  ND2 . ASN A 1 33 ? 0.838   -11.999 -5.647  1.00 45.91 ? 33  ASN A ND2 1 
ATOM   272 N  N   A LYS A 1 34 ? 3.724   -8.248  -5.155  0.60 26.76 ? 34  LYS A N   1 
ATOM   273 N  N   B LYS A 1 34 ? 3.725   -8.243  -5.167  0.40 27.12 ? 34  LYS A N   1 
ATOM   274 C  CA  A LYS A 1 34 ? 3.250   -7.333  -4.124  0.60 22.83 ? 34  LYS A CA  1 
ATOM   275 C  CA  B LYS A 1 34 ? 3.251   -7.333  -4.132  0.40 23.32 ? 34  LYS A CA  1 
ATOM   276 C  C   A LYS A 1 34 ? 3.826   -5.911  -4.282  0.60 21.72 ? 34  LYS A C   1 
ATOM   277 C  C   B LYS A 1 34 ? 3.822   -5.911  -4.290  0.40 22.79 ? 34  LYS A C   1 
ATOM   278 O  O   A LYS A 1 34 ? 3.470   -5.030  -3.500  0.60 15.48 ? 34  LYS A O   1 
ATOM   279 O  O   B LYS A 1 34 ? 3.436   -5.022  -3.534  0.40 18.11 ? 34  LYS A O   1 
ATOM   280 C  CB  A LYS A 1 34 ? 3.586   -7.894  -2.733  0.60 25.45 ? 34  LYS A CB  1 
ATOM   281 C  CB  B LYS A 1 34 ? 3.595   -7.903  -2.747  0.40 26.39 ? 34  LYS A CB  1 
ATOM   282 C  CG  A LYS A 1 34 ? 2.965   -9.264  -2.449  0.60 30.79 ? 34  LYS A CG  1 
ATOM   283 C  CG  B LYS A 1 34 ? 2.549   -8.868  -2.182  0.40 39.27 ? 34  LYS A CG  1 
ATOM   284 C  CD  A LYS A 1 34 ? 3.267   -9.742  -1.022  0.60 43.32 ? 34  LYS A CD  1 
ATOM   285 C  CD  B LYS A 1 34 ? 2.589   -10.263 -2.808  0.40 49.30 ? 34  LYS A CD  1 
ATOM   286 C  CE  A LYS A 1 34 ? 2.169   -9.410  -0.027  0.60 47.66 ? 34  LYS A CE  1 
ATOM   287 C  CE  B LYS A 1 34 ? 3.699   -11.129 -2.263  0.40 58.77 ? 34  LYS A CE  1 
ATOM   288 N  NZ  A LYS A 1 34 ? 2.693   -8.945  1.295   0.60 37.10 ? 34  LYS A NZ  1 
ATOM   289 N  NZ  B LYS A 1 34 ? 3.735   -12.465 -2.918  0.40 63.53 ? 34  LYS A NZ  1 
ATOM   290 N  N   . LYS A 1 35 ? 4.684   -5.673  -5.295  1.00 20.42 ? 35  LYS A N   1 
ATOM   291 C  CA  . LYS A 1 35 ? 5.267   -4.335  -5.498  1.00 18.30 ? 35  LYS A CA  1 
ATOM   292 C  C   . LYS A 1 35 ? 4.333   -3.456  -6.319  1.00 17.46 ? 35  LYS A C   1 
ATOM   293 O  O   . LYS A 1 35 ? 3.458   -3.955  -7.013  1.00 20.90 ? 35  LYS A O   1 
ATOM   294 C  CB  . LYS A 1 35 ? 6.634   -4.429  -6.179  1.00 21.76 ? 35  LYS A CB  1 
ATOM   295 C  CG  . LYS A 1 35 ? 6.581   -4.897  -7.633  1.00 25.11 ? 35  LYS A CG  1 
ATOM   296 C  CD  . LYS A 1 35 ? 7.981   -4.906  -8.248  1.00 37.71 ? 35  LYS A CD  1 
ATOM   297 C  CE  . LYS A 1 35 ? 8.461   -3.516  -8.622  1.00 56.11 ? 35  LYS A CE  1 
ATOM   298 N  NZ  . LYS A 1 35 ? 7.720   -2.963  -9.789  1.00 73.00 ? 35  LYS A NZ  1 
ATOM   299 N  N   . CYS A 1 36 ? 4.472   -2.144  -6.199  1.00 16.56 ? 36  CYS A N   1 
ATOM   300 C  CA  . CYS A 1 36 ? 3.679   -1.211  -6.979  1.00 14.28 ? 36  CYS A CA  1 
ATOM   301 C  C   . CYS A 1 36 ? 4.299   -1.203  -8.380  1.00 22.08 ? 36  CYS A C   1 
ATOM   302 O  O   . CYS A 1 36 ? 5.464   -0.815  -8.527  1.00 21.05 ? 36  CYS A O   1 
ATOM   303 C  CB  . CYS A 1 36 ? 3.715   0.187   -6.369  1.00 15.69 ? 36  CYS A CB  1 
ATOM   304 S  SG  . CYS A 1 36 ? 2.572   1.355   -7.153  1.00 16.92 ? 36  CYS A SG  1 
ATOM   305 N  N   . THR A 1 37 ? 3.531   -1.573  -9.400  1.00 20.31 ? 37  THR A N   1 
ATOM   306 C  CA  . THR A 1 37 ? 4.086   -1.655  -10.737 1.00 22.51 ? 37  THR A CA  1 
ATOM   307 C  C   . THR A 1 37 ? 3.705   -0.458  -11.579 1.00 27.51 ? 37  THR A C   1 
ATOM   308 O  O   . THR A 1 37 ? 4.166   -0.349  -12.715 1.00 27.59 ? 37  THR A O   1 
ATOM   309 C  CB  . THR A 1 37 ? 3.672   -2.964  -11.380 1.00 23.76 ? 37  THR A CB  1 
ATOM   310 O  OG1 . THR A 1 37 ? 2.255   -2.988  -11.495 1.00 26.35 ? 37  THR A OG1 1 
ATOM   311 C  CG2 . THR A 1 37 ? 4.176   -4.160  -10.602 1.00 30.54 ? 37  THR A CG2 1 
ATOM   312 N  N   . LYS A 1 38 ? 2.847   0.414   -11.062 1.00 25.17 ? 38  LYS A N   1 
ATOM   313 C  CA  . LYS A 1 38 ? 2.396   1.579   -11.799 1.00 29.53 ? 38  LYS A CA  1 
ATOM   314 C  C   . LYS A 1 38 ? 1.828   2.607   -10.844 1.00 28.19 ? 38  LYS A C   1 
ATOM   315 O  O   . LYS A 1 38 ? 1.166   2.250   -9.880  1.00 22.91 ? 38  LYS A O   1 
ATOM   316 C  CB  . LYS A 1 38 ? 1.344   1.163   -12.828 1.00 32.34 ? 38  LYS A CB  1 
ATOM   317 C  CG  . LYS A 1 38 ? 0.929   2.266   -13.773 1.00 42.38 ? 38  LYS A CG  1 
ATOM   318 C  CD  . LYS A 1 38 ? -0.162  1.776   -14.699 1.00 37.09 ? 38  LYS A CD  1 
ATOM   319 C  CE  . LYS A 1 38 ? -0.923  2.907   -15.322 1.00 38.03 ? 38  LYS A CE  1 
ATOM   320 N  NZ  . LYS A 1 38 ? -2.019  2.416   -16.198 1.00 38.84 ? 38  LYS A NZ  1 
ATOM   321 N  N   . ASP A 1 39 ? 2.105   3.889   -11.083 1.00 30.84 ? 39  ASP A N   1 
ATOM   322 C  CA  . ASP A 1 39 ? 1.597   4.954   -10.227 1.00 25.02 ? 39  ASP A CA  1 
ATOM   323 C  C   . ASP A 1 39 ? 0.103   4.919   -10.166 1.00 26.92 ? 39  ASP A C   1 
ATOM   324 O  O   . ASP A 1 39 ? -0.541  4.670   -11.185 1.00 27.17 ? 39  ASP A O   1 
ATOM   325 C  CB  . ASP A 1 39 ? 2.011   6.335   -10.753 1.00 31.01 ? 39  ASP A CB  1 
ATOM   326 C  CG  . ASP A 1 39 ? 3.368   6.797   -10.294 1.00 40.78 ? 39  ASP A CG  1 
ATOM   327 O  OD1 . ASP A 1 39 ? 3.780   6.402   -9.206  1.00 30.67 ? 39  ASP A OD1 1 
ATOM   328 O  OD2 . ASP A 1 39 ? 4.022   7.550   -11.045 1.00 52.16 ? 39  ASP A OD2 1 
ATOM   329 N  N   . ASN A 1 40 ? -0.454  5.085   -8.955  1.00 24.29 ? 40  ASN A N   1 
ATOM   330 C  CA  . ASN A 1 40 ? -1.899  5.118   -8.730  1.00 18.32 ? 40  ASN A CA  1 
ATOM   331 C  C   . ASN A 1 40 ? -2.601  3.745   -8.861  1.00 17.99 ? 40  ASN A C   1 
ATOM   332 O  O   . ASN A 1 40 ? -3.819  3.710   -8.809  1.00 19.99 ? 40  ASN A O   1 
ATOM   333 C  CB  . ASN A 1 40 ? -2.582  6.153   -9.636  1.00 28.24 ? 40  ASN A CB  1 
ATOM   334 C  CG  . ASN A 1 40 ? -3.571  7.017   -8.890  1.00 56.85 ? 40  ASN A CG  1 
ATOM   335 O  OD1 . ASN A 1 40 ? -3.257  7.588   -7.839  1.00 53.55 ? 40  ASN A OD1 1 
ATOM   336 N  ND2 . ASN A 1 40 ? -4.790  7.125   -9.400  1.00 49.71 ? 40  ASN A ND2 1 
ATOM   337 N  N   . ASN A 1 41 ? -1.858  2.617   -8.931  1.00 17.20 ? 41  ASN A N   1 
ATOM   338 C  CA  . ASN A 1 41 ? -2.473  1.300   -8.766  1.00 15.22 ? 41  ASN A CA  1 
ATOM   339 C  C   . ASN A 1 41 ? -3.012  1.129   -7.366  1.00 15.34 ? 41  ASN A C   1 
ATOM   340 O  O   . ASN A 1 41 ? -2.583  1.811   -6.441  1.00 14.84 ? 41  ASN A O   1 
ATOM   341 C  CB  . ASN A 1 41 ? -1.481  0.177   -9.039  1.00 16.21 ? 41  ASN A CB  1 
ATOM   342 C  CG  . ASN A 1 41 ? -1.280  -0.055  -10.497 1.00 20.67 ? 41  ASN A CG  1 
ATOM   343 O  OD1 . ASN A 1 41 ? -1.984  0.501   -11.320 1.00 21.75 ? 41  ASN A OD1 1 
ATOM   344 N  ND2 . ASN A 1 41 ? -0.406  -0.971  -10.826 1.00 20.61 ? 41  ASN A ND2 1 
ATOM   345 N  N   . LYS A 1 42 ? -3.950  0.191   -7.197  1.00 12.36 ? 42  LYS A N   1 
ATOM   346 C  CA  . LYS A 1 42 ? -4.430  -0.098  -5.859  1.00 11.76 ? 42  LYS A CA  1 
ATOM   347 C  C   . LYS A 1 42 ? -3.414  -0.815  -4.999  1.00 11.44 ? 42  LYS A C   1 
ATOM   348 O  O   . LYS A 1 42 ? -2.471  -1.416  -5.489  1.00 11.02 ? 42  LYS A O   1 
ATOM   349 C  CB  . LYS A 1 42 ? -5.700  -0.934  -5.933  1.00 14.69 ? 42  LYS A CB  1 
ATOM   350 C  CG  . LYS A 1 42 ? -6.908  -0.054  -6.097  1.00 16.32 ? 42  LYS A CG  1 
ATOM   351 C  CD  . LYS A 1 42 ? -8.070  -0.896  -6.470  1.00 21.53 ? 42  LYS A CD  1 
ATOM   352 C  CE  . LYS A 1 42 ? -9.347  -0.166  -6.226  1.00 26.97 ? 42  LYS A CE  1 
ATOM   353 N  NZ  . LYS A 1 42 ? -10.465 -0.917  -6.820  1.00 21.58 ? 42  LYS A NZ  1 
ATOM   354 N  N   . CYS A 1 43 ? -3.597  -0.705  -3.666  1.00 8.21  ? 43  CYS A N   1 
ATOM   355 C  CA  . CYS A 1 43 ? -2.849  -1.490  -2.709  1.00 6.62  ? 43  CYS A CA  1 
ATOM   356 C  C   . CYS A 1 43 ? -3.750  -1.758  -1.546  1.00 7.18  ? 43  CYS A C   1 
ATOM   357 O  O   . CYS A 1 43 ? -4.782  -1.083  -1.370  1.00 7.77  ? 43  CYS A O   1 
ATOM   358 C  CB  . CYS A 1 43 ? -1.562  -0.783  -2.287  1.00 6.32  ? 43  CYS A CB  1 
ATOM   359 S  SG  . CYS A 1 43 ? -1.807  0.942   -1.773  1.00 8.16  ? 43  CYS A SG  1 
ATOM   360 N  N   . THR A 1 44 ? -3.407  -2.792  -0.808  1.00 6.41  ? 44  THR A N   1 
ATOM   361 C  CA  . THR A 1 44 ? -4.120  -3.117  0.415   1.00 7.05  ? 44  THR A CA  1 
ATOM   362 C  C   . THR A 1 44 ? -3.159  -3.172  1.565   1.00 8.11  ? 44  THR A C   1 
ATOM   363 O  O   . THR A 1 44 ? -1.989  -3.553  1.418   1.00 10.94 ? 44  THR A O   1 
ATOM   364 C  CB  . THR A 1 44 ? -4.914  -4.402  0.252   1.00 10.44 ? 44  THR A CB  1 
ATOM   365 O  OG1 . THR A 1 44 ? -4.003  -5.467  -0.034  1.00 14.65 ? 44  THR A OG1 1 
ATOM   366 C  CG2 . THR A 1 44 ? -5.981  -4.288  -0.863  1.00 11.86 ? 44  THR A CG2 1 
ATOM   367 N  N   . VAL A 1 45 ? -3.691  -2.824  2.740   1.00 9.02  ? 45  VAL A N   1 
ATOM   368 C  CA  . VAL A 1 45 ? -2.969  -2.836  3.998   1.00 11.70 ? 45  VAL A CA  1 
ATOM   369 C  C   . VAL A 1 45 ? -3.853  -3.553  5.020   1.00 12.95 ? 45  VAL A C   1 
ATOM   370 O  O   . VAL A 1 45 ? -4.995  -3.166  5.245   1.00 14.24 ? 45  VAL A O   1 
ATOM   371 C  CB  . VAL A 1 45 ? -2.645  -1.402  4.479   1.00 14.79 ? 45  VAL A CB  1 
ATOM   372 C  CG1 . VAL A 1 45 ? -1.892  -1.421  5.813   1.00 16.75 ? 45  VAL A CG1 1 
ATOM   373 C  CG2 . VAL A 1 45 ? -1.861  -0.641  3.417   1.00 13.94 ? 45  VAL A CG2 1 
ATOM   374 N  N   . ASP A 1 46 ? -3.356  -4.624  5.558   1.00 15.78 ? 46  ASP A N   1 
ATOM   375 C  CA  . ASP A 1 46 ? -4.032  -5.319  6.629   1.00 16.56 ? 46  ASP A CA  1 
ATOM   376 C  C   . ASP A 1 46 ? -3.350  -4.892  7.932   1.00 21.71 ? 46  ASP A C   1 
ATOM   377 O  O   . ASP A 1 46 ? -2.213  -5.271  8.118   1.00 18.72 ? 46  ASP A O   1 
ATOM   378 C  CB  . ASP A 1 46 ? -3.886  -6.822  6.395   1.00 19.05 ? 46  ASP A CB  1 
ATOM   379 C  CG  . ASP A 1 46 ? -4.644  -7.654  7.410   1.00 30.19 ? 46  ASP A CG  1 
ATOM   380 O  OD1 . ASP A 1 46 ? -5.002  -7.106  8.481   1.00 29.68 ? 46  ASP A OD1 1 
ATOM   381 O  OD2 . ASP A 1 46 ? -4.848  -8.865  7.152   1.00 32.21 ? 46  ASP A OD2 1 
ATOM   382 N  N   . THR A 1 47 ? -3.926  -3.957  8.727   1.00 17.13 ? 47  THR A N   1 
ATOM   383 C  CA  . THR A 1 47 ? -3.218  -3.491  9.917   1.00 18.44 ? 47  THR A CA  1 
ATOM   384 C  C   . THR A 1 47 ? -3.250  -4.538  11.035  1.00 24.79 ? 47  THR A C   1 
ATOM   385 O  O   . THR A 1 47 ? -2.451  -4.463  11.964  1.00 28.98 ? 47  THR A O   1 
ATOM   386 C  CB  . THR A 1 47 ? -3.732  -2.130  10.409  1.00 28.54 ? 47  THR A CB  1 
ATOM   387 O  OG1 . THR A 1 47 ? -5.106  -2.248  10.780  1.00 30.45 ? 47  THR A OG1 1 
ATOM   388 C  CG2 . THR A 1 47 ? -3.542  -1.025  9.370   1.00 24.85 ? 47  THR A CG2 1 
ATOM   389 N  N   . TYR A 1 48 ? -4.153  -5.527  10.946  1.00 23.22 ? 48  TYR A N   1 
ATOM   390 C  CA  . TYR A 1 48 ? -4.192  -6.609  11.925  1.00 27.22 ? 48  TYR A CA  1 
ATOM   391 C  C   . TYR A 1 48 ? -2.940  -7.495  11.800  1.00 32.23 ? 48  TYR A C   1 
ATOM   392 O  O   . TYR A 1 48 ? -2.360  -7.900  12.808  1.00 35.67 ? 48  TYR A O   1 
ATOM   393 C  CB  . TYR A 1 48 ? -5.451  -7.453  11.693  1.00 29.11 ? 48  TYR A CB  1 
ATOM   394 C  CG  . TYR A 1 48 ? -5.881  -8.223  12.912  1.00 35.94 ? 48  TYR A CG  1 
ATOM   395 C  CD1 . TYR A 1 48 ? -6.534  -7.590  13.962  1.00 41.09 ? 48  TYR A CD1 1 
ATOM   396 C  CD2 . TYR A 1 48 ? -5.531  -9.553  13.075  1.00 38.37 ? 48  TYR A CD2 1 
ATOM   397 C  CE1 . TYR A 1 48 ? -6.935  -8.293  15.086  1.00 45.15 ? 48  TYR A CE1 1 
ATOM   398 C  CE2 . TYR A 1 48 ? -5.946  -10.274 14.183  1.00 45.60 ? 48  TYR A CE2 1 
ATOM   399 C  CZ  . TYR A 1 48 ? -6.591  -9.624  15.220  1.00 51.75 ? 48  TYR A CZ  1 
ATOM   400 O  OH  . TYR A 1 48 ? -6.876  -10.276 16.389  1.00 50.11 ? 48  TYR A OH  1 
ATOM   401 N  N   . ASN A 1 49 ? -2.543  -7.794  10.551  1.00 27.09 ? 49  ASN A N   1 
ATOM   402 C  CA  . ASN A 1 49 ? -1.372  -8.604  10.226  1.00 29.03 ? 49  ASN A CA  1 
ATOM   403 C  C   . ASN A 1 49 ? -0.172  -7.726  9.812   1.00 25.00 ? 49  ASN A C   1 
ATOM   404 O  O   . ASN A 1 49 ? 0.941   -8.228  9.707   1.00 28.67 ? 49  ASN A O   1 
ATOM   405 C  CB  . ASN A 1 49 ? -1.724  -9.596  9.092   1.00 28.56 ? 49  ASN A CB  1 
ATOM   406 C  CG  . ASN A 1 49 ? -2.544  -10.777 9.579   1.00 45.28 ? 49  ASN A CG  1 
ATOM   407 O  OD1 . ASN A 1 49 ? -2.060  -11.604 10.347  1.00 42.00 ? 49  ASN A OD1 1 
ATOM   408 N  ND2 . ASN A 1 49 ? -3.803  -10.887 9.165   1.00 30.89 ? 49  ASN A ND2 1 
ATOM   409 N  N   . ASN A 1 50 ? -0.377  -6.419  9.632   1.00 20.37 ? 50  ASN A N   1 
ATOM   410 C  CA  . ASN A 1 50 ? 0.688   -5.513  9.204   1.00 18.28 ? 50  ASN A CA  1 
ATOM   411 C  C   . ASN A 1 50 ? 1.283   -5.989  7.867   1.00 19.53 ? 50  ASN A C   1 
ATOM   412 O  O   . ASN A 1 50 ? 2.509   -6.132  7.779   1.00 19.77 ? 50  ASN A O   1 
ATOM   413 C  CB  . ASN A 1 50 ? 1.781   -5.394  10.265  1.00 22.09 ? 50  ASN A CB  1 
ATOM   414 C  CG  . ASN A 1 50 ? 2.651   -4.167  10.109  1.00 32.05 ? 50  ASN A CG  1 
ATOM   415 O  OD1 . ASN A 1 50 ? 2.228   -3.152  9.550   1.00 29.94 ? 50  ASN A OD1 1 
ATOM   416 N  ND2 . ASN A 1 50 ? 3.901   -4.245  10.564  1.00 24.64 ? 50  ASN A ND2 1 
ATOM   417 N  N   . ALA A 1 51 ? 0.421   -6.359  6.895   1.00 16.58 ? 51  ALA A N   1 
ATOM   418 C  CA  . ALA A 1 51 ? 0.848   -6.905  5.609   1.00 13.84 ? 51  ALA A CA  1 
ATOM   419 C  C   . ALA A 1 51 ? 0.366   -5.993  4.470   1.00 14.46 ? 51  ALA A C   1 
ATOM   420 O  O   . ALA A 1 51 ? -0.767  -5.516  4.505   1.00 15.66 ? 51  ALA A O   1 
ATOM   421 C  CB  . ALA A 1 51 ? 0.265   -8.303  5.414   1.00 18.09 ? 51  ALA A CB  1 
ATOM   422 N  N   . VAL A 1 52 ? 1.234   -5.726  3.506   1.00 14.54 ? 52  VAL A N   1 
ATOM   423 C  CA  . VAL A 1 52 ? 0.937   -4.803  2.410   1.00 11.89 ? 52  VAL A CA  1 
ATOM   424 C  C   . VAL A 1 52 ? 0.996   -5.544  1.091   1.00 11.92 ? 52  VAL A C   1 
ATOM   425 O  O   . VAL A 1 52 ? 1.834   -6.422  0.919   1.00 14.78 ? 52  VAL A O   1 
ATOM   426 C  CB  . VAL A 1 52 ? 1.940   -3.614  2.409   1.00 12.81 ? 52  VAL A CB  1 
ATOM   427 C  CG1 . VAL A 1 52 ? 1.631   -2.632  1.261   1.00 12.35 ? 52  VAL A CG1 1 
ATOM   428 C  CG2 . VAL A 1 52 ? 1.906   -2.890  3.747   1.00 13.63 ? 52  VAL A CG2 1 
ATOM   429 N  N   . ASP A 1 53 ? 0.019   -5.275  0.199   1.00 9.00  ? 53  ASP A N   1 
ATOM   430 C  CA  . ASP A 1 53 ? 0.026   -5.872  -1.118  1.00 10.31 ? 53  ASP A CA  1 
ATOM   431 C  C   . ASP A 1 53 ? -0.264  -4.767  -2.123  1.00 9.84  ? 53  ASP A C   1 
ATOM   432 O  O   . ASP A 1 53 ? -1.388  -4.254  -2.149  1.00 8.78  ? 53  ASP A O   1 
ATOM   433 C  CB  . ASP A 1 53 ? -1.045  -6.981  -1.179  1.00 12.58 ? 53  ASP A CB  1 
ATOM   434 C  CG  . ASP A 1 53 ? -1.143  -7.704  -2.504  1.00 20.84 ? 53  ASP A CG  1 
ATOM   435 O  OD1 . ASP A 1 53 ? -0.568  -7.224  -3.478  1.00 18.58 ? 53  ASP A OD1 1 
ATOM   436 O  OD2 . ASP A 1 53 ? -1.805  -8.772  -2.559  1.00 25.07 ? 53  ASP A OD2 1 
ATOM   437 N  N   . CYS A 1 54 ? 0.724   -4.387  -2.927  1.00 9.86  ? 54  CYS A N   1 
ATOM   438 C  CA  . CYS A 1 54 ? 0.498   -3.416  -3.983  1.00 8.77  ? 54  CYS A CA  1 
ATOM   439 C  C   . CYS A 1 54 ? 0.384   -4.095  -5.306  1.00 12.99 ? 54  CYS A C   1 
ATOM   440 O  O   . CYS A 1 54 ? 0.784   -5.266  -5.458  1.00 14.44 ? 54  CYS A O   1 
ATOM   441 C  CB  . CYS A 1 54 ? 1.618   -2.388  -3.974  1.00 9.51  ? 54  CYS A CB  1 
ATOM   442 S  SG  . CYS A 1 54 ? 1.862   -1.648  -2.344  1.00 9.19  ? 54  CYS A SG  1 
ATOM   443 N  N   . ASP A 1 55 ? -0.252  -3.421  -6.246  1.00 13.23 ? 55  ASP A N   1 
ATOM   444 C  CA  . ASP A 1 55 ? -0.453  -3.988  -7.577  1.00 13.60 ? 55  ASP A CA  1 
ATOM   445 C  C   . ASP A 1 55 ? 0.414   -3.312  -8.618  1.00 16.60 ? 55  ASP A C   1 
ATOM   446 O  O   . ASP A 1 55 ? 0.725   -3.993  -9.624  1.00 19.81 ? 55  ASP A O   1 
ATOM   447 C  CB  . ASP A 1 55 ? -1.925  -3.871  -7.973  1.00 14.26 ? 55  ASP A CB  1 
ATOM   448 C  CG  . ASP A 1 55 ? -2.843  -4.694  -7.085  1.00 16.95 ? 55  ASP A CG  1 
ATOM   449 O  OD1 . ASP A 1 55 ? -2.329  -5.541  -6.317  1.00 16.25 ? 55  ASP A OD1 1 
ATOM   450 O  OD2 . ASP A 1 55 ? -4.064  -4.469  -7.133  1.00 16.04 ? 55  ASP A OD2 1 
ATOM   451 O  OXT . ASP A 1 55 ? 0.718   -2.098  -8.484  1.00 15.80 ? 55  ASP A OXT 1 
HETATM 452 C  C1  . FWQ B 2 .  ? 7.197   -5.780  3.286   1.00 23.48 ? 101 FWQ A C1  1 
HETATM 453 C  C2  . FWQ B 2 .  ? 8.340   -5.397  2.598   1.00 16.92 ? 101 FWQ A C2  1 
HETATM 454 C  C3  . FWQ B 2 .  ? 9.041   -6.366  1.858   1.00 17.61 ? 101 FWQ A C3  1 
HETATM 455 C  C4  . FWQ B 2 .  ? 8.650   -7.697  1.829   1.00 14.77 ? 101 FWQ A C4  1 
HETATM 456 C  C5  . FWQ B 2 .  ? 7.469   -8.060  2.504   1.00 23.63 ? 101 FWQ A C5  1 
HETATM 457 C  C6  . FWQ B 2 .  ? 6.740   -7.093  3.223   1.00 24.90 ? 101 FWQ A C6  1 
HETATM 458 C  C7  . FWQ B 2 .  ? 8.667   -3.921  2.486   1.00 18.92 ? 101 FWQ A C7  1 
HETATM 459 C  C8  . FWQ B 2 .  ? 9.762   -3.508  3.444   1.00 14.08 ? 101 FWQ A C8  1 
HETATM 460 C  C9  . FWQ B 2 .  ? 9.422   -2.924  4.672   1.00 16.48 ? 101 FWQ A C9  1 
HETATM 461 C  C10 . FWQ B 2 .  ? 10.445  -2.467  5.513   1.00 23.62 ? 101 FWQ A C10 1 
HETATM 462 C  C11 . FWQ B 2 .  ? 11.774  -2.691  5.154   1.00 19.15 ? 101 FWQ A C11 1 
HETATM 463 C  C12 . FWQ B 2 .  ? 12.103  -3.232  3.914   1.00 15.50 ? 101 FWQ A C12 1 
HETATM 464 C  C14 . FWQ B 2 .  ? 13.551  -3.517  3.552   1.00 14.57 ? 101 FWQ A C14 1 
HETATM 465 C  C15 . FWQ B 2 .  ? 9.353   -8.672  0.887   1.00 15.98 ? 101 FWQ A C15 1 
HETATM 466 C  C16 . FWQ B 2 .  ? 10.630  -9.283  1.422   1.00 13.67 ? 101 FWQ A C16 1 
HETATM 467 C  C17 . FWQ B 2 .  ? 10.574  -10.616 1.807   1.00 19.69 ? 101 FWQ A C17 1 
HETATM 468 C  C19 . FWQ B 2 .  ? 12.985  -10.738 1.972   1.00 17.96 ? 101 FWQ A C19 1 
HETATM 469 C  C21 . FWQ B 2 .  ? 11.892  -8.705  1.249   1.00 15.39 ? 101 FWQ A C21 1 
HETATM 470 C  C18 . FWQ B 2 .  ? 11.726  -11.349 2.065   1.00 21.54 ? 101 FWQ A C18 1 
HETATM 471 C  C20 . FWQ B 2 .  ? 13.060  -9.421  1.492   1.00 12.52 ? 101 FWQ A C20 1 
HETATM 472 C  C36 . FWQ B 2 .  ? 14.967  -8.386  0.055   1.00 14.32 ? 101 FWQ A C36 1 
HETATM 473 C  C37 . FWQ B 2 .  ? 14.409  -8.854  -1.126  1.00 13.95 ? 101 FWQ A C37 1 
HETATM 474 C  C13 . FWQ B 2 .  ? 11.088  -3.705  3.092   1.00 14.17 ? 101 FWQ A C13 1 
HETATM 475 C  C29 . FWQ B 2 .  ? 14.381  -8.660  1.441   1.00 13.36 ? 101 FWQ A C29 1 
HETATM 476 C  C38 . FWQ B 2 .  ? 15.007  -8.609  -2.372  1.00 14.56 ? 101 FWQ A C38 1 
HETATM 477 C  C39 . FWQ B 2 .  ? 16.181  -7.858  -2.403  1.00 17.89 ? 101 FWQ A C39 1 
HETATM 478 C  C40 . FWQ B 2 .  ? 16.717  -7.317  -1.235  1.00 12.64 ? 101 FWQ A C40 1 
HETATM 479 C  C41 . FWQ B 2 .  ? 16.150  -7.646  -0.008  1.00 10.87 ? 101 FWQ A C41 1 
HETATM 480 C  C43 . FWQ B 2 .  ? 18.037  -6.576  -1.305  1.00 16.69 ? 101 FWQ A C43 1 
HETATM 481 C  C44 . FWQ B 2 .  ? 14.226  -2.474  2.660   1.00 14.62 ? 101 FWQ A C44 1 
HETATM 482 C  C45 . FWQ B 2 .  ? 15.543  -2.707  2.276   1.00 17.91 ? 101 FWQ A C45 1 
HETATM 483 C  C46 . FWQ B 2 .  ? 16.197  -1.829  1.406   1.00 19.04 ? 101 FWQ A C46 1 
HETATM 484 C  C47 . FWQ B 2 .  ? 15.576  -0.614  1.086   1.00 22.04 ? 101 FWQ A C47 1 
HETATM 485 C  C48 . FWQ B 2 .  ? 14.250  -0.352  1.456   1.00 19.08 ? 101 FWQ A C48 1 
HETATM 486 C  C49 . FWQ B 2 .  ? 13.613  -1.253  2.325   1.00 15.84 ? 101 FWQ A C49 1 
HETATM 487 C  C50 . FWQ B 2 .  ? 17.876  -5.063  -1.336  1.00 17.40 ? 101 FWQ A C50 1 
HETATM 488 C  C51 . FWQ B 2 .  ? 18.021  -4.434  -2.574  1.00 21.81 ? 101 FWQ A C51 1 
HETATM 489 C  C52 . FWQ B 2 .  ? 17.966  -3.042  -2.673  1.00 26.81 ? 101 FWQ A C52 1 
HETATM 490 C  C53 . FWQ B 2 .  ? 17.833  -2.283  -1.516  1.00 21.15 ? 101 FWQ A C53 1 
HETATM 491 C  C54 . FWQ B 2 .  ? 17.739  -2.898  -0.274  1.00 18.45 ? 101 FWQ A C54 1 
HETATM 492 C  C55 . FWQ B 2 .  ? 17.807  -4.289  -0.176  1.00 14.78 ? 101 FWQ A C55 1 
HETATM 493 O  O1  . FWQ B 2 .  ? 16.117  -3.860  2.731   1.00 18.18 ? 101 FWQ A O1  1 
HETATM 494 O  O2  . FWQ B 2 .  ? 11.421  -4.108  1.854   1.00 15.82 ? 101 FWQ A O2  1 
HETATM 495 O  O3  . FWQ B 2 .  ? 10.064  -5.995  1.063   1.00 14.46 ? 101 FWQ A O3  1 
HETATM 496 O  O4  . FWQ B 2 .  ? 12.033  -7.448  0.778   1.00 14.78 ? 101 FWQ A O4  1 
HETATM 497 O  O5  . FWQ B 2 .  ? 16.609  -7.129  1.148   1.00 12.69 ? 101 FWQ A O5  1 
HETATM 498 O  O6  . FWQ B 2 .  ? 17.789  -4.845  1.057   1.00 15.73 ? 101 FWQ A O6  1 
HETATM 499 S  S64 . FWQ B 2 .  ? 13.570  1.077   1.091   1.00 21.44 ? 101 FWQ A S64 1 
HETATM 500 S  S67 . FWQ B 2 .  ? 10.093  -1.693  6.871   1.00 29.08 ? 101 FWQ A S67 1 
HETATM 501 S  S68 . FWQ B 2 .  ? 5.369   -7.468  3.970   1.00 26.59 ? 101 FWQ A S68 1 
HETATM 502 S  S69 . FWQ B 2 .  ? 11.567  -12.856 2.610   1.00 25.53 ? 101 FWQ A S69 1 
HETATM 503 S  S70 . FWQ B 2 .  ? 14.412  -9.263  -3.719  1.00 23.79 ? 101 FWQ A S70 1 
HETATM 504 S  S71 . FWQ B 2 .  ? 17.989  -2.321  -4.103  1.00 35.66 ? 101 FWQ A S71 1 
HETATM 505 C  C72 . FWQ B 2 .  ? 17.638  -2.046  0.969   1.00 18.28 ? 101 FWQ A C72 1 
HETATM 506 O  O7  . FWQ B 2 .  ? 13.712  1.930   2.284   1.00 22.28 ? 101 FWQ A O7  1 
HETATM 507 O  O8  . FWQ B 2 .  ? 12.129  0.888   0.822   1.00 27.38 ? 101 FWQ A O8  1 
HETATM 508 O  O9  . FWQ B 2 .  ? 14.218  1.641   -0.099  1.00 23.84 ? 101 FWQ A O9  1 
HETATM 509 O  O10 . FWQ B 2 .  ? 11.273  -1.667  7.759   1.00 36.21 ? 101 FWQ A O10 1 
HETATM 510 O  O11 . FWQ B 2 .  ? 9.667   -0.312  6.549   1.00 30.44 ? 101 FWQ A O11 1 
HETATM 511 O  O12 . FWQ B 2 .  ? 8.974   -2.351  7.573   1.00 24.87 ? 101 FWQ A O12 1 
HETATM 512 O  O13 . FWQ B 2 .  ? 5.620   -7.586  5.408   1.00 22.18 ? 101 FWQ A O13 1 
HETATM 513 O  O14 . FWQ B 2 .  ? 4.289   -6.457  3.718   1.00 22.63 ? 101 FWQ A O14 1 
HETATM 514 O  O15 . FWQ B 2 .  ? 4.933   -8.806  3.492   1.00 25.43 ? 101 FWQ A O15 1 
HETATM 515 O  O16 . FWQ B 2 .  ? 12.119  -12.919 3.971   1.00 24.27 ? 101 FWQ A O16 1 
HETATM 516 O  O17 . FWQ B 2 .  ? 12.407  -13.712 1.758   1.00 21.57 ? 101 FWQ A O17 1 
HETATM 517 O  O18 . FWQ B 2 .  ? 10.141  -13.245 2.647   1.00 27.80 ? 101 FWQ A O18 1 
HETATM 518 O  O19 . FWQ B 2 .  ? 14.855  -10.674 -3.751  1.00 31.28 ? 101 FWQ A O19 1 
HETATM 519 O  O20 . FWQ B 2 .  ? 14.940  -8.604  -4.927  1.00 33.88 ? 101 FWQ A O20 1 
HETATM 520 O  O21 . FWQ B 2 .  ? 12.942  -9.186  -3.706  1.00 30.11 ? 101 FWQ A O21 1 
HETATM 521 O  O22 . FWQ B 2 .  ? 17.330  -0.998  -4.005  1.00 34.44 ? 101 FWQ A O22 1 
HETATM 522 O  O23 . FWQ B 2 .  ? 17.262  -3.151  -5.086  1.00 35.58 ? 101 FWQ A O23 1 
HETATM 523 O  O24 . FWQ B 2 .  ? 19.396  -2.156  -4.538  1.00 38.01 ? 101 FWQ A O24 1 
HETATM 524 O  O4  . FWN C 3 .  ? 10.457  -7.464  5.542   1.00 41.71 ? 102 FWN A O4  1 
HETATM 525 C  C5  . FWN C 3 .  ? 11.836  -7.816  5.696   1.00 36.45 ? 102 FWN A C5  1 
HETATM 526 C  C6  . FWN C 3 .  ? 12.693  -6.754  5.018   1.00 30.58 ? 102 FWN A C6  1 
HETATM 527 O  O7  . FWN C 3 .  ? 14.064  -7.153  4.960   1.00 32.46 ? 102 FWN A O7  1 
HETATM 528 C  C8  . FWN C 3 .  ? 14.806  -6.829  6.142   1.00 26.34 ? 102 FWN A C8  1 
HETATM 529 C  C9  . FWN C 3 .  ? 15.958  -5.884  5.833   1.00 32.30 ? 102 FWN A C9  1 
HETATM 530 O  O10 . FWN C 3 .  ? 16.066  -4.908  6.868   1.00 34.19 ? 102 FWN A O10 1 
HETATM 531 C  C11 . FWN C 3 .  ? 16.210  -3.586  6.350   1.00 34.32 ? 102 FWN A C11 1 
HETATM 532 C  C12 . FWN C 3 .  ? 15.193  -2.631  6.975   1.00 31.77 ? 102 FWN A C12 1 
HETATM 533 O  O13 . FWN C 3 .  ? 15.370  -1.332  6.405   1.00 42.22 ? 102 FWN A O13 1 
HETATM 534 C  C14 . FWN C 3 .  ? 14.326  -0.426  6.759   1.00 46.01 ? 102 FWN A C14 1 
HETATM 535 C  C1  . FWN C 3 .  ? 14.558  0.904   6.075   1.00 44.88 ? 102 FWN A C1  1 
HETATM 536 C  C1  . GOL D 4 .  ? -5.945  9.146   -0.416  1.00 36.63 ? 103 GOL A C1  1 
HETATM 537 O  O1  . GOL D 4 .  ? -6.114  10.171  0.552   1.00 40.69 ? 103 GOL A O1  1 
HETATM 538 C  C2  . GOL D 4 .  ? -5.810  7.809   0.272   1.00 33.03 ? 103 GOL A C2  1 
HETATM 539 O  O2  . GOL D 4 .  ? -4.862  7.914   1.338   1.00 35.49 ? 103 GOL A O2  1 
HETATM 540 C  C3  . GOL D 4 .  ? -5.400  6.711   -0.684  1.00 24.66 ? 103 GOL A C3  1 
HETATM 541 O  O3  . GOL D 4 .  ? -4.267  7.091   -1.459  1.00 25.13 ? 103 GOL A O3  1 
HETATM 542 NA NA  . NA  E 5 .  ? -0.439  -7.168  -5.786  1.00 17.26 1 104 NA  A NA  1 
HETATM 543 O  O   . HOH F 6 .  ? 10.543  2.030   -0.868  1.00 29.39 ? 201 HOH A O   1 
HETATM 544 O  O   . HOH F 6 .  ? -0.039  -1.906  9.589   1.00 28.13 ? 202 HOH A O   1 
HETATM 545 O  O   . HOH F 6 .  ? 6.272   7.151   -8.976  1.00 31.41 ? 203 HOH A O   1 
HETATM 546 O  O   . HOH F 6 .  ? 14.666  -0.136  -1.965  1.00 31.06 ? 204 HOH A O   1 
HETATM 547 O  O   . HOH F 6 .  ? 20.210  -5.384  1.938   1.00 15.31 ? 205 HOH A O   1 
HETATM 548 O  O   . HOH F 6 .  ? -5.798  13.746  4.218   1.00 55.57 ? 206 HOH A O   1 
HETATM 549 O  O   . HOH F 6 .  ? 17.352  -8.552  3.262   1.00 13.19 ? 207 HOH A O   1 
HETATM 550 O  O   . HOH F 6 .  ? 9.935   4.138   0.535   1.00 29.42 ? 208 HOH A O   1 
HETATM 551 O  O   . HOH F 6 .  ? -8.205  3.626   3.721   1.00 22.97 ? 209 HOH A O   1 
HETATM 552 O  O   . HOH F 6 .  ? 9.942   -2.061  0.010   1.00 28.13 ? 210 HOH A O   1 
HETATM 553 O  O   . HOH F 6 .  ? 2.712   -6.218  -8.227  1.00 25.54 ? 211 HOH A O   1 
HETATM 554 O  O   . HOH F 6 .  ? -1.002  7.319   -6.419  1.00 41.81 ? 212 HOH A O   1 
HETATM 555 O  O   . HOH F 6 .  ? 15.640  -7.320  -7.176  1.00 45.13 ? 213 HOH A O   1 
HETATM 556 O  O   . HOH F 6 .  ? -4.921  12.223  -0.698  1.00 32.96 ? 214 HOH A O   1 
HETATM 557 O  O   . HOH F 6 .  ? -0.101  6.170   -13.372 1.00 37.32 ? 215 HOH A O   1 
HETATM 558 O  O   . HOH F 6 .  ? -0.037  8.545   9.468   1.00 34.60 ? 216 HOH A O   1 
HETATM 559 O  O   . HOH F 6 .  ? -5.519  -4.367  -4.823  1.00 27.24 ? 217 HOH A O   1 
HETATM 560 O  O   . HOH F 6 .  ? 3.515   -0.753  9.797   1.00 26.02 ? 218 HOH A O   1 
HETATM 561 O  O   A HOH F 6 .  ? 0.287   6.778   -3.418  0.50 13.96 ? 219 HOH A O   1 
HETATM 562 O  O   B HOH F 6 .  ? -0.706  7.342   -3.721  0.50 19.74 ? 219 HOH A O   1 
HETATM 563 O  O   . HOH F 6 .  ? 7.899   0.091   -7.498  1.00 29.67 ? 220 HOH A O   1 
HETATM 564 O  O   . HOH F 6 .  ? -2.632  15.173  9.928   1.00 23.92 ? 221 HOH A O   1 
HETATM 565 O  O   . HOH F 6 .  ? 5.441   -2.826  4.697   1.00 15.41 ? 222 HOH A O   1 
HETATM 566 O  O   . HOH F 6 .  ? -3.580  -5.379  -3.412  1.00 17.62 ? 223 HOH A O   1 
HETATM 567 O  O   . HOH F 6 .  ? -3.825  8.857   12.853  1.00 27.41 ? 224 HOH A O   1 
HETATM 568 O  O   . HOH F 6 .  ? 14.645  -3.530  -4.189  1.00 32.60 ? 225 HOH A O   1 
HETATM 569 O  O   . HOH F 6 .  ? 4.614   3.201   7.778   1.00 34.58 ? 226 HOH A O   1 
HETATM 570 O  O   . HOH F 6 .  ? -3.242  2.629   10.485  1.00 29.56 ? 227 HOH A O   1 
HETATM 571 O  O   . HOH F 6 .  ? 14.820  4.357   -0.570  1.00 30.98 ? 228 HOH A O   1 
HETATM 572 O  O   . HOH F 6 .  ? 13.280  -10.855 5.507   1.00 32.94 ? 229 HOH A O   1 
HETATM 573 O  O   A HOH F 6 .  ? -1.160  -4.851  -11.560 0.50 12.03 ? 230 HOH A O   1 
HETATM 574 O  O   . HOH F 6 .  ? -7.362  5.896   13.165  1.00 37.57 ? 231 HOH A O   1 
HETATM 575 O  O   . HOH F 6 .  ? 0.714   -4.193  -13.577 1.00 27.59 ? 232 HOH A O   1 
HETATM 576 O  O   . HOH F 6 .  ? 5.195   10.391  0.016   1.00 26.72 ? 233 HOH A O   1 
HETATM 577 O  O   . HOH F 6 .  ? 11.845  -8.034  -6.853  1.00 23.76 ? 234 HOH A O   1 
HETATM 578 O  O   . HOH F 6 .  ? -2.802  -6.501  2.366   1.00 20.72 ? 235 HOH A O   1 
HETATM 579 O  O   . HOH F 6 .  ? 0.964   2.158   8.766   1.00 36.24 ? 236 HOH A O   1 
HETATM 580 O  O   . HOH F 6 .  ? 11.413  -1.543  -2.103  1.00 22.77 ? 237 HOH A O   1 
HETATM 581 O  O   A HOH F 6 .  ? -4.600  -2.334  -9.124  0.70 22.46 ? 238 HOH A O   1 
HETATM 582 O  O   . HOH F 6 .  ? -0.876  12.730  6.763   1.00 19.72 ? 239 HOH A O   1 
HETATM 583 O  O   . HOH F 6 .  ? -10.904 -1.949  1.983   1.00 24.97 ? 240 HOH A O   1 
HETATM 584 O  O   . HOH F 6 .  ? -0.168  -5.858  13.261  1.00 28.67 ? 241 HOH A O   1 
HETATM 585 O  O   . HOH F 6 .  ? -3.042  8.937   -3.445  1.00 27.65 ? 242 HOH A O   1 
HETATM 586 O  O   . HOH F 6 .  ? 6.629   1.443   6.044   1.00 24.07 ? 243 HOH A O   1 
HETATM 587 O  O   . HOH F 6 .  ? -11.414 -0.114  3.855   1.00 25.26 ? 244 HOH A O   1 
HETATM 588 O  O   . HOH F 6 .  ? -6.765  -10.488 10.002  1.00 40.56 ? 245 HOH A O   1 
HETATM 589 O  O   . HOH F 6 .  ? -12.371 -3.825  5.193   1.00 30.14 ? 246 HOH A O   1 
HETATM 590 O  O   . HOH F 6 .  ? 12.009  4.468   -1.665  1.00 52.23 ? 247 HOH A O   1 
HETATM 591 O  O   . HOH F 6 .  ? 11.767  1.018   -2.942  1.00 26.32 ? 248 HOH A O   1 
HETATM 592 O  O   . HOH F 6 .  ? 11.708  0.949   -5.630  1.00 32.77 ? 249 HOH A O   1 
HETATM 593 O  O   A HOH F 6 .  ? -5.804  -7.197  3.016   0.50 18.10 ? 250 HOH A O   1 
HETATM 594 O  O   B HOH F 6 .  ? -7.027  -6.211  2.787   0.50 24.87 ? 250 HOH A O   1 
HETATM 595 O  O   . HOH F 6 .  ? 15.425  -16.094 0.765   1.00 29.14 ? 251 HOH A O   1 
HETATM 596 O  O   . HOH F 6 .  ? 4.335   -5.201  -14.408 1.00 39.36 ? 252 HOH A O   1 
HETATM 597 O  O   . HOH F 6 .  ? -11.004 13.270  7.801   1.00 46.46 ? 253 HOH A O   1 
HETATM 598 O  O   . HOH F 6 .  ? 3.220   11.954  -1.268  1.00 31.65 ? 254 HOH A O   1 
HETATM 599 O  O   . HOH F 6 .  ? -2.258  -9.006  2.283   1.00 23.41 ? 255 HOH A O   1 
# 
loop_
_atom_site_anisotrop.id 
_atom_site_anisotrop.type_symbol 
_atom_site_anisotrop.pdbx_label_atom_id 
_atom_site_anisotrop.pdbx_label_alt_id 
_atom_site_anisotrop.pdbx_label_comp_id 
_atom_site_anisotrop.pdbx_label_asym_id 
_atom_site_anisotrop.pdbx_label_seq_id 
_atom_site_anisotrop.pdbx_PDB_ins_code 
_atom_site_anisotrop.U[1][1] 
_atom_site_anisotrop.U[2][2] 
_atom_site_anisotrop.U[3][3] 
_atom_site_anisotrop.U[1][2] 
_atom_site_anisotrop.U[1][3] 
_atom_site_anisotrop.U[2][3] 
_atom_site_anisotrop.pdbx_auth_seq_id 
_atom_site_anisotrop.pdbx_auth_comp_id 
_atom_site_anisotrop.pdbx_auth_asym_id 
_atom_site_anisotrop.pdbx_auth_atom_id 
1   N N   . ALA A 1  ? 0.6600 0.6933 0.4054 -0.2049 0.0937  0.0751  1  ALA A N   
2   C CA  . ALA A 1  ? 0.5762 0.6470 0.3562 -0.1793 0.1030  0.0424  1  ALA A CA  
3   C C   . ALA A 1  ? 0.5358 0.5953 0.3639 -0.1374 0.0804  0.0419  1  ALA A C   
4   O O   . ALA A 1  ? 0.5263 0.5605 0.3426 -0.1217 0.0574  0.0563  1  ALA A O   
5   C CB  . ALA A 1  ? 0.6060 0.6780 0.3359 -0.1899 0.1022  0.0420  1  ALA A CB  
6   N N   . LYS A 2  ? 0.4087 0.4872 0.2894 -0.1232 0.0865  0.0253  2  LYS A N   
7   C CA  . LYS A 2  ? 0.3818 0.4477 0.2970 -0.0936 0.0674  0.0268  2  LYS A CA  
8   C C   . LYS A 2  ? 0.3505 0.4405 0.3026 -0.0711 0.0685  0.0033  2  LYS A C   
9   O O   . LYS A 2  ? 0.3782 0.5004 0.3584 -0.0740 0.0833  -0.0202 2  LYS A O   
10  C CB  . LYS A 2  ? 0.4074 0.4685 0.3465 -0.0981 0.0660  0.0304  2  LYS A CB  
11  C CG  . LYS A 2  ? 0.4514 0.4778 0.3606 -0.1193 0.0592  0.0566  2  LYS A CG  
12  C CD  . LYS A 2  ? 0.5734 0.6055 0.5027 -0.1375 0.0697  0.0537  2  LYS A CD  
13  C CE  . LYS A 2  ? 0.6798 0.6755 0.5709 -0.1685 0.0670  0.0812  2  LYS A CE  
14  N NZ  . LYS A 2  ? 0.8080 0.7544 0.6933 -0.1554 0.0357  0.1046  2  LYS A NZ  
15  N N   . TYR A 3  ? 0.1983 0.2716 0.1546 -0.0503 0.0518  0.0082  3  TYR A N   
16  C CA  . TYR A 3  ? 0.1727 0.2560 0.1564 -0.0319 0.0471  -0.0068 3  TYR A CA  
17  C C   . TYR A 3  ? 0.1247 0.1910 0.1161 -0.0202 0.0312  0.0011  3  TYR A C   
18  O O   . TYR A 3  ? 0.1538 0.2015 0.1304 -0.0217 0.0253  0.0134  3  TYR A O   
19  C CB  . TYR A 3  ? 0.1886 0.2675 0.1582 -0.0256 0.0456  -0.0103 3  TYR A CB  
20  C CG  . TYR A 3  ? 0.2219 0.3210 0.1795 -0.0391 0.0622  -0.0243 3  TYR A CG  
21  C CD1 . TYR A 3  ? 0.2242 0.3527 0.2169 -0.0372 0.0745  -0.0529 3  TYR A CD1 
22  C CD2 . TYR A 3  ? 0.2678 0.3573 0.1811 -0.0538 0.0630  -0.0121 3  TYR A CD2 
23  C CE1 . TYR A 3  ? 0.2465 0.3999 0.2287 -0.0536 0.0948  -0.0735 3  TYR A CE1 
24  C CE2 . TYR A 3  ? 0.3061 0.4153 0.1965 -0.0723 0.0794  -0.0260 3  TYR A CE2 
25  C CZ  . TYR A 3  ? 0.3670 0.5104 0.2916 -0.0727 0.0983  -0.0595 3  TYR A CZ  
26  O OH  . TYR A 3  ? 0.3700 0.5380 0.2746 -0.0919 0.1177  -0.0816 3  TYR A OH  
27  N N   . THR A 4  ? 0.1146 0.1868 0.1304 -0.0095 0.0226  -0.0079 4  THR A N   
28  C CA  . THR A 4  ? 0.0995 0.1543 0.1092 -0.0031 0.0070  -0.0007 4  THR A CA  
29  C C   . THR A 4  ? 0.1492 0.1909 0.1525 0.0049  -0.0005 0.0000  4  THR A C   
30  O O   . THR A 4  ? 0.1531 0.2022 0.1773 0.0119  -0.0017 -0.0105 4  THR A O   
31  C CB  . THR A 4  ? 0.1574 0.2213 0.1913 -0.0006 -0.0049 -0.0064 4  THR A CB  
32  O OG1 . THR A 4  ? 0.1805 0.2576 0.2242 -0.0108 0.0045  -0.0091 4  THR A OG1 
33  C CG2 . THR A 4  ? 0.1627 0.2068 0.1767 -0.0001 -0.0227 0.0023  4  THR A CG2 
34  N N   . GLY A 5  ? 0.1062 0.1291 0.0851 0.0022  -0.0043 0.0088  5  GLY A N   
35  C CA  . GLY A 5  ? 0.1194 0.1251 0.0878 0.0042  -0.0111 0.0119  5  GLY A CA  
36  C C   . GLY A 5  ? 0.1254 0.1127 0.0684 -0.0049 -0.0206 0.0208  5  GLY A C   
37  O O   . GLY A 5  ? 0.1524 0.1431 0.0899 -0.0101 -0.0247 0.0217  5  GLY A O   
38  N N   . LYS A 6  ? 0.1537 0.1215 0.0778 -0.0109 -0.0229 0.0261  6  LYS A N   
39  C CA  . LYS A 6  ? 0.1786 0.1285 0.0661 -0.0288 -0.0258 0.0341  6  LYS A CA  
40  C C   . LYS A 6  ? 0.1885 0.1412 0.0660 -0.0397 -0.0071 0.0271  6  LYS A C   
41  O O   . LYS A 6  ? 0.1789 0.1324 0.0714 -0.0329 -0.0028 0.0234  6  LYS A O   
42  C CB  . LYS A 6  ? 0.2397 0.1567 0.1107 -0.0323 -0.0501 0.0498  6  LYS A CB  
43  C CG  . LYS A 6  ? 0.3399 0.2575 0.2393 -0.0164 -0.0743 0.0517  6  LYS A CG  
44  C CD  . LYS A 6  ? 0.4531 0.3750 0.3337 -0.0249 -0.0848 0.0556  6  LYS A CD  
45  C CE  . LYS A 6  ? 0.6540 0.5397 0.5020 -0.0350 -0.1192 0.0760  6  LYS A CE  
46  N NZ  . LYS A 6  ? 0.7748 0.6589 0.6681 -0.0143 -0.1522 0.0760  6  LYS A NZ  
47  N N   . CYS A 7  ? 0.1911 0.1500 0.0492 -0.0572 0.0050  0.0200  7  CYS A N   
48  C CA  . CYS A 7  ? 0.1822 0.1527 0.0460 -0.0673 0.0241  0.0054  7  CYS A CA  
49  C C   . CYS A 7  ? 0.2247 0.1792 0.0504 -0.0955 0.0314  0.0082  7  CYS A C   
50  O O   . CYS A 7  ? 0.2886 0.2213 0.0718 -0.1121 0.0212  0.0228  7  CYS A O   
51  C CB  . CYS A 7  ? 0.1616 0.1578 0.0497 -0.0660 0.0366  -0.0148 7  CYS A CB  
52  S SG  . CYS A 7  ? 0.2406 0.2433 0.1019 -0.0881 0.0443  -0.0259 7  CYS A SG  
53  N N   . THR A 8  ? 0.2447 0.2092 0.0831 -0.1042 0.0477  -0.0055 8  THR A N   
54  C CA  . THR A 8  ? 0.2886 0.2428 0.0906 -0.1389 0.0620  -0.0072 8  THR A CA  
55  C C   . THR A 8  ? 0.3113 0.3035 0.1342 -0.1544 0.0901  -0.0410 8  THR A C   
56  O O   . THR A 8  ? 0.2614 0.2809 0.1394 -0.1344 0.0940  -0.0613 8  THR A O   
57  C CB  . THR A 8  ? 0.4004 0.3350 0.2047 -0.1422 0.0597  0.0007  8  THR A CB  
58  O OG1 . THR A 8  ? 0.3627 0.3268 0.2192 -0.1254 0.0686  -0.0207 8  THR A OG1 
59  C CG2 . THR A 8  ? 0.4925 0.3912 0.2899 -0.1255 0.0317  0.0268  8  THR A CG2 
60  N N   . LYS A 9  ? 0.3237 0.3175 0.1038 -0.1920 0.1083  -0.0492 9  LYS A N   
61  C CA  . LYS A 9  ? 0.3254 0.3622 0.1319 -0.2092 0.1386  -0.0909 9  LYS A CA  
62  C C   . LYS A 9  ? 0.3411 0.4027 0.1898 -0.2182 0.1596  -0.1169 9  LYS A C   
63  O O   . LYS A 9  ? 0.3350 0.4353 0.2526 -0.2029 0.1688  -0.1517 9  LYS A O   
64  C CB  . LYS A 9  ? 0.4488 0.4835 0.1880 -0.2541 0.1557  -0.0956 9  LYS A CB  
65  C CG  . LYS A 9  ? 0.4763 0.5628 0.2490 -0.2747 0.1922  -0.1487 9  LYS A CG  
66  C CD  . LYS A 9  ? 0.5710 0.6619 0.2801 -0.3127 0.2063  -0.1589 9  LYS A CD  
67  C CE  . LYS A 9  ? 0.6990 0.7682 0.3134 -0.3710 0.2222  -0.1447 9  LYS A CE  
68  N NZ  . LYS A 9  ? 0.7397 0.8042 0.2761 -0.4063 0.2247  -0.1443 9  LYS A NZ  
69  N N   . SER A 10 ? 0.3686 0.4057 0.1832 -0.2408 0.1629  -0.1002 10 SER A N   
70  C CA  . SER A 10 ? 0.3904 0.4530 0.2439 -0.2557 0.1852  -0.1274 10 SER A CA  
71  C C   . SER A 10 ? 0.3271 0.4153 0.2633 -0.2134 0.1717  -0.1439 10 SER A C   
72  O O   . SER A 10 ? 0.2940 0.4260 0.2941 -0.2136 0.1876  -0.1842 10 SER A O   
73  C CB  . SER A 10 ? 0.4786 0.4996 0.2854 -0.2802 0.1821  -0.0991 10 SER A CB  
74  O OG  . SER A 10 ? 0.6649 0.6575 0.3886 -0.3290 0.1939  -0.0823 10 SER A OG  
75  N N   . LYS A 11 ? 0.2580 0.3177 0.1921 -0.1813 0.1416  -0.1136 11 LYS A N   
76  C CA  . LYS A 11 ? 0.1950 0.2705 0.1880 -0.1459 0.1242  -0.1216 11 LYS A CA  
77  C C   . LYS A 11 ? 0.1963 0.2845 0.2208 -0.1154 0.1087  -0.1251 11 LYS A C   
78  O O   . LYS A 11 ? 0.1806 0.2798 0.2491 -0.0899 0.0914  -0.1305 11 LYS A O   
79  C CB  . LYS A 11 ? 0.2424 0.2848 0.2158 -0.1322 0.1037  -0.0930 11 LYS A CB  
80  C CG  . LYS A 11 ? 0.3495 0.3771 0.3054 -0.1612 0.1162  -0.0925 11 LYS A CG  
81  C CD  . LYS A 11 ? 0.5080 0.5080 0.4615 -0.1458 0.0966  -0.0746 11 LYS A CD  
82  C CE  . LYS A 11 ? 0.7063 0.6558 0.6083 -0.1531 0.0842  -0.0416 11 LYS A CE  
83  N NZ  . LYS A 11 ? 0.7761 0.7008 0.6879 -0.1426 0.0692  -0.0341 11 LYS A NZ  
84  N N   . ASN A 12 ? 0.1707 0.2531 0.1690 -0.1197 0.1115  -0.1196 12 ASN A N   
85  C CA  . ASN A 12 ? 0.1413 0.2306 0.1683 -0.0948 0.0975  -0.1222 12 ASN A CA  
86  C C   . ASN A 12 ? 0.1437 0.2141 0.1725 -0.0662 0.0707  -0.0960 12 ASN A C   
87  O O   . ASN A 12 ? 0.1198 0.1986 0.1889 -0.0458 0.0555  -0.1016 12 ASN A O   
88  C CB  . ASN A 12 ? 0.1219 0.2476 0.2199 -0.0894 0.1043  -0.1627 12 ASN A CB  
89  C CG  . ASN A 12 ? 0.1614 0.2878 0.2824 -0.0734 0.0941  -0.1677 12 ASN A CG  
90  O OD1 . ASN A 12 ? 0.1753 0.2825 0.2528 -0.0755 0.0912  -0.1472 12 ASN A OD1 
91  N ND2 . ASN A 12 ? 0.1629 0.3069 0.3558 -0.0547 0.0823  -0.1919 12 ASN A ND2 
92  N N   A GLU A 13 ? 0.1435 0.1872 0.1278 -0.0666 0.0638  -0.0684 13 GLU A N   
93  N N   B GLU A 13 ? 0.1237 0.1675 0.1086 -0.0664 0.0635  -0.0684 13 GLU A N   
94  C CA  A GLU A 13 ? 0.1224 0.1537 0.1054 -0.0455 0.0450  -0.0497 13 GLU A CA  
95  C CA  B GLU A 13 ? 0.0965 0.1284 0.0810 -0.0449 0.0447  -0.0501 13 GLU A CA  
96  C C   A GLU A 13 ? 0.1413 0.1551 0.0960 -0.0403 0.0371  -0.0291 13 GLU A C   
97  C C   B GLU A 13 ? 0.1380 0.1512 0.0922 -0.0404 0.0370  -0.0289 13 GLU A C   
98  O O   A GLU A 13 ? 0.1307 0.1316 0.0564 -0.0537 0.0405  -0.0218 13 GLU A O   
99  O O   B GLU A 13 ? 0.1313 0.1309 0.0561 -0.0539 0.0403  -0.0213 13 GLU A O   
100 C CB  A GLU A 13 ? 0.1578 0.1802 0.1333 -0.0495 0.0445  -0.0464 13 GLU A CB  
101 C CB  B GLU A 13 ? 0.1205 0.1467 0.1031 -0.0469 0.0432  -0.0489 13 GLU A CB  
102 C CG  A GLU A 13 ? 0.2281 0.2716 0.2403 -0.0504 0.0470  -0.0676 13 GLU A CG  
103 C CG  B GLU A 13 ? 0.1187 0.1193 0.0655 -0.0614 0.0467  -0.0350 13 GLU A CG  
104 C CD  A GLU A 13 ? 0.3337 0.3683 0.3408 -0.0546 0.0457  -0.0665 13 GLU A CD  
105 C CD  B GLU A 13 ? 0.2517 0.2437 0.2029 -0.0652 0.0459  -0.0373 13 GLU A CD  
106 O OE1 A GLU A 13 ? 0.1606 0.1693 0.1369 -0.0623 0.0469  -0.0515 13 GLU A OE1 
107 O OE1 B GLU A 13 ? 0.3558 0.3680 0.3368 -0.0595 0.0454  -0.0531 13 GLU A OE1 
108 O OE2 A GLU A 13 ? 0.2837 0.3358 0.3217 -0.0500 0.0404  -0.0818 13 GLU A OE2 
109 O OE2 B GLU A 13 ? 0.2656 0.2285 0.1933 -0.0736 0.0421  -0.0236 13 GLU A OE2 
110 N N   . CYS A 14 ? 0.0995 0.1116 0.0595 -0.0240 0.0253  -0.0192 14 CYS A N   
111 C CA  . CYS A 14 ? 0.1001 0.1027 0.0457 -0.0184 0.0189  -0.0053 14 CYS A CA  
112 C C   . CYS A 14 ? 0.1081 0.1044 0.0500 -0.0124 0.0145  -0.0011 14 CYS A C   
113 O O   . CYS A 14 ? 0.1003 0.1043 0.0494 -0.0073 0.0133  -0.0057 14 CYS A O   
114 C CB  . CYS A 14 ? 0.0874 0.0968 0.0462 -0.0105 0.0137  -0.0027 14 CYS A CB  
115 S SG  . CYS A 14 ? 0.1178 0.1257 0.0671 -0.0070 0.0112  0.0075  14 CYS A SG  
116 N N   . LYS A 15 ? 0.0958 0.0780 0.0414 -0.0124 0.0073  0.0037  15 LYS A N   
117 C CA  . LYS A 15 ? 0.0947 0.0723 0.0389 -0.0047 0.0041  0.0027  15 LYS A CA  
118 C C   . LYS A 15 ? 0.1016 0.0888 0.0589 0.0042  0.0003  0.0019  15 LYS A C   
119 O O   . LYS A 15 ? 0.1366 0.1175 0.0931 0.0042  -0.0079 0.0089  15 LYS A O   
120 C CB  . LYS A 15 ? 0.1533 0.1027 0.0905 -0.0108 -0.0044 0.0088  15 LYS A CB  
121 C CG  . LYS A 15 ? 0.1972 0.1380 0.1574 -0.0005 -0.0128 0.0013  15 LYS A CG  
122 C CD  . LYS A 15 ? 0.2522 0.1538 0.2057 -0.0067 -0.0297 0.0140  15 LYS A CD  
123 C CE  . LYS A 15 ? 0.2380 0.1266 0.2249 0.0043  -0.0398 0.0024  15 LYS A CE  
124 N NZ  . LYS A 15 ? 0.2908 0.1298 0.2707 -0.0029 -0.0630 0.0200  15 LYS A NZ  
125 N N   . TYR A 16 ? 0.1056 0.1106 0.0739 0.0088  0.0067  -0.0087 16 TYR A N   
126 C CA  . TYR A 16 ? 0.1058 0.1276 0.0917 0.0128  0.0090  -0.0156 16 TYR A CA  
127 C C   . TYR A 16 ? 0.1438 0.1790 0.1501 0.0164  0.0147  -0.0360 16 TYR A C   
128 O O   . TYR A 16 ? 0.1520 0.1870 0.1488 0.0138  0.0191  -0.0428 16 TYR A O   
129 C CB  . TYR A 16 ? 0.1158 0.1510 0.0888 0.0056  0.0172  -0.0101 16 TYR A CB  
130 C CG  . TYR A 16 ? 0.1509 0.1942 0.1048 -0.0018 0.0245  -0.0114 16 TYR A CG  
131 C CD1 . TYR A 16 ? 0.1848 0.2177 0.1238 -0.0031 0.0185  -0.0041 16 TYR A CD1 
132 C CD2 . TYR A 16 ? 0.1985 0.2615 0.1487 -0.0103 0.0362  -0.0218 16 TYR A CD2 
133 C CE1 . TYR A 16 ? 0.2698 0.3064 0.1887 -0.0098 0.0169  -0.0024 16 TYR A CE1 
134 C CE2 . TYR A 16 ? 0.2260 0.2922 0.1448 -0.0224 0.0391  -0.0194 16 TYR A CE2 
135 C CZ  . TYR A 16 ? 0.2688 0.3190 0.1708 -0.0209 0.0257  -0.0069 16 TYR A CZ  
136 O OH  . TYR A 16 ? 0.3529 0.4029 0.2218 -0.0328 0.0209  -0.0019 16 TYR A OH  
137 N N   . LYS A 17 ? 0.1326 0.1808 0.1737 0.0231  0.0134  -0.0504 17 LYS A N   
138 C CA  . LYS A 17 ? 0.1636 0.2322 0.2356 0.0260  0.0226  -0.0796 17 LYS A CA  
139 C C   . LYS A 17 ? 0.1449 0.2473 0.2024 0.0108  0.0458  -0.0911 17 LYS A C   
140 O O   . LYS A 17 ? 0.1613 0.2788 0.2272 0.0062  0.0510  -0.0900 17 LYS A O   
141 C CB  . LYS A 17 ? 0.1805 0.2508 0.3105 0.0409  0.0083  -0.0956 17 LYS A CB  
142 C CG  . LYS A 17 ? 0.2925 0.3773 0.4690 0.0481  0.0131  -0.1315 17 LYS A CG  
143 C CD  . LYS A 17 ? 0.4592 0.5448 0.7086 0.0668  -0.0076 -0.1504 17 LYS A CD  
144 C CE  . LYS A 17 ? 0.5629 0.5955 0.8144 0.0789  -0.0452 -0.1234 17 LYS A CE  
145 N NZ  . LYS A 17 ? 0.6082 0.6073 0.8396 0.0767  -0.0493 -0.1168 17 LYS A NZ  
146 N N   . ASN A 18 ? 0.1806 0.2946 0.2146 -0.0002 0.0591  -0.1027 18 ASN A N   
147 C CA  . ASN A 18 ? 0.2042 0.3457 0.2094 -0.0224 0.0804  -0.1102 18 ASN A CA  
148 C C   . ASN A 18 ? 0.2339 0.4158 0.2824 -0.0279 0.1014  -0.1497 18 ASN A C   
149 O O   . ASN A 18 ? 0.1868 0.3737 0.2974 -0.0091 0.0940  -0.1714 18 ASN A O   
150 C CB  . ASN A 18 ? 0.2268 0.3647 0.1814 -0.0362 0.0826  -0.1063 18 ASN A CB  
151 C CG  . ASN A 18 ? 0.2106 0.3631 0.1812 -0.0355 0.0901  -0.1397 18 ASN A CG  
152 O OD1 . ASN A 18 ? 0.2373 0.4056 0.2627 -0.0252 0.0966  -0.1712 18 ASN A OD1 
153 N ND2 . ASN A 18 ? 0.2955 0.4444 0.2228 -0.0468 0.0876  -0.1368 18 ASN A ND2 
154 N N   . ASP A 19 ? 0.2798 0.4902 0.2992 -0.0556 0.1263  -0.1594 19 ASP A N   
155 C CA  . ASP A 19 ? 0.2808 0.5397 0.3436 -0.0676 0.1539  -0.2036 19 ASP A CA  
156 C C   . ASP A 19 ? 0.2855 0.5673 0.3972 -0.0580 0.1618  -0.2507 19 ASP A C   
157 O O   . ASP A 19 ? 0.2515 0.5712 0.4353 -0.0534 0.1755  -0.2949 19 ASP A O   
158 C CB  . ASP A 19 ? 0.3528 0.6342 0.3549 -0.1095 0.1829  -0.2035 19 ASP A CB  
159 C CG  . ASP A 19 ? 0.5106 0.7805 0.4901 -0.1229 0.1821  -0.1718 19 ASP A CG  
160 O OD1 . ASP A 19 ? 0.4863 0.7503 0.5153 -0.1013 0.1680  -0.1660 19 ASP A OD1 
161 O OD2 . ASP A 19 ? 0.6151 0.8799 0.5256 -0.1573 0.1938  -0.1528 19 ASP A OD2 
162 N N   . ALA A 20 ? 0.2842 0.5462 0.3627 -0.0561 0.1536  -0.2461 20 ALA A N   
163 C CA  . ALA A 20 ? 0.2919 0.5691 0.4144 -0.0474 0.1588  -0.2903 20 ALA A CA  
164 C C   . ALA A 20 ? 0.2895 0.5360 0.4826 -0.0106 0.1285  -0.2903 20 ALA A C   
165 O O   . ALA A 20 ? 0.2874 0.5339 0.5232 0.0005  0.1254  -0.3221 20 ALA A O   
166 C CB  . ALA A 20 ? 0.3248 0.5917 0.3815 -0.0626 0.1595  -0.2840 20 ALA A CB  
167 N N   . GLY A 21 ? 0.2353 0.4506 0.4321 0.0049  0.1044  -0.2523 21 GLY A N   
168 C CA  . GLY A 21 ? 0.2431 0.4211 0.4890 0.0333  0.0715  -0.2427 21 GLY A CA  
169 C C   . GLY A 21 ? 0.2870 0.4188 0.4932 0.0372  0.0531  -0.2123 21 GLY A C   
170 O O   . GLY A 21 ? 0.3244 0.4198 0.5619 0.0542  0.0270  -0.2043 21 GLY A O   
171 N N   . LYS A 22 ? 0.1959 0.3276 0.3349 0.0198  0.0643  -0.1955 22 LYS A N   
172 C CA  . LYS A 22 ? 0.1800 0.2769 0.2904 0.0214  0.0500  -0.1745 22 LYS A CA  
173 C C   . LYS A 22 ? 0.1747 0.2439 0.2482 0.0214  0.0364  -0.1307 22 LYS A C   
174 O O   . LYS A 22 ? 0.1531 0.2332 0.1913 0.0116  0.0433  -0.1140 22 LYS A O   
175 C CB  . LYS A 22 ? 0.2376 0.3512 0.3068 0.0045  0.0637  -0.1865 22 LYS A CB  
176 C CG  . LYS A 22 ? 0.2554 0.3389 0.3103 0.0067  0.0491  -0.1726 22 LYS A CG  
177 C CD  . LYS A 22 ? 0.3708 0.4717 0.4059 -0.0058 0.0573  -0.1967 22 LYS A CD  
178 C CE  . LYS A 22 ? 0.4050 0.4807 0.4315 -0.0054 0.0432  -0.1849 22 LYS A CE  
179 N NZ  . LYS A 22 ? 0.3578 0.4045 0.4329 0.0057  0.0339  -0.1952 22 LYS A NZ  
180 N N   . ASP A 23 ? 0.1690 0.2014 0.2488 0.0290  0.0180  -0.1136 23 ASP A N   
181 C CA  . ASP A 23 ? 0.1595 0.1699 0.2056 0.0248  0.0095  -0.0798 23 ASP A CA  
182 C C   . ASP A 23 ? 0.1569 0.1736 0.1661 0.0139  0.0167  -0.0730 23 ASP A C   
183 O O   . ASP A 23 ? 0.1585 0.1773 0.1676 0.0105  0.0188  -0.0868 23 ASP A O   
184 C CB  . ASP A 23 ? 0.2399 0.2090 0.2949 0.0282  -0.0098 -0.0647 23 ASP A CB  
185 C CG  . ASP A 23 ? 0.3143 0.2702 0.4065 0.0409  -0.0280 -0.0659 23 ASP A CG  
186 O OD1 . ASP A 23 ? 0.2276 0.2049 0.3286 0.0450  -0.0261 -0.0672 23 ASP A OD1 
187 O OD2 . ASP A 23 ? 0.4901 0.4127 0.6066 0.0464  -0.0472 -0.0660 23 ASP A OD2 
188 N N   . THR A 24 ? 0.1192 0.1414 0.1035 0.0092  0.0182  -0.0551 24 THR A N   
189 C CA  . THR A 24 ? 0.1319 0.1612 0.0907 0.0019  0.0187  -0.0490 24 THR A CA  
190 C C   . THR A 24 ? 0.1524 0.1688 0.1066 0.0011  0.0135  -0.0313 24 THR A C   
191 O O   . THR A 24 ? 0.1223 0.1335 0.0776 0.0028  0.0130  -0.0213 24 THR A O   
192 C CB  . THR A 24 ? 0.1877 0.2368 0.1258 -0.0049 0.0246  -0.0488 24 THR A CB  
193 O OG1 . THR A 24 ? 0.1912 0.2588 0.1338 -0.0091 0.0355  -0.0725 24 THR A OG1 
194 C CG2 . THR A 24 ? 0.2259 0.2746 0.1374 -0.0116 0.0152  -0.0375 24 THR A CG2 
195 N N   . PHE A 25 ? 0.1423 0.1570 0.0963 -0.0027 0.0106  -0.0327 25 PHE A N   
196 C CA  . PHE A 25 ? 0.1226 0.1333 0.0798 -0.0063 0.0104  -0.0260 25 PHE A CA  
197 C C   . PHE A 25 ? 0.1626 0.1856 0.1218 -0.0042 0.0027  -0.0248 25 PHE A C   
198 O O   . PHE A 25 ? 0.1869 0.2176 0.1432 -0.0039 -0.0057 -0.0298 25 PHE A O   
199 C CB  . PHE A 25 ? 0.1592 0.1630 0.1254 -0.0152 0.0141  -0.0338 25 PHE A CB  
200 C CG  . PHE A 25 ? 0.2003 0.1801 0.1619 -0.0198 0.0152  -0.0299 25 PHE A CG  
201 C CD1 . PHE A 25 ? 0.2560 0.2290 0.2268 -0.0157 0.0118  -0.0388 25 PHE A CD1 
202 C CD2 . PHE A 25 ? 0.2395 0.2009 0.1872 -0.0278 0.0156  -0.0169 25 PHE A CD2 
203 C CE1 . PHE A 25 ? 0.3078 0.2514 0.2827 -0.0174 0.0060  -0.0342 25 PHE A CE1 
204 C CE2 . PHE A 25 ? 0.3000 0.2306 0.2411 -0.0318 0.0074  -0.0076 25 PHE A CE2 
205 C CZ  . PHE A 25 ? 0.2986 0.2183 0.2575 -0.0253 0.0011  -0.0158 25 PHE A CZ  
206 N N   . ILE A 26 ? 0.1243 0.1468 0.0900 -0.0034 0.0019  -0.0192 26 ILE A N   
207 C CA  . ILE A 26 ? 0.1257 0.1524 0.1028 0.0007  -0.0114 -0.0173 26 ILE A CA  
208 C C   . ILE A 26 ? 0.1434 0.1743 0.1480 0.0000  -0.0072 -0.0267 26 ILE A C   
209 O O   . ILE A 26 ? 0.1158 0.1438 0.1135 -0.0058 0.0058  -0.0267 26 ILE A O   
210 C CB  . ILE A 26 ? 0.1670 0.1868 0.1228 0.0010  -0.0177 -0.0012 26 ILE A CB  
211 C CG1 . ILE A 26 ? 0.1743 0.1872 0.1382 0.0040  -0.0402 0.0064  26 ILE A CG1 
212 C CG2 . ILE A 26 ? 0.1228 0.1387 0.0770 0.0000  -0.0069 0.0040  26 ILE A CG2 
213 C CD1 . ILE A 26 ? 0.2212 0.2203 0.1513 -0.0035 -0.0491 0.0272  26 ILE A CD1 
214 N N   . LYS A 27 ? 0.1064 0.1465 0.1449 0.0044  -0.0186 -0.0384 27 LYS A N   
215 C CA  . LYS A 27 ? 0.0772 0.1295 0.1531 0.0023  -0.0104 -0.0581 27 LYS A CA  
216 C C   . LYS A 27 ? 0.1033 0.1479 0.1815 0.0043  -0.0099 -0.0534 27 LYS A C   
217 O O   . LYS A 27 ? 0.1066 0.1370 0.1846 0.0127  -0.0283 -0.0387 27 LYS A O   
218 C CB  . LYS A 27 ? 0.0910 0.1585 0.2204 0.0105  -0.0275 -0.0775 27 LYS A CB  
219 C CG  . LYS A 27 ? 0.1146 0.1981 0.2556 0.0050  -0.0238 -0.0924 27 LYS A CG  
220 C CD  . LYS A 27 ? 0.1415 0.2440 0.3446 0.0152  -0.0460 -0.1143 27 LYS A CD  
221 C CE  . LYS A 27 ? 0.2481 0.3618 0.4537 0.0119  -0.0520 -0.1219 27 LYS A CE  
222 N NZ  . LYS A 27 ? 0.3684 0.5015 0.5855 -0.0071 -0.0199 -0.1450 27 LYS A NZ  
223 N N   . CYS A 28 ? 0.0811 0.1351 0.1644 -0.0062 0.0101  -0.0690 28 CYS A N   
224 C CA  . CYS A 28 ? 0.0864 0.1394 0.1852 -0.0052 0.0111  -0.0754 28 CYS A CA  
225 C C   . CYS A 28 ? 0.1211 0.1856 0.2852 0.0054  -0.0016 -0.0994 28 CYS A C   
226 O O   . CYS A 28 ? 0.1124 0.1989 0.3117 0.0034  0.0033  -0.1238 28 CYS A O   
227 C CB  . CYS A 28 ? 0.0889 0.1513 0.1684 -0.0239 0.0356  -0.0887 28 CYS A CB  
228 S SG  . CYS A 28 ? 0.1185 0.1622 0.1306 -0.0348 0.0412  -0.0608 28 CYS A SG  
229 N N   . PRO A 29 ? 0.1105 0.1640 0.3005 0.0140  -0.0146 -0.1000 29 PRO A N   
230 C CA  . PRO A 29 ? 0.1095 0.1737 0.3767 0.0252  -0.0280 -0.1303 29 PRO A CA  
231 C C   . PRO A 29 ? 0.1242 0.2265 0.4308 0.0128  0.0016  -0.1774 29 PRO A C   
232 O O   . PRO A 29 ? 0.0894 0.2024 0.3543 -0.0079 0.0314  -0.1831 29 PRO A O   
233 C CB  . PRO A 29 ? 0.1455 0.1830 0.4239 0.0329  -0.0449 -0.1189 29 PRO A CB  
234 C CG  . PRO A 29 ? 0.2201 0.2316 0.4266 0.0278  -0.0485 -0.0752 29 PRO A CG  
235 C CD  . PRO A 29 ? 0.1588 0.1878 0.3171 0.0145  -0.0210 -0.0743 29 PRO A CD  
236 N N   . LYS A 30 ? 0.0646 0.1881 0.4534 0.0234  -0.0082 -0.2134 30 LYS A N   
237 C CA  . LYS A 30 ? 0.0940 0.2614 0.5352 0.0095  0.0226  -0.2688 30 LYS A CA  
238 C C   . LYS A 30 ? 0.1733 0.3432 0.6414 0.0075  0.0317  -0.2936 30 LYS A C   
239 O O   . LYS A 30 ? 0.2297 0.4365 0.7164 -0.0131 0.0664  -0.3387 30 LYS A O   
240 C CB  . LYS A 30 ? 0.1056 0.3011 0.6436 0.0240  0.0069  -0.3063 30 LYS A CB  
241 C CG  . LYS A 30 ? 0.0994 0.3042 0.6193 0.0202  0.0054  -0.2955 30 LYS A CG  
242 C CD  . LYS A 30 ? 0.1130 0.3550 0.7411 0.0327  -0.0086 -0.3418 30 LYS A CD  
243 C CE  . LYS A 30 ? 0.2333 0.4856 0.8468 0.0281  -0.0119 -0.3332 30 LYS A CE  
244 N NZ  . LYS A 30 ? 0.2465 0.5203 0.8057 -0.0077 0.0383  -0.3417 30 LYS A NZ  
245 N N   . PHE A 31 ? 0.1448 0.2770 0.6196 0.0260  0.0008  -0.2687 31 PHE A N   
246 C CA  . PHE A 31 ? 0.1748 0.3046 0.6825 0.0260  0.0048  -0.2924 31 PHE A CA  
247 C C   . PHE A 31 ? 0.2060 0.3522 0.6460 -0.0034 0.0447  -0.2995 31 PHE A C   
248 O O   . PHE A 31 ? 0.1703 0.3026 0.5241 -0.0154 0.0519  -0.2606 31 PHE A O   
249 C CB  . PHE A 31 ? 0.2177 0.2946 0.7160 0.0432  -0.0332 -0.2496 31 PHE A CB  
250 C CG  . PHE A 31 ? 0.2539 0.3051 0.8330 0.0700  -0.0798 -0.2504 31 PHE A CG  
251 C CD1 . PHE A 31 ? 0.2844 0.3593 0.9386 0.0837  -0.0937 -0.2807 31 PHE A CD1 
252 C CD2 . PHE A 31 ? 0.3322 0.3313 0.9079 0.0796  -0.1139 -0.2159 31 PHE A CD2 
253 C CE1 . PHE A 31 ? 0.3298 0.3744 1.0556 0.1099  -0.1468 -0.2751 31 PHE A CE1 
254 C CE2 . PHE A 31 ? 0.3969 0.3610 1.0377 0.1019  -0.1647 -0.2081 31 PHE A CE2 
255 C CZ  . PHE A 31 ? 0.3726 0.3582 1.0880 0.1185  -0.1839 -0.2366 31 PHE A CZ  
256 N N   . ASP A 32 ? 0.2308 0.4022 0.7120 -0.0137 0.0650  -0.3485 32 ASP A N   
257 C CA  . ASP A 32 ? 0.2521 0.4437 0.6718 -0.0462 0.1016  -0.3640 32 ASP A CA  
258 C C   . ASP A 32 ? 0.3011 0.4588 0.6302 -0.0522 0.0938  -0.3124 32 ASP A C   
259 O O   . ASP A 32 ? 0.3358 0.4998 0.5874 -0.0774 0.1133  -0.3003 32 ASP A O   
260 C CB  . ASP A 32 ? 0.2872 0.5056 0.7745 -0.0520 0.1168  -0.4256 32 ASP A CB  
261 C CG  . ASP A 32 ? 0.3411 0.6050 0.9304 -0.0496 0.1309  -0.4910 32 ASP A CG  
262 O OD1 . ASP A 32 ? 0.2961 0.5735 0.8975 -0.0468 0.1309  -0.4877 32 ASP A OD1 
263 O OD2 . ASP A 32 ? 0.4141 0.7018 1.0804 -0.0491 0.1405  -0.5489 32 ASP A OD2 
264 N N   . ASN A 33 ? 0.2485 0.3708 0.5919 -0.0318 0.0648  -0.2856 33 ASN A N   
265 C CA  . ASN A 33 ? 0.2643 0.3609 0.5415 -0.0368 0.0577  -0.2459 33 ASN A CA  
266 C C   . ASN A 33 ? 0.3261 0.3994 0.5472 -0.0302 0.0439  -0.1922 33 ASN A C   
267 O O   . ASN A 33 ? 0.3258 0.3835 0.4990 -0.0339 0.0389  -0.1625 33 ASN A O   
268 C CB  . ASN A 33 ? 0.2956 0.3661 0.6185 -0.0229 0.0363  -0.2453 33 ASN A CB  
269 C CG  . ASN A 33 ? 0.5438 0.5917 0.8144 -0.0284 0.0291  -0.2100 33 ASN A CG  
270 O OD1 . ASN A 33 ? 0.4019 0.4640 0.6197 -0.0465 0.0441  -0.2104 33 ASN A OD1 
271 N ND2 . ASN A 33 ? 0.4820 0.4944 0.7679 -0.0155 0.0043  -0.1802 33 ASN A ND2 
272 N N   A LYS A 34 ? 0.2363 0.3093 0.4713 -0.0195 0.0360  -0.1837 34 LYS A N   
273 N N   B LYS A 34 ? 0.2408 0.3140 0.4756 -0.0196 0.0363  -0.1838 34 LYS A N   
274 C CA  A LYS A 34 ? 0.2085 0.2622 0.3967 -0.0136 0.0239  -0.1397 34 LYS A CA  
275 C CA  B LYS A 34 ? 0.2147 0.2686 0.4029 -0.0137 0.0241  -0.1398 34 LYS A CA  
276 C C   A LYS A 34 ? 0.1998 0.2699 0.3555 -0.0242 0.0396  -0.1397 34 LYS A C   
277 C C   B LYS A 34 ? 0.2135 0.2836 0.3689 -0.0244 0.0397  -0.1397 34 LYS A C   
278 O O   A LYS A 34 ? 0.1373 0.1941 0.2571 -0.0204 0.0320  -0.1093 34 LYS A O   
279 O O   B LYS A 34 ? 0.1710 0.2278 0.2894 -0.0210 0.0324  -0.1091 34 LYS A O   
280 C CB  A LYS A 34 ? 0.2383 0.2682 0.4605 0.0066  -0.0061 -0.1215 34 LYS A CB  
281 C CB  B LYS A 34 ? 0.2501 0.2801 0.4726 0.0066  -0.0060 -0.1217 34 LYS A CB  
282 C CG  A LYS A 34 ? 0.3070 0.3089 0.5539 0.0135  -0.0256 -0.1123 34 LYS A CG  
283 C CG  B LYS A 34 ? 0.4261 0.4236 0.6422 0.0107  -0.0245 -0.0953 34 LYS A CG  
284 C CD  A LYS A 34 ? 0.4712 0.4402 0.7345 0.0275  -0.0603 -0.0852 34 LYS A CD  
285 C CD  B LYS A 34 ? 0.5368 0.5283 0.8080 0.0134  -0.0297 -0.1211 34 LYS A CD  
286 C CE  A LYS A 34 ? 0.5556 0.5007 0.7544 0.0205  -0.0668 -0.0402 34 LYS A CE  
287 C CE  B LYS A 34 ? 0.6361 0.6146 0.9823 0.0310  -0.0564 -0.1361 34 LYS A CE  
288 N NZ  A LYS A 34 ? 0.4323 0.3640 0.6132 0.0256  -0.0878 -0.0162 34 LYS A NZ  
289 N NZ  B LYS A 34 ? 0.6774 0.6492 1.0875 0.0346  -0.0616 -0.1670 34 LYS A NZ  
290 N N   . LYS A 35 ? 0.1699 0.2686 0.3373 -0.0410 0.0634  -0.1755 35 LYS A N   
291 C CA  . LYS A 35 ? 0.1503 0.2604 0.2847 -0.0571 0.0796  -0.1748 35 LYS A CA  
292 C C   . LYS A 35 ? 0.1697 0.2683 0.2254 -0.0786 0.0894  -0.1533 35 LYS A C   
293 O O   . LYS A 35 ? 0.2224 0.3161 0.2555 -0.0852 0.0892  -0.1516 35 LYS A O   
294 C CB  . LYS A 35 ? 0.1660 0.3137 0.3470 -0.0716 0.1034  -0.2241 35 LYS A CB  
295 C CG  . LYS A 35 ? 0.2039 0.3746 0.3755 -0.0982 0.1308  -0.2596 35 LYS A CG  
296 C CD  . LYS A 35 ? 0.3324 0.5481 0.5521 -0.1178 0.1612  -0.3146 35 LYS A CD  
297 C CE  . LYS A 35 ? 0.5826 0.8046 0.7445 -0.1498 0.1844  -0.3074 35 LYS A CE  
298 N NZ  . LYS A 35 ? 0.8324 1.0426 0.8985 -0.1863 0.2009  -0.2925 35 LYS A NZ  
299 N N   . CYS A 36 ? 0.1742 0.2643 0.1906 -0.0884 0.0927  -0.1350 36 CYS A N   
300 C CA  . CYS A 36 ? 0.1751 0.2469 0.1204 -0.1087 0.0946  -0.1121 36 CYS A CA  
301 C C   . CYS A 36 ? 0.2763 0.3670 0.1958 -0.1451 0.1213  -0.1401 36 CYS A C   
302 O O   . CYS A 36 ? 0.2523 0.3621 0.1854 -0.1618 0.1422  -0.1628 36 CYS A O   
303 C CB  . CYS A 36 ? 0.2081 0.2598 0.1281 -0.1076 0.0870  -0.0858 36 CYS A CB  
304 S SG  . CYS A 36 ? 0.2610 0.2771 0.1047 -0.1244 0.0744  -0.0508 36 CYS A SG  
305 N N   . THR A 37 ? 0.2683 0.3556 0.1476 -0.1613 0.1221  -0.1403 37 THR A N   
306 C CA  . THR A 37 ? 0.3003 0.4084 0.1464 -0.2017 0.1498  -0.1704 37 THR A CA  
307 C C   . THR A 37 ? 0.4044 0.4842 0.1567 -0.2359 0.1471  -0.1403 37 THR A C   
308 O O   . THR A 37 ? 0.4174 0.5094 0.1215 -0.2789 0.1708  -0.1593 37 THR A O   
309 C CB  . THR A 37 ? 0.3042 0.4307 0.1679 -0.2026 0.1539  -0.1985 37 THR A CB  
310 O OG1 . THR A 37 ? 0.3591 0.4584 0.1839 -0.1936 0.1266  -0.1648 37 THR A OG1 
311 C CG2 . THR A 37 ? 0.3507 0.4983 0.3115 -0.1716 0.1537  -0.2290 37 THR A CG2 
312 N N   . LYS A 38 ? 0.3963 0.4376 0.1223 -0.2195 0.1169  -0.0950 38 LYS A N   
313 C CA  . LYS A 38 ? 0.4920 0.4953 0.1348 -0.2474 0.1030  -0.0607 38 LYS A CA  
314 C C   . LYS A 38 ? 0.4841 0.4519 0.1349 -0.2204 0.0738  -0.0226 38 LYS A C   
315 O O   . LYS A 38 ? 0.4001 0.3704 0.0998 -0.1822 0.0574  -0.0169 38 LYS A O   
316 C CB  . LYS A 38 ? 0.5481 0.5416 0.1392 -0.2613 0.0860  -0.0519 38 LYS A CB  
317 C CG  . LYS A 38 ? 0.7212 0.6713 0.2178 -0.2962 0.0659  -0.0158 38 LYS A CG  
318 C CD  . LYS A 38 ? 0.6719 0.6140 0.1232 -0.3055 0.0419  -0.0077 38 LYS A CD  
319 C CE  . LYS A 38 ? 0.7282 0.6151 0.1016 -0.3235 0.0005  0.0402  38 LYS A CE  
320 N NZ  . LYS A 38 ? 0.7538 0.6352 0.0868 -0.3311 -0.0289 0.0472  38 LYS A NZ  
321 N N   . ASP A 39 ? 0.5442 0.4789 0.1488 -0.2428 0.0688  0.0008  39 ASP A N   
322 C CA  . ASP A 39 ? 0.4778 0.3775 0.0954 -0.2186 0.0410  0.0317  39 ASP A CA  
323 C C   . ASP A 39 ? 0.5081 0.3878 0.1270 -0.1936 0.0036  0.0546  39 ASP A C   
324 O O   . ASP A 39 ? 0.5306 0.3991 0.1025 -0.2107 -0.0112 0.0641  39 ASP A O   
325 C CB  . ASP A 39 ? 0.5874 0.4439 0.1469 -0.2525 0.0360  0.0566  39 ASP A CB  
326 C CG  . ASP A 39 ? 0.6993 0.5704 0.2797 -0.2667 0.0667  0.0382  39 ASP A CG  
327 O OD1 . ASP A 39 ? 0.5377 0.4398 0.1880 -0.2361 0.0765  0.0171  39 ASP A OD1 
328 O OD2 . ASP A 39 ? 0.8691 0.7190 0.3936 -0.3114 0.0790  0.0462  39 ASP A OD2 
329 N N   . ASN A 40 ? 0.4557 0.3363 0.1308 -0.1549 -0.0106 0.0588  40 ASN A N   
330 C CA  . ASN A 40 ? 0.3775 0.2470 0.0717 -0.1289 -0.0432 0.0733  40 ASN A CA  
331 C C   . ASN A 40 ? 0.3560 0.2567 0.0710 -0.1178 -0.0410 0.0580  40 ASN A C   
332 O O   . ASN A 40 ? 0.3771 0.2737 0.1089 -0.1010 -0.0663 0.0664  40 ASN A O   
333 C CB  . ASN A 40 ? 0.5356 0.3565 0.1809 -0.1434 -0.0804 0.1049  40 ASN A CB  
334 C CG  . ASN A 40 ? 0.8901 0.6897 0.5803 -0.1122 -0.1133 0.1179  40 ASN A CG  
335 O OD1 . ASN A 40 ? 0.8349 0.6352 0.5645 -0.0959 -0.1055 0.1118  40 ASN A OD1 
336 N ND2 . ASN A 40 ? 0.8045 0.5884 0.4960 -0.1030 -0.1513 0.1312  40 ASN A ND2 
337 N N   . ASN A 41 ? 0.3314 0.2644 0.0575 -0.1247 -0.0119 0.0322  41 ASN A N   
338 C CA  . ASN A 41 ? 0.2864 0.2455 0.0465 -0.1101 -0.0096 0.0167  41 ASN A CA  
339 C C   . ASN A 41 ? 0.2664 0.2346 0.0819 -0.0781 -0.0140 0.0180  41 ASN A C   
340 O O   . ASN A 41 ? 0.2560 0.2197 0.0880 -0.0676 -0.0107 0.0220  41 ASN A O   
341 C CB  . ASN A 41 ? 0.2853 0.2725 0.0582 -0.1215 0.0195  -0.0139 41 ASN A CB  
342 C CG  . ASN A 41 ? 0.3577 0.3482 0.0794 -0.1554 0.0273  -0.0251 41 ASN A CG  
343 O OD1 . ASN A 41 ? 0.3963 0.3648 0.0654 -0.1710 0.0064  -0.0053 41 ASN A OD1 
344 N ND2 . ASN A 41 ? 0.3418 0.3606 0.0809 -0.1677 0.0548  -0.0594 41 ASN A ND2 
345 N N   . LYS A 42 ? 0.2151 0.1976 0.0570 -0.0665 -0.0194 0.0123  42 LYS A N   
346 C CA  . LYS A 42 ? 0.1891 0.1823 0.0756 -0.0446 -0.0182 0.0120  42 LYS A CA  
347 C C   . LYS A 42 ? 0.1740 0.1778 0.0828 -0.0400 0.0004  0.0012  42 LYS A C   
348 O O   . LYS A 42 ? 0.1671 0.1770 0.0746 -0.0497 0.0126  -0.0129 42 LYS A O   
349 C CB  . LYS A 42 ? 0.2150 0.2203 0.1230 -0.0390 -0.0272 0.0086  42 LYS A CB  
350 C CG  . LYS A 42 ? 0.2355 0.2351 0.1494 -0.0314 -0.0511 0.0183  42 LYS A CG  
351 C CD  . LYS A 42 ? 0.2897 0.3046 0.2238 -0.0308 -0.0609 0.0110  42 LYS A CD  
352 C CE  . LYS A 42 ? 0.3460 0.3659 0.3129 -0.0174 -0.0831 0.0130  42 LYS A CE  
353 N NZ  . LYS A 42 ? 0.2660 0.3020 0.2521 -0.0195 -0.0973 0.0043  42 LYS A NZ  
354 N N   . CYS A 43 ? 0.1246 0.1313 0.0559 -0.0262 0.0009  0.0060  43 CYS A N   
355 C CA  . CYS A 43 ? 0.0964 0.1081 0.0471 -0.0212 0.0090  0.0013  43 CYS A CA  
356 C C   . CYS A 43 ? 0.0978 0.1135 0.0616 -0.0143 0.0070  0.0086  43 CYS A C   
357 O O   . CYS A 43 ? 0.1032 0.1233 0.0688 -0.0112 0.0034  0.0114  43 CYS A O   
358 C CB  . CYS A 43 ? 0.0934 0.1027 0.0440 -0.0207 0.0133  -0.0014 43 CYS A CB  
359 S SG  . CYS A 43 ? 0.1246 0.1254 0.0599 -0.0168 0.0094  0.0082  43 CYS A SG  
360 N N   . THR A 44 ? 0.0851 0.0984 0.0598 -0.0139 0.0082  0.0100  44 THR A N   
361 C CA  . THR A 44 ? 0.0928 0.1072 0.0678 -0.0157 0.0091  0.0189  44 THR A CA  
362 C C   . THR A 44 ? 0.1117 0.1176 0.0788 -0.0148 0.0053  0.0259  44 THR A C   
363 O O   . THR A 44 ? 0.1470 0.1448 0.1239 -0.0107 -0.0016 0.0230  44 THR A O   
364 C CB  . THR A 44 ? 0.1327 0.1447 0.1194 -0.0229 0.0089  0.0206  44 THR A CB  
365 O OG1 . THR A 44 ? 0.1866 0.1841 0.1861 -0.0223 0.0025  0.0186  44 THR A OG1 
366 C CG2 . THR A 44 ? 0.1436 0.1679 0.1393 -0.0242 0.0089  0.0118  44 THR A CG2 
367 N N   . VAL A 45 ? 0.1268 0.1373 0.0785 -0.0202 0.0094  0.0319  45 VAL A N   
368 C CA  . VAL A 45 ? 0.1700 0.1723 0.1023 -0.0239 0.0032  0.0407  45 VAL A CA  
369 C C   . VAL A 45 ? 0.1942 0.1930 0.1049 -0.0416 0.0072  0.0526  45 VAL A C   
370 O O   . VAL A 45 ? 0.2046 0.2228 0.1136 -0.0501 0.0233  0.0447  45 VAL A O   
371 C CB  . VAL A 45 ? 0.2079 0.2225 0.1316 -0.0198 0.0080  0.0316  45 VAL A CB  
372 C CG1 . VAL A 45 ? 0.2432 0.2515 0.1418 -0.0260 -0.0009 0.0391  45 VAL A CG1 
373 C CG2 . VAL A 45 ? 0.1916 0.2063 0.1316 -0.0088 0.0064  0.0220  45 VAL A CG2 
374 N N   . ASP A 46 ? 0.2424 0.2162 0.1409 -0.0489 -0.0081 0.0701  46 ASP A N   
375 C CA  . ASP A 46 ? 0.2676 0.2299 0.1316 -0.0732 -0.0061 0.0870  46 ASP A CA  
376 C C   . ASP A 46 ? 0.3491 0.3048 0.1710 -0.0824 -0.0158 0.0970  46 ASP A C   
377 O O   . ASP A 46 ? 0.3192 0.2509 0.1412 -0.0743 -0.0427 0.1090  46 ASP A O   
378 C CB  . ASP A 46 ? 0.3075 0.2352 0.1809 -0.0780 -0.0240 0.1048  46 ASP A CB  
379 C CG  . ASP A 46 ? 0.4689 0.3769 0.3014 -0.1097 -0.0222 0.1273  46 ASP A CG  
380 O OD1 . ASP A 46 ? 0.4727 0.3940 0.2611 -0.1301 -0.0088 0.1297  46 ASP A OD1 
381 O OD2 . ASP A 46 ? 0.5009 0.3792 0.3438 -0.1174 -0.0335 0.1412  46 ASP A OD2 
382 N N   . THR A 47 ? 0.2915 0.2730 0.0866 -0.0957 0.0045  0.0856  47 THR A N   
383 C CA  . THR A 47 ? 0.3236 0.3015 0.0756 -0.1056 -0.0053 0.0910  47 THR A CA  
384 C C   . THR A 47 ? 0.4344 0.3807 0.1268 -0.1365 -0.0202 0.1217  47 THR A C   
385 O O   . THR A 47 ? 0.5062 0.4369 0.1580 -0.1444 -0.0419 0.1350  47 THR A O   
386 C CB  . THR A 47 ? 0.4408 0.4568 0.1866 -0.1103 0.0206  0.0630  47 THR A CB  
387 O OG1 . THR A 47 ? 0.4618 0.4999 0.1953 -0.1350 0.0492  0.0529  47 THR A OG1 
388 C CG2 . THR A 47 ? 0.3701 0.4050 0.1691 -0.0812 0.0266  0.0390  47 THR A CG2 
389 N N   . TYR A 48 ? 0.4214 0.3547 0.1061 -0.1560 -0.0120 0.1351  48 TYR A N   
390 C CA  . TYR A 48 ? 0.5061 0.3986 0.1295 -0.1900 -0.0294 0.1707  48 TYR A CA  
391 C C   . TYR A 48 ? 0.5832 0.4242 0.2172 -0.1729 -0.0793 0.1988  48 TYR A C   
392 O O   . TYR A 48 ? 0.6570 0.4616 0.2368 -0.1907 -0.1105 0.2281  48 TYR A O   
393 C CB  . TYR A 48 ? 0.5306 0.4206 0.1549 -0.2145 -0.0075 0.1756  48 TYR A CB  
394 C CG  . TYR A 48 ? 0.6541 0.5139 0.1977 -0.2652 -0.0083 0.2065  48 TYR A CG  
395 C CD1 . TYR A 48 ? 0.7278 0.6198 0.2137 -0.3026 0.0239  0.1939  48 TYR A CD1 
396 C CD2 . TYR A 48 ? 0.7137 0.5094 0.2348 -0.2781 -0.0442 0.2482  48 TYR A CD2 
397 C CE1 . TYR A 48 ? 0.8173 0.6816 0.2164 -0.3577 0.0262  0.2230  48 TYR A CE1 
398 C CE2 . TYR A 48 ? 0.8456 0.6050 0.2820 -0.3308 -0.0476 0.2827  48 TYR A CE2 
399 C CZ  . TYR A 48 ? 0.9349 0.7285 0.3029 -0.3729 -0.0122 0.2716  48 TYR A CZ  
400 O OH  . TYR A 48 ? 0.9599 0.7158 0.2282 -0.4317 -0.0161 0.3075  48 TYR A OH  
401 N N   . ASN A 49 ? 0.4950 0.3338 0.2007 -0.1396 -0.0879 0.1874  49 ASN A N   
402 C CA  . ASN A 49 ? 0.5199 0.3204 0.2627 -0.1176 -0.1309 0.2004  49 ASN A CA  
403 C C   . ASN A 49 ? 0.4466 0.2711 0.2323 -0.0852 -0.1403 0.1764  49 ASN A C   
404 O O   . ASN A 49 ? 0.4881 0.2901 0.3111 -0.0665 -0.1763 0.1799  49 ASN A O   
405 C CB  . ASN A 49 ? 0.4997 0.2873 0.2983 -0.1071 -0.1293 0.1954  49 ASN A CB  
406 C CG  . ASN A 49 ? 0.7368 0.4825 0.5011 -0.1389 -0.1358 0.2261  49 ASN A CG  
407 O OD1 . ASN A 49 ? 0.7227 0.4152 0.4581 -0.1517 -0.1746 0.2601  49 ASN A OD1 
408 N ND2 . ASN A 49 ? 0.5472 0.3133 0.3130 -0.1549 -0.1008 0.2163  49 ASN A ND2 
409 N N   . ASN A 50 ? 0.3733 0.2422 0.1585 -0.0798 -0.1099 0.1507  50 ASN A N   
410 C CA  . ASN A 50 ? 0.3268 0.2183 0.1496 -0.0547 -0.1137 0.1277  50 ASN A CA  
411 C C   . ASN A 50 ? 0.3187 0.2107 0.2125 -0.0301 -0.1190 0.1112  50 ASN A C   
412 O O   . ASN A 50 ? 0.3107 0.1980 0.2424 -0.0136 -0.1438 0.1038  50 ASN A O   
413 C CB  . ASN A 50 ? 0.3877 0.2644 0.1873 -0.0557 -0.1485 0.1395  50 ASN A CB  
414 C CG  . ASN A 50 ? 0.4950 0.4036 0.3194 -0.0394 -0.1431 0.1129  50 ASN A CG  
415 O OD1 . ASN A 50 ? 0.4550 0.3945 0.2882 -0.0360 -0.1097 0.0907  50 ASN A OD1 
416 N ND2 . ASN A 50 ? 0.3983 0.2979 0.2399 -0.0289 -0.1789 0.1141  50 ASN A ND2 
417 N N   . ALA A 51 ? 0.2728 0.1709 0.1863 -0.0302 -0.0975 0.1036  51 ALA A N   
418 C CA  . ALA A 51 ? 0.2174 0.1180 0.1904 -0.0134 -0.0982 0.0846  51 ALA A CA  
419 C C   . ALA A 51 ? 0.2105 0.1452 0.1935 -0.0092 -0.0657 0.0609  51 ALA A C   
420 O O   . ALA A 51 ? 0.2308 0.1773 0.1868 -0.0192 -0.0458 0.0638  51 ALA A O   
421 C CB  . ALA A 51 ? 0.2774 0.1484 0.2614 -0.0205 -0.1076 0.0974  51 ALA A CB  
422 N N   . VAL A 52 ? 0.1934 0.1438 0.2152 0.0033  -0.0619 0.0372  52 VAL A N   
423 C CA  . VAL A 52 ? 0.1518 0.1270 0.1732 0.0030  -0.0366 0.0194  52 VAL A CA  
424 C C   . VAL A 52 ? 0.1397 0.1195 0.1937 0.0043  -0.0300 0.0005  52 VAL A C   
425 O O   . VAL A 52 ? 0.1639 0.1383 0.2595 0.0111  -0.0421 -0.0120 52 VAL A O   
426 C CB  . VAL A 52 ? 0.1570 0.1485 0.1813 0.0071  -0.0320 0.0066  52 VAL A CB  
427 C CG1 . VAL A 52 ? 0.1493 0.1560 0.1640 0.0020  -0.0102 -0.0054 52 VAL A CG1 
428 C CG2 . VAL A 52 ? 0.1788 0.1675 0.1718 0.0049  -0.0391 0.0204  52 VAL A CG2 
429 N N   . ASP A 53 ? 0.1049 0.0941 0.1430 -0.0027 -0.0136 -0.0029 53 ASP A N   
430 C CA  . ASP A 53 ? 0.1121 0.1092 0.1706 -0.0061 -0.0055 -0.0234 53 ASP A CA  
431 C C   . ASP A 53 ? 0.1104 0.1227 0.1408 -0.0144 0.0098  -0.0299 53 ASP A C   
432 O O   . ASP A 53 ? 0.1058 0.1171 0.1107 -0.0173 0.0107  -0.0168 53 ASP A O   
433 C CB  . ASP A 53 ? 0.1432 0.1280 0.2067 -0.0101 -0.0098 -0.0162 53 ASP A CB  
434 C CG  . ASP A 53 ? 0.2381 0.2314 0.3225 -0.0152 -0.0026 -0.0404 53 ASP A CG  
435 O OD1 . ASP A 53 ? 0.2042 0.2155 0.2860 -0.0199 0.0097  -0.0612 53 ASP A OD1 
436 O OD2 . ASP A 53 ? 0.2903 0.2717 0.3908 -0.0180 -0.0081 -0.0395 53 ASP A OD2 
437 N N   . CYS A 54 ? 0.1044 0.1297 0.1406 -0.0203 0.0203  -0.0502 54 CYS A N   
438 C CA  . CYS A 54 ? 0.1006 0.1320 0.1005 -0.0346 0.0318  -0.0525 54 CYS A CA  
439 C C   . CYS A 54 ? 0.1513 0.1926 0.1496 -0.0484 0.0410  -0.0732 54 CYS A C   
440 O O   . CYS A 54 ? 0.1540 0.2025 0.1920 -0.0456 0.0429  -0.0948 54 CYS A O   
441 C CB  . CYS A 54 ? 0.1098 0.1474 0.1041 -0.0405 0.0405  -0.0590 54 CYS A CB  
442 S SG  . CYS A 54 ? 0.1068 0.1360 0.1063 -0.0250 0.0287  -0.0410 54 CYS A SG  
443 N N   . ASP A 55 ? 0.1701 0.2090 0.1237 -0.0633 0.0429  -0.0665 55 ASP A N   
444 C CA  . ASP A 55 ? 0.1766 0.2253 0.1147 -0.0817 0.0505  -0.0856 55 ASP A CA  
445 C C   . ASP A 55 ? 0.2234 0.2812 0.1261 -0.1088 0.0684  -0.1010 55 ASP A C   
446 O O   . ASP A 55 ? 0.2579 0.3343 0.1604 -0.1273 0.0838  -0.1316 55 ASP A O   
447 C CB  . ASP A 55 ? 0.1983 0.2368 0.1069 -0.0831 0.0341  -0.0668 55 ASP A CB  
448 C CG  . ASP A 55 ? 0.2214 0.2567 0.1661 -0.0643 0.0231  -0.0584 55 ASP A CG  
449 O OD1 . ASP A 55 ? 0.1990 0.2345 0.1840 -0.0537 0.0264  -0.0661 55 ASP A OD1 
450 O OD2 . ASP A 55 ? 0.2147 0.2461 0.1485 -0.0619 0.0096  -0.0441 55 ASP A OD2 
451 O OXT . ASP A 55 ? 0.2269 0.2734 0.0999 -0.1152 0.0682  -0.0841 55 ASP A OXT 
# 
